data_6SZK
#
_entry.id   6SZK
#
_cell.length_a   100.667
_cell.length_b   101.210
_cell.length_c   170.826
_cell.angle_alpha   90.000
_cell.angle_beta   90.000
_cell.angle_gamma   90.000
#
_symmetry.space_group_name_H-M   'P 21 21 21'
#
loop_
_entity.id
_entity.type
_entity.pdbx_description
1 polymer 'Hydrogenase-2 small chain'
2 polymer 'Hydrogenase-2 large chain'
3 non-polymer 'IRON/SULFUR CLUSTER'
4 non-polymer 'FE3-S4 CLUSTER'
5 non-polymer GLYCEROL
6 non-polymer 'CARBONMONOXIDE-(DICYANO) IRON'
7 non-polymer 'NICKEL (II) ION'
8 non-polymer 'MAGNESIUM ION'
9 non-polymer 'CHLORIDE ION'
10 non-polymer 'CARBON MONOXIDE'
11 water water
#
loop_
_entity_poly.entity_id
_entity_poly.type
_entity_poly.pdbx_seq_one_letter_code
_entity_poly.pdbx_strand_id
1 'polypeptide(L)'
;MAESVTNPQRPPVIWIGAQECTGCTESLLRATHPTVENLVLETISLEYHEVLSAAFGHQVEENKHNALEKYKGQYVLVVD
GSIPLKDNGIYCMVAGEPIVDHIRKAAEGAAAIIAIGSCSAWGGVAAAGVNPTGAVSLQEVLPGKTVINIPGCPPNPHNF
LATVAHIITYGKPPKLDDKNRPTFAYGRLIHEHCERRPHFDAGRFAKEFGDEGHREGWCLYHLGCKGPETYGNCSTLQFC
DVGGVWPVAIGHPCYGCNEEGIGFHKGIHQLANVENQTPRSQKPDVNAKEGGHHHHHH
;
SSS,TTT
2 'polypeptide(L)'
;MSQRITIDPVTRIEGHLRIDCEIENGVVSKAWASGTMWRGMEEIVKNRDPRDAWMIVQRICGVCTTTHALSSVRAAESAL
NIDVPVNAQYIRNIILAAHTTHDHIVHFYQLSALDWVDITSALQADPTKASEMLKGVSTWHLNSPEEFTKVQNKIKDLVA
SGQLGIFANGYWGHPAMKLPPEVNLIAVAHYLQALECQRDANRVVALLGGKTPHIQNLAVGGVANPINLDGLGVLNLERL
MYIKSFIDKLSDFVEQVYKVDTAVIAAFYPEWLTRGKGAVNYLSVPEFPTDSKNGSFLFPGGYIENADLSSYRPITSHSD
EYLIKGIQESAKHSWYKDEAPQAPWEGTTIPAYDGWSDDGKYSWVKSPTFYGKTVEVGPLANMLVKLAAGRESTQNKLNE
IVAIYQKLTGNTLEVAQLHSTLGRIIGRTVHCCELQDILQNQYSALITNIGKGDHTTFVKPNIPATGEFKGVGFLEAPKG
MLSHWMVIKDGIISNYQAVVPSTWNSGPRNFNDDVGPYEQSLVGTPVADPNKPLEVVRTIHSFDPCMACAVHVVDADGNE
VVSVKVL
;
LLL,MMM
#
loop_
_chem_comp.id
_chem_comp.type
_chem_comp.name
_chem_comp.formula
CL non-polymer 'CHLORIDE ION' 'Cl -1'
CMO non-polymer 'CARBON MONOXIDE' 'C O'
F3S non-polymer 'FE3-S4 CLUSTER' 'Fe3 S4'
FCO non-polymer 'CARBONMONOXIDE-(DICYANO) IRON' 'C3 Fe N2 O'
GOL non-polymer GLYCEROL 'C3 H8 O3'
MG non-polymer 'MAGNESIUM ION' 'Mg 2'
NI non-polymer 'NICKEL (II) ION' 'Ni 2'
SF4 non-polymer 'IRON/SULFUR CLUSTER' 'Fe4 S4'
#
# COMPACT_ATOMS: atom_id res chain seq x y z
N PRO A 8 -4.22 26.53 11.38
CA PRO A 8 -4.14 26.41 12.92
C PRO A 8 -2.78 25.99 13.54
N GLN A 9 -2.56 26.29 14.83
CA GLN A 9 -1.37 25.83 15.58
C GLN A 9 -1.42 24.30 15.79
N ARG A 10 -0.24 23.68 15.77
CA ARG A 10 -0.07 22.22 15.94
C ARG A 10 0.55 21.90 17.31
N PRO A 11 0.16 20.76 17.90
CA PRO A 11 0.70 20.35 19.21
C PRO A 11 2.19 20.09 19.21
N PRO A 12 2.95 20.67 20.18
CA PRO A 12 4.42 20.55 20.18
C PRO A 12 4.98 19.24 20.76
N VAL A 13 6.07 18.76 20.15
CA VAL A 13 6.76 17.51 20.59
C VAL A 13 8.26 17.81 20.71
N ILE A 14 8.88 17.33 21.81
CA ILE A 14 10.34 17.37 22.00
C ILE A 14 10.80 15.91 22.08
N TRP A 15 11.79 15.54 21.24
CA TRP A 15 12.31 14.15 21.14
C TRP A 15 13.80 14.16 21.51
N ILE A 16 14.18 13.41 22.55
CA ILE A 16 15.59 13.33 23.02
C ILE A 16 16.04 11.85 22.96
N GLY A 17 17.16 11.58 22.25
CA GLY A 17 17.79 10.27 22.23
C GLY A 17 18.91 10.12 23.22
N ALA A 18 18.91 9.02 23.99
CA ALA A 18 19.88 8.72 25.06
C ALA A 18 20.89 7.66 24.57
N GLN A 19 20.81 6.39 24.98
CA GLN A 19 21.65 5.32 24.41
C GLN A 19 20.83 4.59 23.34
N GLU A 20 20.48 5.31 22.27
CA GLU A 20 19.62 4.80 21.20
C GLU A 20 20.44 4.26 20.02
N CYS A 21 19.82 3.33 19.26
CA CYS A 21 20.40 2.88 17.99
C CYS A 21 19.80 3.62 16.74
N THR A 22 18.73 4.43 17.00
CA THR A 22 17.94 5.23 15.98
C THR A 22 16.85 4.40 15.31
N GLY A 23 16.78 3.07 15.55
CA GLY A 23 15.69 2.28 15.02
C GLY A 23 14.29 2.75 15.41
N CYS A 24 14.11 3.35 16.56
CA CYS A 24 12.78 3.83 16.99
C CYS A 24 12.38 5.07 16.14
N THR A 25 13.29 6.02 15.85
CA THR A 25 13.03 7.09 14.85
C THR A 25 12.78 6.48 13.47
N GLU A 26 13.63 5.54 13.07
CA GLU A 26 13.50 4.95 11.73
C GLU A 26 12.13 4.24 11.51
N SER A 27 11.50 3.74 12.59
CA SER A 27 10.16 3.14 12.45
C SER A 27 9.21 4.15 11.79
N LEU A 28 9.36 5.45 12.11
CA LEU A 28 8.45 6.49 11.55
C LEU A 28 8.55 6.56 10.05
N LEU A 29 9.71 6.23 9.46
CA LEU A 29 9.90 6.26 7.98
C LEU A 29 9.17 5.12 7.24
N ARG A 30 8.65 4.12 7.98
CA ARG A 30 7.80 3.05 7.42
C ARG A 30 6.30 3.38 7.60
N ALA A 31 5.93 4.34 8.46
CA ALA A 31 4.53 4.61 8.80
C ALA A 31 3.74 5.11 7.58
N THR A 32 2.41 4.86 7.62
CA THR A 32 1.48 5.25 6.53
C THR A 32 0.30 6.08 7.03
N HIS A 33 0.06 6.15 8.36
CA HIS A 33 -1.20 6.81 8.84
C HIS A 33 -1.01 7.42 10.23
N PRO A 34 -0.23 8.55 10.33
CA PRO A 34 0.30 9.29 9.20
C PRO A 34 1.73 8.86 8.70
N THR A 35 1.97 9.18 7.43
CA THR A 35 3.37 9.20 6.95
C THR A 35 4.21 10.22 7.74
N VAL A 36 5.54 10.05 7.73
CA VAL A 36 6.40 10.98 8.54
C VAL A 36 6.27 12.44 8.01
N GLU A 37 6.13 12.64 6.69
CA GLU A 37 5.97 14.02 6.18
C GLU A 37 4.66 14.63 6.68
N ASN A 38 3.53 13.86 6.66
CA ASN A 38 2.25 14.42 7.22
C ASN A 38 2.32 14.59 8.73
N LEU A 39 3.05 13.72 9.42
CA LEU A 39 3.27 13.88 10.89
C LEU A 39 3.84 15.30 11.16
N VAL A 40 4.96 15.62 10.47
CA VAL A 40 5.72 16.82 10.85
C VAL A 40 5.11 18.12 10.23
N LEU A 41 4.36 18.03 9.14
CA LEU A 41 3.74 19.24 8.51
C LEU A 41 2.30 19.47 9.01
N GLU A 42 1.57 18.41 9.36
CA GLU A 42 0.10 18.50 9.61
C GLU A 42 -0.28 18.12 11.05
N THR A 43 0.23 17.00 11.59
CA THR A 43 -0.28 16.43 12.87
C THR A 43 0.31 17.13 14.11
N ILE A 44 1.62 17.30 14.13
CA ILE A 44 2.39 17.89 15.28
C ILE A 44 3.33 19.01 14.77
N SER A 45 3.88 19.76 15.74
CA SER A 45 5.09 20.61 15.47
C SER A 45 6.26 19.92 16.19
N LEU A 46 7.17 19.35 15.40
CA LEU A 46 8.36 18.65 15.95
C LEU A 46 9.41 19.74 16.26
N GLU A 47 9.45 20.15 17.52
CA GLU A 47 10.26 21.31 17.95
C GLU A 47 11.74 20.99 18.19
N TYR A 48 12.07 19.71 18.45
CA TYR A 48 13.44 19.24 18.64
C TYR A 48 13.51 17.77 18.21
N HIS A 49 14.40 17.48 17.28
CA HIS A 49 14.71 16.10 16.84
C HIS A 49 16.04 16.18 16.10
N GLU A 50 17.14 15.71 16.70
CA GLU A 50 18.49 15.87 16.13
C GLU A 50 18.68 15.13 14.81
N VAL A 51 17.92 14.09 14.50
CA VAL A 51 18.08 13.32 13.23
C VAL A 51 17.72 14.18 12.02
N LEU A 52 16.68 15.05 12.15
CA LEU A 52 16.06 15.79 11.02
C LEU A 52 16.33 17.30 11.01
N SER A 53 16.78 17.85 12.15
CA SER A 53 16.90 19.31 12.37
C SER A 53 17.84 20.01 11.36
N ALA A 54 17.41 21.11 10.72
CA ALA A 54 18.29 21.99 9.94
C ALA A 54 19.42 22.58 10.79
N ALA A 55 19.09 23.11 11.96
CA ALA A 55 20.07 23.71 12.87
C ALA A 55 20.91 22.63 13.55
N PHE A 56 22.16 23.02 13.91
CA PHE A 56 23.10 22.13 14.67
C PHE A 56 23.67 22.95 15.85
N GLY A 57 24.48 22.26 16.68
CA GLY A 57 25.35 22.92 17.69
C GLY A 57 24.61 23.92 18.57
N HIS A 58 25.23 25.09 18.72
CA HIS A 58 24.71 26.13 19.63
C HIS A 58 23.34 26.57 19.18
N GLN A 59 23.10 26.64 17.87
CA GLN A 59 21.78 27.10 17.35
C GLN A 59 20.68 26.11 17.80
N VAL A 60 20.91 24.82 17.66
CA VAL A 60 19.86 23.84 17.96
C VAL A 60 19.63 23.80 19.49
N GLU A 61 20.68 23.97 20.31
CA GLU A 61 20.47 24.03 21.77
C GLU A 61 19.67 25.28 22.17
N GLU A 62 19.91 26.42 21.53
CA GLU A 62 19.06 27.64 21.75
C GLU A 62 17.59 27.34 21.37
N ASN A 63 17.36 26.69 20.25
N ASN A 63 17.37 26.64 20.23
CA ASN A 63 15.97 26.46 19.82
CA ASN A 63 16.02 26.20 19.72
C ASN A 63 15.28 25.45 20.79
C ASN A 63 15.33 25.51 20.91
N LYS A 64 16.02 24.51 21.40
CA LYS A 64 15.46 23.62 22.46
C LYS A 64 15.06 24.49 23.66
N HIS A 65 15.95 25.31 24.15
CA HIS A 65 15.65 26.17 25.30
C HIS A 65 14.42 27.06 25.04
N ASN A 66 14.36 27.67 23.88
CA ASN A 66 13.21 28.56 23.51
C ASN A 66 11.90 27.77 23.51
N ALA A 67 11.91 26.56 22.94
CA ALA A 67 10.67 25.73 22.88
C ALA A 67 10.24 25.30 24.28
N LEU A 68 11.15 24.87 25.14
CA LEU A 68 10.81 24.44 26.50
C LEU A 68 10.10 25.58 27.26
N GLU A 69 10.57 26.82 27.03
CA GLU A 69 9.91 28.01 27.66
C GLU A 69 8.54 28.30 27.03
N LYS A 70 8.51 28.47 25.71
CA LYS A 70 7.27 28.85 24.97
C LYS A 70 6.13 27.89 25.26
N TYR A 71 6.42 26.60 25.22
CA TYR A 71 5.43 25.49 25.31
C TYR A 71 5.37 24.82 26.70
N LYS A 72 5.90 25.47 27.75
CA LYS A 72 5.84 24.92 29.13
C LYS A 72 4.42 24.46 29.44
N GLY A 73 4.28 23.22 29.91
CA GLY A 73 2.96 22.66 30.30
C GLY A 73 2.21 22.02 29.12
N GLN A 74 2.73 22.13 27.89
CA GLN A 74 1.96 21.76 26.65
C GLN A 74 2.58 20.64 25.81
N TYR A 75 3.89 20.47 25.86
CA TYR A 75 4.55 19.54 24.90
C TYR A 75 4.52 18.08 25.38
N VAL A 76 4.60 17.16 24.40
CA VAL A 76 4.85 15.73 24.66
C VAL A 76 6.38 15.53 24.57
N LEU A 77 6.98 14.98 25.64
CA LEU A 77 8.42 14.59 25.63
C LEU A 77 8.49 13.09 25.25
N VAL A 78 9.33 12.78 24.27
CA VAL A 78 9.59 11.39 23.79
C VAL A 78 11.08 11.07 23.99
N VAL A 79 11.38 9.90 24.53
CA VAL A 79 12.81 9.44 24.69
C VAL A 79 12.95 8.03 24.12
N ASP A 80 13.95 7.83 23.25
CA ASP A 80 14.42 6.48 22.85
C ASP A 80 15.83 6.25 23.43
N GLY A 81 16.14 4.96 23.60
CA GLY A 81 17.42 4.56 24.24
C GLY A 81 17.33 4.48 25.77
N SER A 82 18.23 3.73 26.38
CA SER A 82 18.38 3.64 27.83
C SER A 82 19.18 4.85 28.36
N ILE A 83 19.12 5.09 29.68
CA ILE A 83 19.84 6.19 30.35
C ILE A 83 20.91 5.59 31.26
N PRO A 84 22.20 5.93 31.03
CA PRO A 84 23.28 5.27 31.79
C PRO A 84 23.63 6.02 33.08
N LEU A 85 23.52 5.36 34.23
CA LEU A 85 23.80 6.04 35.52
C LEU A 85 25.23 5.81 36.02
N LYS A 86 25.95 4.78 35.51
CA LYS A 86 27.27 4.49 36.06
C LYS A 86 28.27 5.63 35.86
N ASP A 87 29.17 5.87 36.85
CA ASP A 87 30.25 6.89 36.76
C ASP A 87 29.61 8.28 36.49
N ASN A 88 28.53 8.59 37.21
CA ASN A 88 27.98 9.98 37.24
C ASN A 88 27.54 10.47 35.85
N GLY A 89 27.03 9.56 35.01
CA GLY A 89 26.29 9.95 33.79
C GLY A 89 27.14 10.07 32.52
N ILE A 90 28.46 9.86 32.61
CA ILE A 90 29.39 10.19 31.50
C ILE A 90 29.31 9.27 30.26
N TYR A 91 28.54 8.20 30.29
CA TYR A 91 28.49 7.30 29.10
C TYR A 91 27.55 7.83 27.99
N CYS A 92 26.88 8.97 28.21
CA CYS A 92 26.23 9.71 27.09
C CYS A 92 26.27 11.20 27.47
N MET A 93 27.12 11.96 26.77
CA MET A 93 27.34 13.41 27.02
C MET A 93 26.97 14.26 25.79
N VAL A 94 26.02 15.20 25.93
CA VAL A 94 25.60 16.07 24.79
C VAL A 94 25.83 17.52 25.23
N ALA A 95 26.49 18.30 24.36
CA ALA A 95 26.81 19.71 24.70
C ALA A 95 27.54 19.77 26.08
N GLY A 96 28.41 18.79 26.34
CA GLY A 96 29.22 18.79 27.58
C GLY A 96 28.49 18.37 28.87
N GLU A 97 27.25 17.87 28.79
CA GLU A 97 26.45 17.52 30.00
C GLU A 97 25.86 16.10 29.87
N PRO A 98 25.71 15.38 31.02
CA PRO A 98 25.10 14.05 30.99
C PRO A 98 23.68 14.10 30.42
N ILE A 99 23.32 13.11 29.57
CA ILE A 99 21.97 13.08 28.99
C ILE A 99 20.90 13.01 30.07
N VAL A 100 21.15 12.38 31.21
CA VAL A 100 20.10 12.32 32.30
C VAL A 100 19.69 13.76 32.68
N ASP A 101 20.65 14.70 32.72
CA ASP A 101 20.32 16.12 33.12
C ASP A 101 19.42 16.78 32.07
N HIS A 102 19.72 16.58 30.79
CA HIS A 102 18.84 17.12 29.72
C HIS A 102 17.41 16.55 29.81
N ILE A 103 17.32 15.24 30.09
CA ILE A 103 15.98 14.59 30.18
C ILE A 103 15.21 15.07 31.40
N ARG A 104 15.86 15.16 32.57
CA ARG A 104 15.14 15.65 33.78
C ARG A 104 14.66 17.10 33.58
N LYS A 105 15.50 17.95 33.00
CA LYS A 105 15.12 19.37 32.73
C LYS A 105 13.88 19.40 31.82
N ALA A 106 13.88 18.63 30.72
CA ALA A 106 12.78 18.66 29.75
C ALA A 106 11.51 18.06 30.42
N ALA A 107 11.66 17.08 31.30
CA ALA A 107 10.48 16.45 31.92
C ALA A 107 9.72 17.47 32.79
N GLU A 108 10.39 18.49 33.36
CA GLU A 108 9.72 19.38 34.34
C GLU A 108 8.49 20.06 33.75
N GLY A 109 8.55 20.44 32.48
CA GLY A 109 7.45 21.16 31.79
C GLY A 109 6.58 20.32 30.85
N ALA A 110 6.75 19.01 30.79
CA ALA A 110 6.02 18.16 29.83
C ALA A 110 4.54 17.96 30.28
N ALA A 111 3.64 17.98 29.30
CA ALA A 111 2.22 17.61 29.47
C ALA A 111 2.04 16.08 29.49
N ALA A 112 2.88 15.31 28.79
CA ALA A 112 2.85 13.84 28.70
C ALA A 112 4.28 13.41 28.40
N ILE A 113 4.64 12.19 28.84
CA ILE A 113 6.00 11.64 28.70
C ILE A 113 5.92 10.19 28.18
N ILE A 114 6.59 9.91 27.06
CA ILE A 114 6.52 8.58 26.40
C ILE A 114 7.93 8.01 26.23
N ALA A 115 8.11 6.77 26.71
CA ALA A 115 9.27 5.91 26.48
C ALA A 115 8.98 5.06 25.23
N ILE A 116 9.51 5.43 24.07
CA ILE A 116 9.36 4.65 22.82
C ILE A 116 10.50 3.62 22.73
N GLY A 117 10.12 2.33 22.60
CA GLY A 117 11.06 1.21 22.44
C GLY A 117 11.41 0.52 23.79
N SER A 118 11.84 -0.75 23.70
CA SER A 118 12.25 -1.54 24.86
C SER A 118 13.39 -0.88 25.69
N CYS A 119 14.38 -0.20 25.02
CA CYS A 119 15.50 0.39 25.75
C CYS A 119 14.99 1.44 26.80
N SER A 120 14.16 2.40 26.35
CA SER A 120 13.64 3.42 27.29
C SER A 120 12.57 2.81 28.22
N ALA A 121 11.77 1.86 27.69
CA ALA A 121 10.66 1.26 28.50
C ALA A 121 11.14 0.43 29.71
N TRP A 122 12.23 -0.37 29.51
CA TRP A 122 12.68 -1.28 30.59
C TRP A 122 14.19 -1.54 30.59
N GLY A 123 14.99 -0.79 29.79
CA GLY A 123 16.46 -0.96 29.71
C GLY A 123 16.94 -1.65 28.42
N GLY A 124 16.15 -2.64 27.97
CA GLY A 124 16.36 -3.27 26.66
C GLY A 124 17.73 -3.94 26.50
N VAL A 125 18.19 -4.04 25.24
CA VAL A 125 19.47 -4.70 24.94
C VAL A 125 20.62 -3.98 25.67
N ALA A 126 20.57 -2.64 25.79
CA ALA A 126 21.69 -1.88 26.38
C ALA A 126 21.95 -2.24 27.85
N ALA A 127 20.92 -2.69 28.56
CA ALA A 127 21.01 -3.05 30.00
C ALA A 127 21.18 -4.55 30.20
N ALA A 128 21.35 -5.33 29.12
CA ALA A 128 21.46 -6.78 29.22
C ALA A 128 22.87 -7.25 29.67
N GLY A 129 23.03 -8.55 29.91
CA GLY A 129 24.29 -9.14 30.34
C GLY A 129 24.82 -8.43 31.61
N VAL A 130 26.05 -8.17 31.55
CA VAL A 130 26.78 -7.45 32.61
C VAL A 130 26.37 -5.99 32.73
N ASN A 131 25.66 -5.44 31.77
CA ASN A 131 25.20 -4.00 31.83
C ASN A 131 26.37 -3.04 32.04
N PRO A 132 27.24 -2.94 31.02
CA PRO A 132 28.51 -2.19 31.19
C PRO A 132 28.35 -0.75 31.68
N THR A 133 27.27 -0.05 31.31
CA THR A 133 27.09 1.38 31.60
C THR A 133 26.06 1.69 32.72
N GLY A 134 25.55 0.69 33.43
CA GLY A 134 24.50 0.90 34.40
C GLY A 134 23.29 1.57 33.76
N ALA A 135 22.89 1.11 32.55
CA ALA A 135 21.71 1.58 31.80
C ALA A 135 20.40 1.22 32.52
N VAL A 136 19.48 2.19 32.60
CA VAL A 136 18.15 2.05 33.24
C VAL A 136 17.06 2.64 32.31
N SER A 137 15.82 2.38 32.68
CA SER A 137 14.61 2.87 31.96
C SER A 137 14.34 4.35 32.26
N LEU A 138 13.53 4.97 31.36
CA LEU A 138 13.03 6.37 31.59
C LEU A 138 12.25 6.48 32.91
N GLN A 139 11.38 5.50 33.20
CA GLN A 139 10.57 5.57 34.46
C GLN A 139 11.50 5.58 35.71
N GLU A 140 12.64 4.84 35.63
CA GLU A 140 13.58 4.83 36.79
C GLU A 140 14.23 6.19 37.03
N VAL A 141 14.48 6.98 35.98
CA VAL A 141 15.11 8.32 36.06
C VAL A 141 14.09 9.39 36.50
N LEU A 142 12.78 9.11 36.26
CA LEU A 142 11.70 10.08 36.57
C LEU A 142 10.66 9.48 37.53
N PRO A 143 11.05 9.13 38.78
CA PRO A 143 10.13 8.42 39.68
C PRO A 143 8.89 9.19 40.09
N GLY A 144 8.88 10.54 39.95
CA GLY A 144 7.64 11.25 40.29
C GLY A 144 6.62 11.41 39.16
N LYS A 145 6.91 10.87 37.97
CA LYS A 145 6.13 11.10 36.73
C LYS A 145 5.51 9.79 36.25
N THR A 146 4.35 9.89 35.62
CA THR A 146 3.73 8.73 34.89
C THR A 146 4.37 8.66 33.48
N VAL A 147 5.16 7.64 33.22
CA VAL A 147 5.79 7.42 31.90
C VAL A 147 4.91 6.39 31.12
N ILE A 148 4.47 6.75 29.91
CA ILE A 148 3.72 5.83 29.03
C ILE A 148 4.79 4.97 28.31
N ASN A 149 4.71 3.62 28.43
CA ASN A 149 5.72 2.71 27.83
C ASN A 149 5.15 2.11 26.55
N ILE A 150 5.94 2.19 25.45
CA ILE A 150 5.57 1.67 24.09
C ILE A 150 6.69 0.73 23.63
N PRO A 151 6.78 -0.52 24.21
CA PRO A 151 7.95 -1.34 24.00
C PRO A 151 7.94 -2.09 22.66
N GLY A 152 9.04 -2.79 22.42
CA GLY A 152 9.37 -3.38 21.10
C GLY A 152 10.66 -2.83 20.60
N CYS A 153 11.29 -3.51 19.60
CA CYS A 153 12.69 -3.23 19.26
C CYS A 153 12.87 -3.17 17.75
N PRO A 154 12.29 -2.16 17.06
CA PRO A 154 11.38 -1.12 17.60
C PRO A 154 9.89 -1.54 17.51
N PRO A 155 8.98 -0.86 18.26
CA PRO A 155 7.56 -1.14 18.04
C PRO A 155 7.11 -0.83 16.59
N ASN A 156 5.95 -1.40 16.18
CA ASN A 156 5.21 -0.83 14.99
C ASN A 156 5.05 0.68 15.27
N PRO A 157 5.37 1.56 14.31
CA PRO A 157 5.30 3.00 14.62
C PRO A 157 3.90 3.48 15.01
N HIS A 158 2.84 2.80 14.53
CA HIS A 158 1.47 3.25 14.87
C HIS A 158 1.09 2.92 16.33
N ASN A 159 1.86 2.05 17.01
CA ASN A 159 1.59 1.85 18.46
C ASN A 159 1.89 3.18 19.19
N PHE A 160 2.94 3.91 18.71
CA PHE A 160 3.30 5.30 19.13
C PHE A 160 2.32 6.36 18.57
N LEU A 161 2.13 6.32 17.23
CA LEU A 161 1.36 7.42 16.58
C LEU A 161 -0.11 7.47 17.05
N ALA A 162 -0.75 6.30 17.26
CA ALA A 162 -2.15 6.24 17.73
C ALA A 162 -2.25 6.63 19.21
N THR A 163 -1.17 6.46 20.01
CA THR A 163 -1.11 6.96 21.41
C THR A 163 -1.10 8.50 21.40
N VAL A 164 -0.19 9.09 20.57
CA VAL A 164 -0.13 10.56 20.44
C VAL A 164 -1.51 11.10 19.92
N ALA A 165 -2.09 10.45 18.93
CA ALA A 165 -3.40 10.90 18.38
C ALA A 165 -4.49 10.88 19.47
N HIS A 166 -4.48 9.86 20.36
CA HIS A 166 -5.54 9.81 21.38
C HIS A 166 -5.42 11.03 22.28
N ILE A 167 -4.17 11.35 22.69
CA ILE A 167 -3.86 12.56 23.52
C ILE A 167 -4.41 13.81 22.78
N ILE A 168 -4.07 13.98 21.50
CA ILE A 168 -4.43 15.20 20.75
C ILE A 168 -5.97 15.28 20.60
N THR A 169 -6.61 14.23 20.10
CA THR A 169 -8.05 14.18 19.69
C THR A 169 -8.99 14.20 20.89
N TYR A 170 -8.65 13.40 21.92
CA TYR A 170 -9.60 13.19 23.07
C TYR A 170 -9.09 13.78 24.39
N GLY A 171 -7.93 14.39 24.42
CA GLY A 171 -7.43 15.10 25.61
C GLY A 171 -6.92 14.29 26.74
N LYS A 172 -6.64 13.00 26.53
CA LYS A 172 -6.03 12.16 27.60
C LYS A 172 -5.32 10.98 26.93
N PRO A 173 -4.48 10.24 27.67
CA PRO A 173 -3.86 9.04 27.11
C PRO A 173 -4.82 7.89 26.88
N PRO A 174 -4.44 6.92 26.04
CA PRO A 174 -5.25 5.72 25.92
C PRO A 174 -5.25 4.97 27.26
N LYS A 175 -6.17 4.00 27.37
CA LYS A 175 -6.20 3.08 28.55
CA LYS A 175 -6.19 3.09 28.55
C LYS A 175 -4.87 2.29 28.57
N LEU A 176 -4.30 2.16 29.79
CA LEU A 176 -2.99 1.51 30.03
C LEU A 176 -3.13 0.27 30.95
N ASP A 177 -2.26 -0.72 30.78
CA ASP A 177 -2.13 -1.86 31.69
C ASP A 177 -1.31 -1.51 32.94
N ASP A 178 -0.95 -2.52 33.77
CA ASP A 178 -0.20 -2.22 35.04
C ASP A 178 1.29 -1.98 34.80
N LYS A 179 1.81 -2.07 33.54
CA LYS A 179 3.15 -1.58 33.16
C LYS A 179 3.05 -0.26 32.37
N ASN A 180 1.88 0.42 32.44
CA ASN A 180 1.70 1.70 31.72
C ASN A 180 1.85 1.52 30.15
N ARG A 181 1.49 0.34 29.62
CA ARG A 181 1.48 0.08 28.18
C ARG A 181 0.04 0.26 27.65
N PRO A 182 -0.15 0.90 26.44
CA PRO A 182 -1.52 1.03 25.88
C PRO A 182 -2.16 -0.37 25.59
N THR A 183 -3.36 -0.59 26.11
CA THR A 183 -4.09 -1.88 25.97
C THR A 183 -4.39 -2.19 24.48
N PHE A 184 -4.60 -1.21 23.62
CA PHE A 184 -4.98 -1.52 22.22
C PHE A 184 -3.83 -2.30 21.51
N ALA A 185 -2.59 -2.11 22.01
CA ALA A 185 -1.40 -2.67 21.40
C ALA A 185 -0.72 -3.80 22.24
N TYR A 186 -0.87 -3.78 23.59
CA TYR A 186 -0.10 -4.69 24.44
C TYR A 186 -1.00 -5.43 25.41
N GLY A 187 -2.32 -5.44 25.21
CA GLY A 187 -3.26 -6.02 26.19
C GLY A 187 -3.40 -7.53 26.23
N ARG A 188 -2.74 -8.26 25.31
CA ARG A 188 -2.91 -9.71 25.13
C ARG A 188 -1.56 -10.37 24.79
N LEU A 189 -1.35 -11.59 25.26
CA LEU A 189 -0.20 -12.40 24.80
C LEU A 189 -0.28 -12.67 23.31
N ILE A 190 0.87 -12.66 22.60
CA ILE A 190 0.92 -13.04 21.16
C ILE A 190 0.32 -14.45 20.97
N HIS A 191 0.65 -15.43 21.83
CA HIS A 191 0.15 -16.80 21.71
C HIS A 191 -1.37 -16.91 21.95
N GLU A 192 -1.95 -15.95 22.63
CA GLU A 192 -3.41 -15.92 22.82
C GLU A 192 -4.15 -15.21 21.64
N HIS A 193 -3.43 -14.88 20.56
CA HIS A 193 -4.06 -14.37 19.32
C HIS A 193 -3.21 -14.73 18.10
N CYS A 194 -2.62 -15.93 18.06
CA CYS A 194 -1.71 -16.36 16.98
C CYS A 194 -2.39 -17.34 15.99
N GLU A 195 -2.27 -17.11 14.70
CA GLU A 195 -2.88 -17.95 13.70
C GLU A 195 -2.28 -19.36 13.60
N ARG A 196 -1.13 -19.60 14.27
CA ARG A 196 -0.55 -20.97 14.27
C ARG A 196 -0.96 -21.76 15.53
N ARG A 197 -1.86 -21.22 16.34
CA ARG A 197 -2.32 -21.96 17.52
C ARG A 197 -2.97 -23.32 17.16
N PRO A 198 -3.74 -23.47 16.04
CA PRO A 198 -4.27 -24.81 15.70
C PRO A 198 -3.13 -25.86 15.60
N HIS A 199 -2.01 -25.47 15.01
CA HIS A 199 -0.89 -26.39 14.84
C HIS A 199 -0.28 -26.77 16.23
N PHE A 200 -0.08 -25.77 17.08
CA PHE A 200 0.35 -26.02 18.49
C PHE A 200 -0.59 -27.06 19.10
N ASP A 201 -1.92 -26.81 19.03
CA ASP A 201 -2.91 -27.68 19.66
C ASP A 201 -2.82 -29.13 19.18
N ALA A 202 -2.58 -29.29 17.89
CA ALA A 202 -2.51 -30.62 17.22
C ALA A 202 -1.13 -31.32 17.36
N GLY A 203 -0.10 -30.66 17.90
CA GLY A 203 1.24 -31.22 18.00
C GLY A 203 1.94 -31.16 16.62
N ARG A 204 1.58 -30.23 15.75
CA ARG A 204 2.23 -30.00 14.42
C ARG A 204 3.29 -28.90 14.56
N PHE A 205 4.56 -29.31 14.70
CA PHE A 205 5.69 -28.44 15.02
C PHE A 205 6.79 -28.52 13.93
N ALA A 206 7.32 -27.38 13.54
CA ALA A 206 8.62 -27.29 12.87
C ALA A 206 9.72 -27.76 13.84
N LYS A 207 10.67 -28.61 13.40
CA LYS A 207 11.81 -29.04 14.25
C LYS A 207 13.09 -28.30 13.88
N GLU A 208 13.28 -27.98 12.59
CA GLU A 208 14.45 -27.21 12.08
CA GLU A 208 14.43 -27.16 12.11
C GLU A 208 13.92 -26.30 10.94
N PHE A 209 14.54 -25.16 10.70
CA PHE A 209 14.26 -24.36 9.50
C PHE A 209 14.47 -25.28 8.28
N GLY A 210 13.55 -25.16 7.30
CA GLY A 210 13.61 -25.90 6.02
C GLY A 210 13.06 -27.32 6.06
N ASP A 211 12.62 -27.78 7.20
CA ASP A 211 12.03 -29.14 7.30
C ASP A 211 10.58 -29.13 6.73
N GLU A 212 9.95 -30.30 6.66
CA GLU A 212 8.66 -30.40 5.92
C GLU A 212 7.59 -29.60 6.66
N GLY A 213 7.51 -29.70 8.00
CA GLY A 213 6.51 -28.92 8.75
C GLY A 213 6.73 -27.43 8.71
N HIS A 214 8.01 -27.00 8.78
CA HIS A 214 8.36 -25.57 8.59
C HIS A 214 7.81 -25.07 7.22
N ARG A 215 8.01 -25.88 6.16
CA ARG A 215 7.59 -25.53 4.79
C ARG A 215 6.05 -25.70 4.59
N GLU A 216 5.31 -26.09 5.64
CA GLU A 216 3.86 -26.05 5.63
C GLU A 216 3.28 -24.99 6.59
N GLY A 217 4.12 -24.15 7.20
CA GLY A 217 3.62 -23.08 8.10
C GLY A 217 3.15 -23.56 9.46
N TRP A 218 3.75 -24.61 9.99
CA TRP A 218 3.39 -25.16 11.32
C TRP A 218 3.93 -24.28 12.47
N CYS A 219 3.49 -24.61 13.68
CA CYS A 219 3.85 -23.80 14.92
C CYS A 219 5.39 -23.86 15.13
N LEU A 220 5.94 -22.72 15.60
CA LEU A 220 7.38 -22.49 15.85
C LEU A 220 7.80 -22.68 17.33
N TYR A 221 6.93 -23.22 18.18
CA TYR A 221 7.21 -23.42 19.62
C TYR A 221 8.56 -24.11 19.84
N HIS A 222 8.80 -25.25 19.18
CA HIS A 222 10.02 -26.06 19.39
C HIS A 222 11.26 -25.47 18.70
N LEU A 223 11.13 -24.34 17.99
CA LEU A 223 12.26 -23.55 17.53
C LEU A 223 12.60 -22.45 18.56
N GLY A 224 11.88 -22.30 19.66
CA GLY A 224 12.10 -21.24 20.66
C GLY A 224 11.11 -20.08 20.67
N CYS A 225 9.93 -20.20 20.02
CA CYS A 225 8.98 -19.08 19.97
C CYS A 225 8.61 -18.60 21.41
N LYS A 226 8.75 -17.27 21.60
CA LYS A 226 8.43 -16.61 22.88
C LYS A 226 7.03 -16.01 22.92
N GLY A 227 6.19 -16.26 21.90
CA GLY A 227 4.79 -15.82 21.93
C GLY A 227 4.01 -16.18 23.21
N PRO A 228 4.26 -17.36 23.82
CA PRO A 228 3.53 -17.69 25.06
C PRO A 228 3.79 -16.79 26.26
N GLU A 229 4.89 -15.98 26.22
CA GLU A 229 5.36 -15.16 27.36
C GLU A 229 5.56 -13.70 27.00
N THR A 230 5.04 -13.25 25.84
CA THR A 230 5.29 -11.85 25.31
C THR A 230 3.95 -11.18 25.01
N TYR A 231 3.67 -10.02 25.61
CA TYR A 231 2.48 -9.19 25.32
C TYR A 231 2.77 -8.29 24.10
N GLY A 232 1.82 -8.21 23.15
CA GLY A 232 2.01 -7.38 21.94
C GLY A 232 0.91 -7.61 20.91
N ASN A 233 1.02 -6.93 19.79
CA ASN A 233 0.03 -6.99 18.69
C ASN A 233 0.69 -7.44 17.35
N CYS A 234 1.83 -8.15 17.47
CA CYS A 234 2.58 -8.52 16.27
C CYS A 234 1.83 -9.46 15.32
N SER A 235 0.95 -10.34 15.85
CA SER A 235 0.21 -11.27 15.01
C SER A 235 -0.99 -10.64 14.29
N THR A 236 -1.49 -9.49 14.81
CA THR A 236 -2.73 -8.84 14.31
C THR A 236 -2.39 -7.57 13.51
N LEU A 237 -1.85 -6.53 14.19
CA LEU A 237 -1.37 -5.33 13.45
C LEU A 237 -0.20 -5.70 12.54
N GLN A 238 0.71 -6.60 12.95
CA GLN A 238 1.86 -6.97 12.11
C GLN A 238 2.75 -5.74 11.81
N PHE A 239 3.42 -5.71 10.67
CA PHE A 239 4.40 -4.66 10.35
C PHE A 239 4.27 -4.20 8.90
N CYS A 240 4.57 -2.92 8.66
CA CYS A 240 4.77 -2.28 7.35
C CYS A 240 3.54 -2.11 6.49
N ASP A 241 2.33 -2.52 6.94
CA ASP A 241 1.03 -2.28 6.28
C ASP A 241 0.95 -2.88 4.87
N VAL A 242 1.68 -3.95 4.59
CA VAL A 242 1.61 -4.65 3.28
C VAL A 242 0.73 -5.91 3.33
N GLY A 243 0.49 -6.42 4.56
CA GLY A 243 -0.29 -7.64 4.82
C GLY A 243 0.57 -8.89 4.89
N GLY A 244 0.38 -9.61 6.02
CA GLY A 244 1.01 -10.91 6.20
C GLY A 244 2.41 -10.90 6.76
N VAL A 245 2.96 -9.74 7.19
CA VAL A 245 4.40 -9.59 7.54
C VAL A 245 4.57 -9.41 9.09
N TRP A 246 5.04 -10.49 9.73
CA TRP A 246 5.58 -10.45 11.11
C TRP A 246 6.54 -11.60 11.22
N PRO A 247 7.43 -11.70 12.26
CA PRO A 247 8.49 -12.72 12.26
C PRO A 247 7.98 -14.15 12.05
N VAL A 248 6.96 -14.53 12.81
CA VAL A 248 6.43 -15.93 12.76
C VAL A 248 5.88 -16.22 11.36
N ALA A 249 5.13 -15.29 10.73
CA ALA A 249 4.57 -15.49 9.38
C ALA A 249 5.70 -15.68 8.34
N ILE A 250 6.87 -15.02 8.56
CA ILE A 250 8.04 -15.17 7.64
C ILE A 250 8.79 -16.48 7.88
N GLY A 251 8.57 -17.15 9.04
CA GLY A 251 9.20 -18.44 9.32
C GLY A 251 10.13 -18.48 10.55
N HIS A 252 10.26 -17.37 11.32
CA HIS A 252 11.18 -17.35 12.49
C HIS A 252 10.39 -17.14 13.82
N PRO A 253 10.82 -17.85 14.90
CA PRO A 253 10.13 -17.65 16.19
C PRO A 253 10.15 -16.17 16.68
N CYS A 254 9.12 -15.80 17.44
CA CYS A 254 9.23 -14.62 18.28
C CYS A 254 10.39 -14.79 19.30
N TYR A 255 11.19 -13.72 19.48
CA TYR A 255 12.35 -13.66 20.39
C TYR A 255 11.97 -13.02 21.72
N GLY A 256 10.77 -12.44 21.86
CA GLY A 256 10.36 -11.74 23.08
C GLY A 256 10.88 -10.31 23.20
N CYS A 257 11.16 -9.61 22.09
CA CYS A 257 11.82 -8.29 22.18
C CYS A 257 10.98 -7.25 22.92
N ASN A 258 9.63 -7.41 22.98
CA ASN A 258 8.77 -6.48 23.72
C ASN A 258 8.99 -6.58 25.23
N GLU A 259 9.37 -7.77 25.74
CA GLU A 259 9.08 -8.17 27.12
C GLU A 259 10.36 -8.34 27.99
N GLU A 260 10.40 -7.58 29.11
CA GLU A 260 11.58 -7.64 30.06
C GLU A 260 11.76 -9.06 30.56
N GLY A 261 13.03 -9.51 30.58
CA GLY A 261 13.41 -10.84 31.03
C GLY A 261 13.31 -11.94 29.98
N ILE A 262 12.76 -11.56 28.78
CA ILE A 262 12.63 -12.53 27.62
C ILE A 262 13.62 -12.12 26.54
N GLY A 263 13.27 -11.15 25.75
CA GLY A 263 14.23 -10.68 24.70
C GLY A 263 15.55 -10.19 25.29
N PHE A 264 16.67 -10.60 24.63
CA PHE A 264 18.06 -10.20 24.99
C PHE A 264 18.55 -10.93 26.24
N HIS A 265 17.74 -11.82 26.85
CA HIS A 265 18.10 -12.65 27.99
C HIS A 265 18.04 -14.14 27.65
N LYS A 266 16.88 -14.60 27.20
CA LYS A 266 16.72 -16.02 26.79
C LYS A 266 17.33 -16.23 25.39
N GLY A 267 17.96 -17.40 25.17
CA GLY A 267 18.45 -17.76 23.83
C GLY A 267 17.35 -17.89 22.82
N ILE A 268 17.67 -17.68 21.53
CA ILE A 268 16.69 -17.81 20.44
C ILE A 268 15.98 -19.17 20.56
N HIS A 269 16.75 -20.24 20.77
CA HIS A 269 16.15 -21.59 20.72
C HIS A 269 15.76 -22.15 22.09
N GLN A 270 15.90 -21.38 23.17
CA GLN A 270 15.41 -21.73 24.47
C GLN A 270 13.87 -21.73 24.49
N LEU A 271 13.24 -22.76 25.11
CA LEU A 271 11.79 -22.88 25.10
C LEU A 271 11.13 -21.92 26.11
N ALA A 272 9.99 -21.39 25.70
CA ALA A 272 9.13 -20.52 26.57
C ALA A 272 8.37 -21.36 27.60
N ASN A 273 7.98 -20.75 28.73
CA ASN A 273 6.97 -21.29 29.68
C ASN A 273 5.57 -21.03 29.09
N VAL A 274 4.72 -22.02 29.17
CA VAL A 274 3.31 -21.96 28.67
C VAL A 274 2.36 -21.89 29.88
N GLU A 275 1.48 -20.88 29.92
CA GLU A 275 0.46 -20.75 31.01
C GLU A 275 -0.58 -21.85 31.08
N SER B 2 44.35 32.53 16.80
CA SER B 2 43.58 31.25 16.60
C SER B 2 42.31 31.39 17.40
N GLN B 3 41.20 30.95 16.85
CA GLN B 3 39.96 30.75 17.59
C GLN B 3 39.70 29.24 17.70
N ARG B 4 39.04 28.85 18.79
CA ARG B 4 38.56 27.50 19.03
C ARG B 4 37.04 27.44 19.02
N ILE B 5 36.44 26.59 18.19
CA ILE B 5 34.97 26.33 18.19
C ILE B 5 34.70 24.87 18.55
N THR B 6 33.45 24.64 19.02
CA THR B 6 32.86 23.29 19.23
C THR B 6 31.50 23.21 18.55
N ILE B 7 31.22 22.11 17.88
CA ILE B 7 29.93 21.81 17.21
C ILE B 7 29.40 20.55 17.93
N ASP B 8 28.39 20.74 18.80
CA ASP B 8 27.96 19.68 19.75
C ASP B 8 26.57 20.04 20.21
N PRO B 9 25.50 19.37 19.66
CA PRO B 9 25.56 18.17 18.78
C PRO B 9 25.69 18.48 17.30
N VAL B 10 26.37 17.63 16.57
CA VAL B 10 26.21 17.60 15.08
C VAL B 10 24.85 16.90 14.79
N THR B 11 23.95 17.57 14.10
CA THR B 11 22.63 17.01 13.80
C THR B 11 22.63 16.40 12.39
N ARG B 12 21.52 15.78 11.99
CA ARG B 12 21.38 15.18 10.63
C ARG B 12 22.51 14.15 10.35
N ILE B 13 22.76 13.34 11.38
CA ILE B 13 23.59 12.14 11.38
C ILE B 13 22.83 11.06 12.19
N GLU B 14 23.39 9.87 12.29
CA GLU B 14 23.04 8.92 13.36
C GLU B 14 23.93 9.12 14.55
N GLY B 15 23.30 9.28 15.74
CA GLY B 15 24.01 9.23 17.02
C GLY B 15 24.67 10.54 17.47
N HIS B 16 25.60 10.38 18.42
CA HIS B 16 26.14 11.48 19.22
C HIS B 16 27.59 11.80 18.86
N LEU B 17 27.77 12.94 18.19
CA LEU B 17 29.10 13.40 17.66
C LEU B 17 29.32 14.87 18.10
N ARG B 18 30.57 15.11 18.54
CA ARG B 18 31.16 16.44 18.80
C ARG B 18 32.32 16.64 17.84
N ILE B 19 32.39 17.79 17.18
CA ILE B 19 33.52 18.24 16.32
C ILE B 19 34.11 19.51 16.94
N ASP B 20 35.41 19.54 17.17
CA ASP B 20 36.13 20.77 17.59
C ASP B 20 37.08 21.19 16.46
N CYS B 21 37.22 22.51 16.26
CA CYS B 21 38.18 23.06 15.27
C CYS B 21 38.95 24.24 15.83
N GLU B 22 40.25 24.29 15.52
CA GLU B 22 41.10 25.49 15.61
CA GLU B 22 41.05 25.52 15.62
C GLU B 22 40.98 26.22 14.27
N ILE B 23 40.74 27.52 14.29
CA ILE B 23 40.58 28.34 13.06
C ILE B 23 41.65 29.43 13.08
N GLU B 24 42.39 29.59 12.00
CA GLU B 24 43.45 30.64 11.86
C GLU B 24 43.01 31.52 10.67
N ASN B 25 42.69 32.79 10.95
CA ASN B 25 42.35 33.73 9.85
C ASN B 25 41.22 33.18 8.95
N GLY B 26 40.19 32.60 9.56
CA GLY B 26 39.02 32.11 8.82
C GLY B 26 39.22 30.79 8.07
N VAL B 27 40.27 30.05 8.35
CA VAL B 27 40.55 28.72 7.76
C VAL B 27 40.79 27.70 8.87
N VAL B 28 40.15 26.51 8.83
CA VAL B 28 40.43 25.43 9.80
C VAL B 28 41.88 24.98 9.67
N SER B 29 42.61 25.02 10.82
CA SER B 29 44.02 24.55 10.87
C SER B 29 44.20 23.17 11.52
N LYS B 30 43.25 22.72 12.35
CA LYS B 30 43.31 21.42 13.10
C LYS B 30 41.90 21.10 13.59
N ALA B 31 41.57 19.81 13.59
CA ALA B 31 40.25 19.35 14.04
C ALA B 31 40.34 18.09 14.93
N TRP B 32 39.28 17.91 15.74
CA TRP B 32 39.09 16.75 16.61
C TRP B 32 37.68 16.18 16.37
N ALA B 33 37.56 14.87 16.16
CA ALA B 33 36.28 14.15 16.10
C ALA B 33 36.07 13.35 17.41
N SER B 34 34.86 13.43 18.01
CA SER B 34 34.62 12.70 19.28
C SER B 34 33.23 12.01 19.26
N GLY B 35 33.23 10.66 19.43
CA GLY B 35 32.01 9.93 19.72
C GLY B 35 31.72 10.02 21.23
N THR B 36 30.57 10.56 21.65
CA THR B 36 30.27 10.95 23.04
C THR B 36 29.33 9.98 23.78
N MET B 37 28.96 8.85 23.15
CA MET B 37 28.08 7.83 23.78
C MET B 37 28.64 6.42 23.54
N TRP B 38 28.69 5.61 24.63
CA TRP B 38 29.10 4.17 24.54
C TRP B 38 28.03 3.30 25.23
N ARG B 39 27.83 2.09 24.68
CA ARG B 39 26.99 1.04 25.28
C ARG B 39 27.75 -0.22 25.73
N GLY B 40 28.85 -0.55 25.10
CA GLY B 40 29.53 -1.82 25.40
C GLY B 40 28.87 -3.07 24.79
N MET B 41 28.41 -2.97 23.51
CA MET B 41 27.70 -4.06 22.81
C MET B 41 28.61 -5.30 22.63
N GLU B 42 29.94 -5.12 22.48
CA GLU B 42 30.88 -6.28 22.44
C GLU B 42 30.86 -7.07 23.72
N GLU B 43 30.82 -6.38 24.86
CA GLU B 43 30.79 -7.05 26.17
C GLU B 43 29.41 -7.69 26.42
N ILE B 44 28.32 -7.01 26.03
CA ILE B 44 26.93 -7.55 26.22
C ILE B 44 26.80 -8.93 25.53
N VAL B 45 27.37 -9.11 24.33
CA VAL B 45 27.16 -10.35 23.55
C VAL B 45 28.08 -11.51 24.04
N LYS B 46 29.15 -11.21 24.79
CA LYS B 46 30.10 -12.23 25.27
C LYS B 46 29.39 -13.27 26.16
N ASN B 47 29.96 -14.48 26.16
CA ASN B 47 29.55 -15.58 27.06
C ASN B 47 28.14 -16.11 26.71
N ARG B 48 27.77 -16.03 25.43
CA ARG B 48 26.51 -16.56 24.89
C ARG B 48 26.79 -17.62 23.83
N ASP B 49 25.74 -18.34 23.48
CA ASP B 49 25.78 -19.25 22.33
C ASP B 49 26.07 -18.48 21.03
N PRO B 50 27.00 -18.95 20.17
CA PRO B 50 27.31 -18.24 18.91
C PRO B 50 26.07 -17.98 18.01
N ARG B 51 25.04 -18.85 18.10
CA ARG B 51 23.80 -18.70 17.32
C ARG B 51 22.97 -17.47 17.70
N ASP B 52 23.12 -17.00 18.94
CA ASP B 52 22.30 -15.88 19.46
C ASP B 52 22.88 -14.51 19.07
N ALA B 53 24.18 -14.45 18.68
CA ALA B 53 24.83 -13.14 18.56
C ALA B 53 24.12 -12.18 17.60
N TRP B 54 23.65 -12.68 16.45
CA TRP B 54 23.14 -11.78 15.38
C TRP B 54 21.95 -10.95 15.84
N MET B 55 21.06 -11.54 16.68
CA MET B 55 19.84 -10.81 17.12
C MET B 55 20.21 -9.67 18.08
N ILE B 56 21.33 -9.86 18.85
CA ILE B 56 21.79 -8.85 19.83
C ILE B 56 22.59 -7.76 19.10
N VAL B 57 23.61 -8.15 18.33
CA VAL B 57 24.49 -7.13 17.71
C VAL B 57 23.84 -6.40 16.52
N GLN B 58 22.70 -6.89 15.97
CA GLN B 58 21.95 -6.11 14.99
C GLN B 58 21.61 -4.71 15.59
N ARG B 59 21.39 -4.69 16.90
CA ARG B 59 21.01 -3.45 17.64
C ARG B 59 22.19 -2.50 17.86
N ILE B 60 23.37 -2.80 17.33
CA ILE B 60 24.41 -1.76 17.22
C ILE B 60 23.81 -0.54 16.48
N CYS B 61 22.98 -0.73 15.45
CA CYS B 61 22.45 0.43 14.68
C CYS B 61 21.13 0.09 14.00
N GLY B 62 20.17 1.04 14.10
CA GLY B 62 18.91 0.93 13.40
C GLY B 62 18.80 1.73 12.11
N VAL B 63 19.78 2.62 11.81
CA VAL B 63 19.87 3.26 10.49
C VAL B 63 20.40 2.21 9.51
N CYS B 64 21.59 1.69 9.77
CA CYS B 64 22.17 0.55 9.00
C CYS B 64 21.72 -0.76 9.64
N THR B 65 20.38 -0.87 9.85
CA THR B 65 19.74 -2.17 10.21
C THR B 65 20.08 -3.19 9.08
N THR B 66 19.91 -4.47 9.39
CA THR B 66 20.36 -5.62 8.55
C THR B 66 21.89 -5.90 8.58
N THR B 67 22.73 -4.85 8.59
CA THR B 67 24.15 -5.02 8.25
C THR B 67 24.92 -5.84 9.34
N HIS B 68 24.71 -5.47 10.60
CA HIS B 68 25.42 -6.17 11.69
C HIS B 68 24.86 -7.58 11.91
N ALA B 69 23.55 -7.76 11.60
CA ALA B 69 22.95 -9.12 11.62
C ALA B 69 23.70 -10.02 10.63
N LEU B 70 23.79 -9.55 9.37
CA LEU B 70 24.41 -10.33 8.29
C LEU B 70 25.93 -10.57 8.60
N SER B 71 26.66 -9.55 9.05
CA SER B 71 28.09 -9.71 9.39
C SER B 71 28.27 -10.74 10.49
N SER B 72 27.38 -10.74 11.50
CA SER B 72 27.48 -11.67 12.64
C SER B 72 27.25 -13.13 12.21
N VAL B 73 26.21 -13.43 11.43
CA VAL B 73 26.05 -14.84 10.96
C VAL B 73 27.24 -15.22 10.08
N ARG B 74 27.73 -14.33 9.20
CA ARG B 74 28.93 -14.67 8.37
C ARG B 74 30.16 -15.00 9.26
N ALA B 75 30.31 -14.28 10.38
CA ALA B 75 31.44 -14.54 11.32
C ALA B 75 31.34 -15.92 11.96
N ALA B 76 30.15 -16.28 12.42
CA ALA B 76 29.93 -17.62 13.02
C ALA B 76 30.14 -18.72 11.97
N GLU B 77 29.62 -18.49 10.75
CA GLU B 77 29.78 -19.49 9.63
C GLU B 77 31.29 -19.65 9.29
N SER B 78 32.04 -18.54 9.34
CA SER B 78 33.49 -18.59 9.13
C SER B 78 34.18 -19.45 10.19
N ALA B 79 33.86 -19.22 11.46
CA ALA B 79 34.48 -19.98 12.56
C ALA B 79 34.17 -21.49 12.42
N LEU B 80 32.89 -21.80 12.12
CA LEU B 80 32.37 -23.18 12.11
C LEU B 80 32.65 -23.95 10.81
N ASN B 81 33.08 -23.22 9.75
CA ASN B 81 33.34 -23.80 8.39
C ASN B 81 32.04 -24.29 7.70
N ILE B 82 31.02 -23.43 7.65
CA ILE B 82 29.72 -23.68 7.05
C ILE B 82 29.62 -22.96 5.69
N ASP B 83 29.26 -23.74 4.65
CA ASP B 83 28.91 -23.22 3.29
C ASP B 83 27.40 -22.90 3.24
N VAL B 84 27.04 -21.67 2.98
CA VAL B 84 25.63 -21.21 3.00
C VAL B 84 24.89 -21.64 1.72
N PRO B 85 23.65 -22.22 1.81
CA PRO B 85 22.86 -22.53 0.58
C PRO B 85 22.73 -21.32 -0.33
N VAL B 86 22.76 -21.59 -1.65
CA VAL B 86 22.65 -20.49 -2.64
C VAL B 86 21.34 -19.71 -2.45
N ASN B 87 20.17 -20.39 -2.19
CA ASN B 87 18.93 -19.64 -2.02
C ASN B 87 19.00 -18.63 -0.87
N ALA B 88 19.66 -19.09 0.24
CA ALA B 88 19.89 -18.17 1.37
C ALA B 88 20.76 -16.95 0.97
N GLN B 89 21.75 -17.16 0.10
CA GLN B 89 22.54 -16.04 -0.40
C GLN B 89 21.66 -15.07 -1.24
N TYR B 90 20.80 -15.61 -2.13
CA TYR B 90 19.96 -14.71 -2.93
C TYR B 90 19.06 -13.83 -2.01
N ILE B 91 18.47 -14.45 -0.99
CA ILE B 91 17.57 -13.74 -0.07
C ILE B 91 18.37 -12.67 0.75
N ARG B 92 19.51 -13.06 1.34
CA ARG B 92 20.39 -12.12 2.05
C ARG B 92 20.76 -10.91 1.12
N ASN B 93 21.10 -11.24 -0.14
CA ASN B 93 21.53 -10.20 -1.11
C ASN B 93 20.40 -9.20 -1.44
N ILE B 94 19.19 -9.72 -1.69
CA ILE B 94 18.01 -8.85 -1.98
C ILE B 94 17.78 -7.90 -0.78
N ILE B 95 17.80 -8.46 0.44
CA ILE B 95 17.60 -7.60 1.64
C ILE B 95 18.70 -6.50 1.71
N LEU B 96 19.99 -6.86 1.56
CA LEU B 96 21.06 -5.89 1.71
C LEU B 96 20.94 -4.80 0.63
N ALA B 97 20.65 -5.20 -0.63
CA ALA B 97 20.56 -4.21 -1.74
C ALA B 97 19.38 -3.24 -1.56
N ALA B 98 18.21 -3.77 -1.17
CA ALA B 98 17.02 -2.91 -0.97
C ALA B 98 17.25 -2.02 0.23
N HIS B 99 17.78 -2.57 1.34
CA HIS B 99 18.08 -1.73 2.52
C HIS B 99 19.02 -0.55 2.14
N THR B 100 20.07 -0.87 1.40
CA THR B 100 21.09 0.14 1.06
C THR B 100 20.46 1.23 0.17
N THR B 101 19.50 0.88 -0.70
CA THR B 101 18.77 1.87 -1.57
C THR B 101 18.01 2.88 -0.65
N HIS B 102 17.24 2.39 0.34
CA HIS B 102 16.61 3.29 1.35
C HIS B 102 17.65 4.16 2.01
N ASP B 103 18.76 3.55 2.45
CA ASP B 103 19.75 4.26 3.29
C ASP B 103 20.39 5.44 2.50
N HIS B 104 20.82 5.18 1.24
CA HIS B 104 21.45 6.26 0.44
C HIS B 104 20.43 7.37 0.13
N ILE B 105 19.22 7.04 -0.29
CA ILE B 105 18.20 8.08 -0.62
C ILE B 105 17.99 9.01 0.58
N VAL B 106 17.74 8.40 1.76
CA VAL B 106 17.50 9.22 2.98
C VAL B 106 18.71 10.07 3.32
N HIS B 107 19.94 9.53 3.14
CA HIS B 107 21.15 10.34 3.44
C HIS B 107 21.19 11.57 2.51
N PHE B 108 21.00 11.39 1.20
CA PHE B 108 21.13 12.54 0.31
C PHE B 108 20.06 13.63 0.62
N TYR B 109 18.81 13.20 0.82
CA TYR B 109 17.69 14.15 0.97
C TYR B 109 17.44 14.58 2.45
N GLN B 110 17.04 13.67 3.31
CA GLN B 110 16.67 14.03 4.68
C GLN B 110 17.85 14.49 5.54
N LEU B 111 19.07 13.95 5.32
CA LEU B 111 20.23 14.26 6.17
C LEU B 111 21.09 15.37 5.52
N SER B 112 21.39 15.32 4.23
CA SER B 112 22.38 16.22 3.66
CA SER B 112 22.41 16.17 3.55
C SER B 112 21.83 17.44 2.92
N ALA B 113 20.67 17.36 2.29
CA ALA B 113 20.24 18.43 1.36
C ALA B 113 20.22 19.79 2.07
N LEU B 114 19.77 19.88 3.35
CA LEU B 114 19.64 21.21 4.03
C LEU B 114 20.99 21.87 4.37
N ASP B 115 22.15 21.22 3.98
CA ASP B 115 23.44 21.91 3.98
C ASP B 115 23.61 22.82 2.74
N TRP B 116 22.88 22.50 1.67
CA TRP B 116 23.13 23.04 0.32
C TRP B 116 21.93 23.84 -0.21
N VAL B 117 20.77 23.64 0.42
CA VAL B 117 19.44 24.15 -0.01
C VAL B 117 18.94 25.15 1.05
N ASP B 118 18.39 26.30 0.63
CA ASP B 118 17.84 27.39 1.46
C ASP B 118 16.31 27.39 1.26
N ILE B 119 15.54 26.85 2.24
CA ILE B 119 14.07 26.72 2.06
C ILE B 119 13.41 28.12 1.91
N THR B 120 13.93 29.19 2.53
CA THR B 120 13.29 30.52 2.44
C THR B 120 13.45 31.05 1.03
N SER B 121 14.60 30.84 0.43
CA SER B 121 14.84 31.24 -0.97
C SER B 121 13.79 30.59 -1.89
N ALA B 122 13.33 29.37 -1.56
CA ALA B 122 12.33 28.67 -2.40
C ALA B 122 11.02 29.42 -2.52
N LEU B 123 10.69 30.22 -1.54
CA LEU B 123 9.45 31.03 -1.54
C LEU B 123 9.48 32.12 -2.64
N GLN B 124 10.67 32.54 -3.07
CA GLN B 124 10.85 33.54 -4.14
C GLN B 124 10.80 32.92 -5.54
N ALA B 125 10.77 31.58 -5.65
CA ALA B 125 10.87 30.94 -6.97
C ALA B 125 9.63 31.13 -7.87
N ASP B 126 9.89 31.14 -9.15
CA ASP B 126 8.81 31.01 -10.17
C ASP B 126 8.69 29.54 -10.55
N PRO B 127 7.55 28.85 -10.19
CA PRO B 127 7.46 27.41 -10.44
C PRO B 127 7.54 27.03 -11.93
N THR B 128 7.05 27.86 -12.87
CA THR B 128 7.15 27.55 -14.31
C THR B 128 8.62 27.61 -14.76
N LYS B 129 9.36 28.66 -14.32
CA LYS B 129 10.80 28.79 -14.68
C LYS B 129 11.54 27.55 -14.12
N ALA B 130 11.19 27.09 -12.91
CA ALA B 130 11.87 25.95 -12.26
C ALA B 130 11.67 24.70 -13.11
N SER B 131 10.43 24.44 -13.55
CA SER B 131 10.14 23.26 -14.41
C SER B 131 10.91 23.35 -15.76
N GLU B 132 10.98 24.53 -16.36
CA GLU B 132 11.61 24.72 -17.70
C GLU B 132 13.11 24.41 -17.59
N MET B 133 13.73 24.64 -16.43
CA MET B 133 15.20 24.40 -16.20
C MET B 133 15.51 22.89 -16.39
N LEU B 134 14.52 22.01 -16.13
CA LEU B 134 14.77 20.53 -16.19
C LEU B 134 14.47 19.94 -17.58
N LYS B 135 14.00 20.73 -18.53
CA LYS B 135 13.69 20.19 -19.90
C LYS B 135 14.97 19.72 -20.59
N GLY B 136 15.01 18.45 -21.03
CA GLY B 136 16.22 17.82 -21.60
C GLY B 136 17.26 17.49 -20.55
N VAL B 137 16.91 17.59 -19.28
CA VAL B 137 17.89 17.22 -18.23
C VAL B 137 17.38 15.98 -17.42
N SER B 138 16.09 15.83 -17.30
CA SER B 138 15.41 14.68 -16.68
C SER B 138 14.14 14.32 -17.47
N THR B 139 13.74 13.04 -17.44
CA THR B 139 12.46 12.55 -17.93
C THR B 139 11.48 12.22 -16.78
N TRP B 140 11.81 12.63 -15.53
CA TRP B 140 10.90 12.35 -14.38
C TRP B 140 9.51 12.96 -14.59
N HIS B 141 8.46 12.20 -14.23
CA HIS B 141 7.06 12.60 -14.47
C HIS B 141 6.48 13.59 -13.42
N LEU B 142 7.22 13.95 -12.37
CA LEU B 142 6.71 14.82 -11.29
C LEU B 142 7.57 16.12 -11.08
N ASN B 143 7.90 16.74 -12.21
CA ASN B 143 8.65 18.03 -12.27
C ASN B 143 7.80 19.15 -12.89
N SER B 144 6.45 19.02 -12.90
CA SER B 144 5.59 20.07 -13.51
C SER B 144 5.56 21.34 -12.65
N PRO B 145 5.17 22.48 -13.30
CA PRO B 145 4.92 23.71 -12.53
C PRO B 145 3.86 23.48 -11.45
N GLU B 146 2.85 22.63 -11.74
CA GLU B 146 1.72 22.36 -10.83
C GLU B 146 2.23 21.60 -9.56
N GLU B 147 3.08 20.58 -9.75
CA GLU B 147 3.72 19.92 -8.61
C GLU B 147 4.53 20.92 -7.78
N PHE B 148 5.31 21.78 -8.42
CA PHE B 148 6.19 22.68 -7.69
C PHE B 148 5.39 23.78 -6.97
N THR B 149 4.26 24.24 -7.53
CA THR B 149 3.34 25.18 -6.88
C THR B 149 2.75 24.57 -5.60
N LYS B 150 2.27 23.33 -5.66
CA LYS B 150 1.71 22.65 -4.47
C LYS B 150 2.78 22.60 -3.37
N VAL B 151 4.02 22.25 -3.73
CA VAL B 151 5.13 22.19 -2.74
C VAL B 151 5.42 23.59 -2.15
N GLN B 152 5.48 24.58 -3.03
CA GLN B 152 5.74 25.96 -2.57
C GLN B 152 4.65 26.40 -1.56
N ASN B 153 3.38 26.03 -1.82
CA ASN B 153 2.26 26.39 -0.93
C ASN B 153 2.41 25.66 0.43
N LYS B 154 2.94 24.44 0.47
CA LYS B 154 3.15 23.75 1.77
C LYS B 154 4.21 24.51 2.59
N ILE B 155 5.25 25.02 1.91
CA ILE B 155 6.29 25.87 2.58
C ILE B 155 5.66 27.14 3.11
N LYS B 156 4.90 27.83 2.27
CA LYS B 156 4.20 29.09 2.62
C LYS B 156 3.36 28.87 3.89
N ASP B 157 2.62 27.76 3.92
CA ASP B 157 1.70 27.53 5.05
C ASP B 157 2.48 27.25 6.36
N LEU B 158 3.58 26.51 6.28
CA LEU B 158 4.43 26.18 7.45
C LEU B 158 5.03 27.50 7.98
N VAL B 159 5.53 28.37 7.12
CA VAL B 159 6.12 29.66 7.58
C VAL B 159 5.00 30.51 8.19
N ALA B 160 3.87 30.66 7.50
CA ALA B 160 2.77 31.53 7.98
C ALA B 160 2.32 31.09 9.39
N SER B 161 2.45 29.80 9.77
CA SER B 161 2.00 29.32 11.10
C SER B 161 2.89 29.87 12.24
N GLY B 162 4.10 30.29 11.93
CA GLY B 162 5.10 30.64 12.96
C GLY B 162 5.64 29.46 13.75
N GLN B 163 5.37 28.25 13.33
CA GLN B 163 5.91 27.02 13.99
C GLN B 163 6.81 26.31 12.97
N LEU B 164 8.07 26.72 12.88
CA LEU B 164 8.99 26.14 11.86
C LEU B 164 9.58 24.81 12.36
N GLY B 165 9.56 24.59 13.69
CA GLY B 165 10.09 23.40 14.35
C GLY B 165 11.48 22.97 13.83
N ILE B 166 11.58 21.77 13.36
CA ILE B 166 12.91 21.26 12.84
C ILE B 166 13.44 22.02 11.60
N PHE B 167 12.63 22.83 10.91
CA PHE B 167 13.15 23.71 9.84
C PHE B 167 13.66 25.12 10.43
N ALA B 168 13.54 25.39 11.74
CA ALA B 168 13.95 26.68 12.45
C ALA B 168 15.47 26.89 12.61
N ASN B 169 15.73 28.19 12.82
CA ASN B 169 17.03 28.78 13.19
C ASN B 169 18.07 28.11 12.29
N GLY B 170 17.69 27.83 11.03
CA GLY B 170 18.55 27.21 10.00
C GLY B 170 19.43 28.27 9.41
N TYR B 171 20.20 27.88 8.37
CA TYR B 171 21.33 28.70 7.82
C TYR B 171 20.83 29.47 6.61
N TRP B 172 19.63 30.04 6.72
CA TRP B 172 18.96 30.77 5.59
C TRP B 172 19.77 32.08 5.31
N GLY B 173 20.04 32.46 4.04
CA GLY B 173 20.92 33.60 3.63
C GLY B 173 22.45 33.43 3.86
N HIS B 174 22.95 32.33 4.40
CA HIS B 174 24.47 32.17 4.56
C HIS B 174 25.23 32.46 3.23
N PRO B 175 26.42 33.13 3.19
CA PRO B 175 27.22 33.38 1.95
C PRO B 175 27.60 32.07 1.16
N ALA B 176 27.62 30.91 1.83
CA ALA B 176 27.93 29.62 1.19
C ALA B 176 26.73 28.94 0.52
N MET B 177 25.54 29.56 0.67
CA MET B 177 24.31 29.07 -0.03
C MET B 177 24.26 29.67 -1.45
N LYS B 178 24.45 28.84 -2.47
CA LYS B 178 24.71 29.27 -3.86
C LYS B 178 23.54 28.98 -4.83
N LEU B 179 22.52 28.23 -4.45
CA LEU B 179 21.45 27.83 -5.42
C LEU B 179 20.53 29.02 -5.69
N PRO B 180 20.03 29.20 -6.94
CA PRO B 180 18.96 30.19 -7.19
C PRO B 180 17.64 29.71 -6.56
N PRO B 181 16.67 30.61 -6.34
CA PRO B 181 15.37 30.21 -5.77
C PRO B 181 14.65 29.02 -6.44
N GLU B 182 14.67 28.97 -7.76
CA GLU B 182 14.07 27.89 -8.52
C GLU B 182 14.67 26.50 -8.14
N VAL B 183 16.01 26.42 -8.03
CA VAL B 183 16.70 25.13 -7.73
C VAL B 183 16.40 24.73 -6.27
N ASN B 184 16.33 25.71 -5.36
CA ASN B 184 15.92 25.41 -3.98
C ASN B 184 14.50 24.76 -3.96
N LEU B 185 13.54 25.32 -4.74
CA LEU B 185 12.18 24.78 -4.76
C LEU B 185 12.19 23.35 -5.36
N ILE B 186 12.92 23.10 -6.45
CA ILE B 186 13.04 21.75 -7.06
C ILE B 186 13.52 20.78 -5.95
N ALA B 187 14.56 21.16 -5.21
CA ALA B 187 15.17 20.25 -4.21
C ALA B 187 14.13 19.88 -3.12
N VAL B 188 13.33 20.86 -2.63
CA VAL B 188 12.27 20.56 -1.60
C VAL B 188 11.24 19.57 -2.19
N ALA B 189 10.80 19.82 -3.45
CA ALA B 189 9.89 18.86 -4.04
C ALA B 189 10.46 17.43 -4.08
N HIS B 190 11.75 17.32 -4.47
CA HIS B 190 12.39 16.00 -4.52
C HIS B 190 12.59 15.36 -3.10
N TYR B 191 12.88 16.20 -2.08
CA TYR B 191 12.96 15.75 -0.67
C TYR B 191 11.69 14.99 -0.28
N LEU B 192 10.53 15.59 -0.59
CA LEU B 192 9.23 14.94 -0.29
C LEU B 192 8.98 13.69 -1.12
N GLN B 193 9.28 13.73 -2.40
CA GLN B 193 9.11 12.58 -3.31
C GLN B 193 10.01 11.40 -2.86
N ALA B 194 11.22 11.71 -2.37
CA ALA B 194 12.20 10.66 -1.92
C ALA B 194 11.57 9.77 -0.82
N LEU B 195 10.72 10.36 0.05
CA LEU B 195 10.13 9.63 1.18
C LEU B 195 9.25 8.45 0.66
N GLU B 196 8.57 8.63 -0.49
CA GLU B 196 7.78 7.52 -1.09
C GLU B 196 8.72 6.43 -1.64
N CYS B 197 9.81 6.80 -2.34
CA CYS B 197 10.68 5.78 -2.93
C CYS B 197 11.34 4.96 -1.81
N GLN B 198 11.87 5.60 -0.76
CA GLN B 198 12.51 4.82 0.33
C GLN B 198 11.50 3.88 1.02
N ARG B 199 10.22 4.35 1.16
CA ARG B 199 9.18 3.44 1.71
C ARG B 199 9.01 2.15 0.88
N ASP B 200 8.97 2.27 -0.45
CA ASP B 200 8.90 1.08 -1.34
C ASP B 200 10.15 0.17 -1.20
N ALA B 201 11.35 0.76 -1.03
CA ALA B 201 12.56 -0.09 -0.81
C ALA B 201 12.39 -0.93 0.45
N ASN B 202 11.89 -0.31 1.52
CA ASN B 202 11.70 -1.06 2.78
C ASN B 202 10.58 -2.06 2.75
N ARG B 203 9.60 -1.92 1.85
CA ARG B 203 8.59 -2.98 1.67
C ARG B 203 9.22 -4.27 1.10
N VAL B 204 10.24 -4.16 0.21
CA VAL B 204 11.03 -5.33 -0.22
C VAL B 204 11.66 -6.02 0.97
N VAL B 205 12.40 -5.19 1.78
CA VAL B 205 13.09 -5.73 2.98
C VAL B 205 12.11 -6.47 3.91
N ALA B 206 10.94 -5.82 4.17
CA ALA B 206 9.95 -6.36 5.13
C ALA B 206 9.47 -7.77 4.71
N LEU B 207 9.15 -7.92 3.41
CA LEU B 207 8.52 -9.17 2.89
C LEU B 207 9.49 -10.35 3.04
N LEU B 208 10.82 -10.12 3.03
CA LEU B 208 11.79 -11.22 3.27
C LEU B 208 12.27 -11.28 4.75
N GLY B 209 12.38 -10.11 5.40
CA GLY B 209 12.94 -10.04 6.78
C GLY B 209 11.96 -10.31 7.91
N GLY B 210 10.66 -10.14 7.64
CA GLY B 210 9.61 -10.26 8.68
C GLY B 210 9.16 -8.96 9.38
N LYS B 211 9.86 -7.87 9.03
CA LYS B 211 9.69 -6.50 9.51
C LYS B 211 10.97 -5.73 9.14
N THR B 212 10.91 -4.41 9.28
CA THR B 212 12.08 -3.48 9.31
C THR B 212 11.58 -2.18 9.97
N PRO B 213 12.35 -1.53 10.86
CA PRO B 213 13.74 -1.87 11.26
C PRO B 213 13.87 -3.25 12.00
N HIS B 214 15.08 -3.80 11.90
CA HIS B 214 15.60 -5.02 12.57
C HIS B 214 14.89 -6.27 12.00
N ILE B 215 15.55 -6.83 10.98
CA ILE B 215 15.03 -8.05 10.33
C ILE B 215 15.13 -9.25 11.29
N GLN B 216 14.38 -10.32 10.97
CA GLN B 216 14.25 -11.49 11.83
C GLN B 216 14.15 -12.79 11.03
N ASN B 217 14.93 -12.90 9.94
CA ASN B 217 14.86 -14.08 9.05
C ASN B 217 16.19 -14.81 8.90
N LEU B 218 17.23 -14.39 9.64
CA LEU B 218 18.56 -15.02 9.49
C LEU B 218 18.74 -16.25 10.41
N ALA B 219 19.83 -16.98 10.17
CA ALA B 219 20.30 -18.02 11.06
C ALA B 219 21.78 -18.27 10.74
N VAL B 220 22.57 -18.69 11.76
CA VAL B 220 23.86 -19.31 11.50
C VAL B 220 23.55 -20.62 10.72
N GLY B 221 23.94 -20.66 9.44
CA GLY B 221 23.55 -21.75 8.53
C GLY B 221 22.61 -21.39 7.39
N GLY B 222 22.03 -20.17 7.35
CA GLY B 222 21.23 -19.76 6.20
C GLY B 222 20.13 -18.76 6.54
N VAL B 223 18.89 -19.09 6.19
CA VAL B 223 17.72 -18.19 6.47
C VAL B 223 16.58 -19.02 7.03
N ALA B 224 15.58 -18.34 7.63
CA ALA B 224 14.38 -18.96 8.20
C ALA B 224 13.16 -18.86 7.24
N ASN B 225 13.32 -18.29 6.03
CA ASN B 225 12.22 -18.29 5.05
C ASN B 225 11.97 -19.73 4.54
N PRO B 226 10.73 -20.23 4.53
CA PRO B 226 10.47 -21.59 4.03
C PRO B 226 10.00 -21.49 2.56
N ILE B 227 10.85 -21.96 1.62
CA ILE B 227 10.53 -21.87 0.21
C ILE B 227 9.63 -23.06 -0.18
N ASN B 228 8.40 -22.73 -0.66
CA ASN B 228 7.45 -23.78 -1.15
C ASN B 228 6.40 -23.06 -2.01
N LEU B 229 6.62 -23.18 -3.33
CA LEU B 229 5.68 -22.49 -4.25
C LEU B 229 4.23 -22.93 -4.06
N ASP B 230 3.96 -24.15 -3.56
CA ASP B 230 2.61 -24.69 -3.41
C ASP B 230 2.10 -24.66 -1.97
N GLY B 231 2.83 -23.99 -1.06
CA GLY B 231 2.46 -23.94 0.35
C GLY B 231 1.63 -22.72 0.77
N LEU B 232 0.69 -22.97 1.67
CA LEU B 232 -0.13 -21.91 2.33
C LEU B 232 0.70 -21.39 3.51
N GLY B 233 0.80 -20.05 3.67
CA GLY B 233 1.42 -19.43 4.83
C GLY B 233 2.96 -19.37 4.82
N VAL B 234 3.60 -19.71 3.69
CA VAL B 234 5.06 -19.71 3.52
C VAL B 234 5.46 -18.88 2.28
N LEU B 235 6.75 -18.95 1.90
CA LEU B 235 7.31 -18.14 0.76
C LEU B 235 6.95 -18.89 -0.53
N ASN B 236 5.78 -18.50 -1.09
CA ASN B 236 5.20 -19.14 -2.30
C ASN B 236 5.28 -18.17 -3.50
N LEU B 237 4.70 -18.53 -4.67
CA LEU B 237 4.83 -17.67 -5.86
C LEU B 237 4.10 -16.36 -5.68
N GLU B 238 2.92 -16.35 -5.02
CA GLU B 238 2.16 -15.10 -4.75
C GLU B 238 3.04 -14.10 -3.93
N ARG B 239 3.71 -14.57 -2.88
CA ARG B 239 4.58 -13.72 -2.04
C ARG B 239 5.76 -13.16 -2.88
N LEU B 240 6.38 -14.03 -3.72
CA LEU B 240 7.50 -13.59 -4.57
C LEU B 240 7.02 -12.53 -5.57
N MET B 241 5.84 -12.72 -6.17
CA MET B 241 5.27 -11.69 -7.10
C MET B 241 5.10 -10.34 -6.37
N TYR B 242 4.67 -10.42 -5.09
CA TYR B 242 4.49 -9.15 -4.31
C TYR B 242 5.82 -8.43 -4.09
N ILE B 243 6.88 -9.20 -3.73
CA ILE B 243 8.26 -8.64 -3.63
C ILE B 243 8.65 -7.93 -4.95
N LYS B 244 8.43 -8.66 -6.06
CA LYS B 244 8.82 -8.08 -7.38
C LYS B 244 8.11 -6.74 -7.69
N SER B 245 6.83 -6.65 -7.27
CA SER B 245 6.04 -5.41 -7.54
C SER B 245 6.70 -4.19 -6.87
N PHE B 246 7.33 -4.37 -5.71
CA PHE B 246 8.05 -3.25 -5.07
C PHE B 246 9.45 -3.01 -5.64
N ILE B 247 10.18 -4.10 -5.94
CA ILE B 247 11.50 -3.94 -6.66
C ILE B 247 11.34 -3.03 -7.90
N ASP B 248 10.29 -3.28 -8.67
CA ASP B 248 10.09 -2.55 -9.97
C ASP B 248 9.76 -1.04 -9.76
N LYS B 249 9.34 -0.65 -8.56
CA LYS B 249 8.94 0.75 -8.30
C LYS B 249 10.14 1.68 -7.99
N LEU B 250 11.36 1.15 -7.80
CA LEU B 250 12.51 1.96 -7.30
C LEU B 250 13.27 2.69 -8.39
N SER B 251 13.40 2.13 -9.61
CA SER B 251 14.38 2.58 -10.61
C SER B 251 14.10 4.03 -11.04
N ASP B 252 12.85 4.41 -11.35
CA ASP B 252 12.64 5.69 -12.01
C ASP B 252 13.11 6.86 -11.10
N PHE B 253 12.76 6.86 -9.84
CA PHE B 253 13.21 7.93 -8.93
C PHE B 253 14.73 7.95 -8.83
N VAL B 254 15.34 6.75 -8.66
CA VAL B 254 16.79 6.70 -8.50
C VAL B 254 17.50 7.34 -9.71
N GLU B 255 17.08 6.89 -10.92
CA GLU B 255 17.75 7.29 -12.17
C GLU B 255 17.39 8.72 -12.61
N GLN B 256 16.12 9.14 -12.44
CA GLN B 256 15.63 10.39 -13.04
C GLN B 256 15.58 11.58 -12.04
N VAL B 257 15.81 11.26 -10.75
CA VAL B 257 15.72 12.33 -9.68
C VAL B 257 17.05 12.34 -8.93
N TYR B 258 17.36 11.25 -8.15
CA TYR B 258 18.57 11.25 -7.30
C TYR B 258 19.83 11.42 -8.15
N LYS B 259 19.98 10.63 -9.21
CA LYS B 259 21.17 10.73 -10.07
C LYS B 259 21.34 12.15 -10.63
N VAL B 260 20.24 12.72 -11.11
CA VAL B 260 20.26 14.05 -11.76
C VAL B 260 20.61 15.14 -10.75
N ASP B 261 19.95 15.11 -9.56
CA ASP B 261 20.22 16.12 -8.48
C ASP B 261 21.67 16.07 -8.04
N THR B 262 22.30 14.89 -8.06
CA THR B 262 23.73 14.76 -7.67
C THR B 262 24.59 15.58 -8.65
N ALA B 263 24.36 15.42 -9.93
CA ALA B 263 25.08 16.22 -10.95
C ALA B 263 24.78 17.72 -10.79
N VAL B 264 23.55 18.11 -10.54
CA VAL B 264 23.15 19.52 -10.40
C VAL B 264 23.86 20.15 -9.20
N ILE B 265 23.87 19.47 -8.04
CA ILE B 265 24.57 20.04 -6.84
CA ILE B 265 24.55 20.08 -6.85
C ILE B 265 26.05 20.27 -7.19
N ALA B 266 26.70 19.31 -7.86
CA ALA B 266 28.12 19.51 -8.24
C ALA B 266 28.28 20.72 -9.19
N ALA B 267 27.36 20.93 -10.12
CA ALA B 267 27.43 22.04 -11.09
C ALA B 267 27.36 23.41 -10.37
N PHE B 268 26.62 23.55 -9.28
CA PHE B 268 26.49 24.83 -8.56
C PHE B 268 27.55 25.05 -7.47
N TYR B 269 28.27 23.98 -7.05
CA TYR B 269 29.22 24.00 -5.91
C TYR B 269 30.62 23.47 -6.36
N PRO B 270 31.17 23.97 -7.49
CA PRO B 270 32.37 23.25 -8.04
C PRO B 270 33.63 23.34 -7.15
N GLU B 271 33.73 24.31 -6.25
CA GLU B 271 34.86 24.41 -5.28
C GLU B 271 34.91 23.19 -4.34
N TRP B 272 33.77 22.55 -4.11
CA TRP B 272 33.69 21.35 -3.26
C TRP B 272 34.17 20.06 -3.93
N LEU B 273 34.72 20.15 -5.16
CA LEU B 273 35.59 19.17 -5.86
C LEU B 273 37.06 19.31 -5.46
N THR B 274 37.40 20.36 -4.71
CA THR B 274 38.81 20.74 -4.43
C THR B 274 39.11 20.75 -2.94
N ARG B 275 38.18 20.29 -2.11
CA ARG B 275 38.39 20.23 -0.67
C ARG B 275 37.75 18.97 -0.11
N GLY B 276 38.03 18.64 1.14
CA GLY B 276 37.46 17.48 1.84
C GLY B 276 38.12 16.15 1.56
N LYS B 277 39.39 16.13 1.09
CA LYS B 277 40.16 14.87 0.95
C LYS B 277 40.54 14.35 2.36
N GLY B 278 40.13 13.14 2.69
CA GLY B 278 40.39 12.55 4.02
C GLY B 278 41.61 11.60 4.13
N ALA B 279 41.99 11.01 3.01
CA ALA B 279 43.03 9.94 3.03
C ALA B 279 43.62 9.76 1.63
N VAL B 280 44.75 9.04 1.55
CA VAL B 280 45.33 8.60 0.26
C VAL B 280 45.21 7.06 0.04
N ASN B 281 44.70 6.33 1.06
CA ASN B 281 44.52 4.86 0.95
C ASN B 281 43.00 4.57 1.15
N TYR B 282 42.52 3.57 0.41
CA TYR B 282 41.09 3.23 0.34
C TYR B 282 40.94 1.70 0.35
N LEU B 283 39.91 1.21 1.10
CA LEU B 283 39.58 -0.25 1.19
C LEU B 283 38.08 -0.48 0.95
N SER B 284 37.79 -1.53 0.22
CA SER B 284 36.40 -2.10 0.09
C SER B 284 36.51 -3.64 -0.03
N VAL B 285 35.43 -4.32 0.42
CA VAL B 285 35.36 -5.80 0.28
C VAL B 285 34.39 -6.15 -0.85
N PRO B 286 34.61 -7.26 -1.57
CA PRO B 286 33.62 -7.71 -2.56
C PRO B 286 32.30 -8.04 -1.84
N GLU B 287 31.18 -7.99 -2.60
CA GLU B 287 29.82 -8.19 -1.97
C GLU B 287 28.87 -8.86 -2.98
N PHE B 288 27.84 -9.48 -2.38
CA PHE B 288 26.75 -10.23 -3.07
C PHE B 288 27.28 -11.55 -3.62
N PRO B 289 27.59 -12.53 -2.71
CA PRO B 289 28.04 -13.88 -3.17
C PRO B 289 26.89 -14.61 -3.87
N THR B 290 27.25 -15.40 -4.90
CA THR B 290 26.26 -16.11 -5.74
C THR B 290 26.55 -17.62 -5.95
N ASP B 291 27.58 -18.17 -5.33
CA ASP B 291 27.84 -19.61 -5.43
C ASP B 291 27.46 -20.34 -4.15
N SER B 292 27.73 -21.65 -4.10
CA SER B 292 27.42 -22.57 -2.99
CA SER B 292 27.37 -22.51 -2.94
C SER B 292 28.51 -22.59 -1.91
N LYS B 293 29.56 -21.78 -2.06
CA LYS B 293 30.74 -21.80 -1.18
C LYS B 293 31.15 -20.38 -0.75
N ASN B 294 30.17 -19.53 -0.50
CA ASN B 294 30.36 -18.21 0.15
C ASN B 294 31.18 -17.25 -0.76
N GLY B 295 31.22 -17.44 -2.08
CA GLY B 295 32.00 -16.62 -3.01
C GLY B 295 31.30 -16.28 -4.31
N SER B 296 32.05 -15.95 -5.37
CA SER B 296 31.54 -15.50 -6.69
C SER B 296 30.70 -14.23 -6.53
N PHE B 297 31.33 -13.18 -6.09
CA PHE B 297 30.66 -11.90 -5.78
C PHE B 297 30.25 -11.10 -7.02
N LEU B 298 29.08 -10.45 -6.97
CA LEU B 298 28.66 -9.56 -8.10
C LEU B 298 29.46 -8.24 -8.10
N PHE B 299 29.83 -7.69 -6.92
CA PHE B 299 30.64 -6.47 -6.84
C PHE B 299 32.07 -6.74 -6.32
N PRO B 300 33.09 -6.14 -6.96
CA PRO B 300 34.48 -6.40 -6.58
C PRO B 300 34.96 -5.56 -5.38
N GLY B 301 36.05 -5.99 -4.74
CA GLY B 301 36.74 -5.25 -3.67
C GLY B 301 38.24 -5.13 -3.94
N GLY B 302 38.92 -4.42 -3.02
CA GLY B 302 40.37 -4.16 -3.24
C GLY B 302 40.88 -3.07 -2.33
N TYR B 303 42.22 -2.89 -2.47
CA TYR B 303 43.00 -1.92 -1.64
C TYR B 303 43.81 -1.01 -2.59
N ILE B 304 43.57 0.30 -2.46
CA ILE B 304 44.33 1.37 -3.17
C ILE B 304 45.26 2.09 -2.21
N GLU B 305 46.55 2.21 -2.60
N GLU B 305 46.54 2.21 -2.61
CA GLU B 305 47.60 2.88 -1.80
CA GLU B 305 47.53 2.94 -1.81
C GLU B 305 48.08 4.14 -2.53
C GLU B 305 48.05 4.16 -2.54
N ASN B 306 48.18 5.27 -1.82
CA ASN B 306 48.65 6.57 -2.32
CA ASN B 306 48.75 6.51 -2.41
C ASN B 306 47.95 6.94 -3.64
N ALA B 307 46.62 6.74 -3.63
CA ALA B 307 45.69 7.18 -4.71
C ALA B 307 46.06 6.61 -6.07
N ASP B 308 46.79 5.48 -6.12
CA ASP B 308 47.25 4.91 -7.43
C ASP B 308 46.29 3.78 -7.82
N LEU B 309 45.32 4.09 -8.64
CA LEU B 309 44.35 3.08 -9.13
C LEU B 309 45.08 2.02 -10.00
N SER B 310 46.12 2.42 -10.73
CA SER B 310 46.77 1.54 -11.72
C SER B 310 47.48 0.35 -11.08
N SER B 311 47.88 0.47 -9.79
CA SER B 311 48.59 -0.63 -9.10
C SER B 311 47.85 -1.12 -7.85
N TYR B 312 46.53 -1.06 -7.85
CA TYR B 312 45.76 -1.53 -6.68
C TYR B 312 45.85 -3.05 -6.55
N ARG B 313 45.49 -3.52 -5.33
CA ARG B 313 45.47 -4.97 -5.02
C ARG B 313 44.00 -5.46 -4.99
N PRO B 314 43.59 -6.35 -5.92
CA PRO B 314 42.24 -6.95 -5.86
C PRO B 314 42.02 -7.78 -4.59
N ILE B 315 40.78 -7.79 -4.09
CA ILE B 315 40.30 -8.71 -3.05
C ILE B 315 39.06 -9.40 -3.60
N THR B 316 39.12 -10.74 -3.76
CA THR B 316 38.06 -11.56 -4.38
C THR B 316 37.44 -12.58 -3.40
N SER B 317 37.94 -12.65 -2.17
CA SER B 317 37.51 -13.66 -1.15
C SER B 317 37.35 -13.01 0.24
N HIS B 318 36.33 -13.44 0.98
CA HIS B 318 36.16 -13.04 2.37
C HIS B 318 37.10 -13.82 3.31
N SER B 319 37.89 -14.78 2.78
CA SER B 319 38.93 -15.50 3.56
C SER B 319 40.35 -15.00 3.23
N ASP B 320 40.51 -13.94 2.49
CA ASP B 320 41.81 -13.33 2.07
C ASP B 320 42.72 -13.08 3.29
N GLU B 321 43.81 -13.83 3.39
CA GLU B 321 44.73 -13.76 4.57
C GLU B 321 45.46 -12.41 4.63
N TYR B 322 45.73 -11.80 3.48
CA TYR B 322 46.38 -10.48 3.46
C TYR B 322 45.47 -9.40 4.07
N LEU B 323 44.17 -9.43 3.74
CA LEU B 323 43.16 -8.51 4.33
C LEU B 323 43.07 -8.78 5.83
N ILE B 324 42.90 -10.06 6.21
CA ILE B 324 42.68 -10.43 7.63
C ILE B 324 43.86 -9.97 8.53
N LYS B 325 45.10 -10.24 8.10
CA LYS B 325 46.32 -10.02 8.91
C LYS B 325 46.61 -8.51 9.04
N GLY B 326 46.16 -7.65 8.10
CA GLY B 326 46.52 -6.23 8.17
C GLY B 326 45.73 -5.40 9.16
N ILE B 327 44.56 -5.82 9.63
CA ILE B 327 43.62 -4.95 10.42
C ILE B 327 44.02 -4.96 11.90
N GLN B 328 44.20 -3.74 12.44
CA GLN B 328 44.40 -3.54 13.90
C GLN B 328 43.63 -2.28 14.36
N GLU B 329 43.42 -2.19 15.70
CA GLU B 329 42.87 -0.94 16.26
C GLU B 329 43.70 -0.52 17.51
N SER B 330 43.83 0.81 17.66
CA SER B 330 44.51 1.38 18.82
C SER B 330 43.54 2.25 19.64
N ALA B 331 43.79 2.34 20.96
CA ALA B 331 43.06 3.22 21.88
C ALA B 331 43.97 4.28 22.55
N LYS B 332 45.09 4.64 21.94
CA LYS B 332 45.99 5.67 22.54
C LYS B 332 45.19 6.98 22.86
N HIS B 333 44.41 7.47 21.89
CA HIS B 333 43.63 8.72 22.07
C HIS B 333 42.14 8.45 22.27
N SER B 334 41.79 7.26 22.70
CA SER B 334 40.40 6.85 22.96
C SER B 334 40.21 6.52 24.48
N TRP B 335 39.00 6.51 24.99
CA TRP B 335 38.73 6.21 26.40
C TRP B 335 38.73 4.71 26.75
N TYR B 336 39.79 3.97 26.37
CA TYR B 336 39.97 2.56 26.78
C TYR B 336 41.39 2.43 27.34
N LYS B 337 41.60 1.35 28.09
CA LYS B 337 42.84 1.17 28.87
C LYS B 337 43.98 0.71 27.97
N ASP B 338 43.82 -0.36 27.19
CA ASP B 338 44.98 -0.95 26.44
C ASP B 338 45.20 -0.19 25.12
N GLU B 339 46.40 0.43 24.96
CA GLU B 339 46.64 1.42 23.89
C GLU B 339 47.35 0.88 22.66
N ALA B 340 48.20 -0.13 22.78
CA ALA B 340 49.01 -0.61 21.63
C ALA B 340 48.07 -1.21 20.59
N PRO B 341 48.43 -1.14 19.28
CA PRO B 341 47.53 -1.72 18.26
C PRO B 341 47.23 -3.20 18.54
N GLN B 342 45.96 -3.56 18.34
CA GLN B 342 45.42 -4.94 18.65
C GLN B 342 44.76 -5.50 17.39
N ALA B 343 45.16 -6.71 17.02
CA ALA B 343 44.39 -7.53 16.05
C ALA B 343 43.02 -7.86 16.69
N PRO B 344 41.87 -7.81 15.96
CA PRO B 344 40.57 -7.92 16.63
C PRO B 344 40.30 -9.27 17.34
N TRP B 345 40.88 -10.40 16.88
CA TRP B 345 40.70 -11.66 17.60
C TRP B 345 41.34 -11.58 19.02
N GLU B 346 42.30 -10.66 19.26
CA GLU B 346 42.97 -10.43 20.53
C GLU B 346 42.55 -9.09 21.15
N GLY B 347 41.45 -8.51 20.65
CA GLY B 347 41.08 -7.18 21.14
C GLY B 347 40.49 -7.18 22.55
N THR B 348 40.66 -6.03 23.20
CA THR B 348 39.98 -5.71 24.45
C THR B 348 39.17 -4.42 24.30
N THR B 349 38.19 -4.23 25.19
CA THR B 349 37.39 -3.01 25.16
C THR B 349 37.15 -2.60 26.64
N ILE B 350 38.20 -2.15 27.34
CA ILE B 350 38.19 -1.88 28.80
C ILE B 350 38.00 -0.39 29.00
N PRO B 351 36.80 0.11 29.44
CA PRO B 351 36.61 1.56 29.52
C PRO B 351 37.57 2.23 30.51
N ALA B 352 38.00 3.47 30.18
CA ALA B 352 38.96 4.25 30.99
C ALA B 352 38.69 5.75 30.74
N TYR B 353 37.48 6.21 31.05
CA TYR B 353 37.11 7.64 30.83
C TYR B 353 37.87 8.50 31.85
N ASP B 354 38.49 9.56 31.36
CA ASP B 354 39.21 10.55 32.14
C ASP B 354 38.97 11.97 31.64
N GLY B 355 37.88 12.23 30.93
CA GLY B 355 37.57 13.57 30.41
C GLY B 355 38.36 13.90 29.13
N TRP B 356 38.06 15.04 28.54
CA TRP B 356 38.67 15.57 27.29
C TRP B 356 40.09 16.11 27.51
N SER B 357 41.02 15.67 26.67
CA SER B 357 42.35 16.32 26.54
C SER B 357 42.71 16.47 25.06
N ASP B 358 43.06 17.68 24.57
CA ASP B 358 43.48 17.87 23.17
C ASP B 358 44.60 16.91 22.76
N ASP B 359 45.57 16.64 23.65
CA ASP B 359 46.76 15.84 23.29
C ASP B 359 46.67 14.41 23.89
N GLY B 360 45.60 14.10 24.61
CA GLY B 360 45.40 12.81 25.27
C GLY B 360 44.19 12.08 24.70
N LYS B 361 43.28 11.62 25.58
CA LYS B 361 42.08 10.87 25.13
C LYS B 361 40.89 11.82 24.91
N TYR B 362 40.15 11.62 23.81
CA TYR B 362 39.05 12.55 23.48
C TYR B 362 37.83 11.91 22.78
N SER B 363 37.75 10.57 22.75
CA SER B 363 36.66 9.94 21.99
C SER B 363 36.43 8.49 22.47
N TRP B 364 35.16 8.02 22.32
CA TRP B 364 34.83 6.59 22.53
C TRP B 364 35.11 5.75 21.26
N VAL B 365 35.46 6.38 20.13
CA VAL B 365 35.82 5.63 18.88
C VAL B 365 37.29 5.14 18.97
N LYS B 366 37.56 3.88 18.60
CA LYS B 366 38.94 3.39 18.44
C LYS B 366 39.53 3.85 17.09
N SER B 367 40.86 3.65 16.92
CA SER B 367 41.62 4.12 15.75
C SER B 367 42.09 2.94 14.90
N PRO B 368 41.38 2.57 13.79
CA PRO B 368 41.79 1.41 12.98
C PRO B 368 42.92 1.77 11.99
N THR B 369 43.82 0.81 11.73
CA THR B 369 44.85 0.89 10.68
C THR B 369 44.90 -0.37 9.84
N PHE B 370 45.44 -0.26 8.66
CA PHE B 370 45.67 -1.39 7.75
C PHE B 370 47.20 -1.45 7.47
N TYR B 371 47.91 -2.45 8.00
CA TYR B 371 49.40 -2.51 8.00
C TYR B 371 49.99 -1.15 8.39
N GLY B 372 49.43 -0.56 9.46
CA GLY B 372 49.98 0.68 10.03
C GLY B 372 49.52 1.97 9.37
N LYS B 373 48.65 1.92 8.33
CA LYS B 373 48.25 3.15 7.60
C LYS B 373 46.77 3.53 7.92
N THR B 374 46.45 4.84 7.90
CA THR B 374 45.06 5.30 7.94
C THR B 374 44.41 5.07 6.56
N VAL B 375 43.14 4.74 6.58
CA VAL B 375 42.39 4.32 5.36
C VAL B 375 40.98 4.91 5.42
N GLU B 376 40.49 5.45 4.29
CA GLU B 376 39.05 5.80 4.12
C GLU B 376 38.30 4.58 3.55
N VAL B 377 37.09 4.33 4.13
CA VAL B 377 36.14 3.35 3.65
C VAL B 377 34.82 4.03 3.25
N GLY B 378 33.93 3.31 2.55
CA GLY B 378 32.65 3.84 2.12
C GLY B 378 32.52 4.05 0.63
N PRO B 379 31.44 4.75 0.20
CA PRO B 379 31.18 4.86 -1.24
C PRO B 379 32.28 5.46 -2.13
N LEU B 380 33.09 6.39 -1.60
CA LEU B 380 34.25 6.88 -2.43
C LEU B 380 35.28 5.74 -2.64
N ALA B 381 35.61 5.03 -1.56
CA ALA B 381 36.50 3.85 -1.70
C ALA B 381 35.94 2.82 -2.68
N ASN B 382 34.64 2.51 -2.50
CA ASN B 382 33.96 1.47 -3.29
C ASN B 382 33.98 1.85 -4.80
N MET B 383 33.66 3.12 -5.09
CA MET B 383 33.66 3.56 -6.51
C MET B 383 35.10 3.50 -7.06
N LEU B 384 36.11 4.06 -6.34
CA LEU B 384 37.48 4.07 -6.85
C LEU B 384 37.98 2.64 -7.14
N VAL B 385 37.70 1.68 -6.23
CA VAL B 385 38.10 0.27 -6.45
C VAL B 385 37.45 -0.35 -7.68
N LYS B 386 36.15 -0.08 -7.88
CA LYS B 386 35.47 -0.56 -9.10
C LYS B 386 36.07 0.10 -10.38
N LEU B 387 36.43 1.38 -10.35
CA LEU B 387 37.10 1.99 -11.54
C LEU B 387 38.48 1.34 -11.74
N ALA B 388 39.20 1.08 -10.64
CA ALA B 388 40.54 0.44 -10.74
C ALA B 388 40.40 -0.98 -11.35
N ALA B 389 39.30 -1.66 -11.03
CA ALA B 389 39.04 -3.03 -11.54
C ALA B 389 38.64 -2.98 -13.04
N GLY B 390 38.34 -1.82 -13.60
CA GLY B 390 37.81 -1.76 -15.00
C GLY B 390 36.36 -2.18 -15.16
N ARG B 391 35.56 -2.02 -14.08
CA ARG B 391 34.15 -2.40 -14.12
C ARG B 391 33.37 -1.46 -15.04
N GLU B 392 32.90 -1.97 -16.19
CA GLU B 392 32.22 -1.12 -17.19
C GLU B 392 30.93 -0.47 -16.64
N SER B 393 30.19 -1.20 -15.83
CA SER B 393 28.93 -0.67 -15.27
CA SER B 393 28.93 -0.66 -15.28
C SER B 393 29.20 0.61 -14.46
N THR B 394 30.28 0.58 -13.67
CA THR B 394 30.63 1.73 -12.80
C THR B 394 31.12 2.93 -13.64
N GLN B 395 32.02 2.65 -14.60
N GLN B 395 32.02 2.68 -14.61
CA GLN B 395 32.53 3.64 -15.59
CA GLN B 395 32.50 3.77 -15.49
C GLN B 395 31.31 4.34 -16.26
C GLN B 395 31.30 4.38 -16.26
N ASN B 396 30.37 3.54 -16.76
CA ASN B 396 29.24 4.06 -17.56
C ASN B 396 28.32 4.90 -16.66
N LYS B 397 28.09 4.48 -15.42
CA LYS B 397 27.21 5.22 -14.50
C LYS B 397 27.83 6.59 -14.15
N LEU B 398 29.11 6.57 -13.75
CA LEU B 398 29.85 7.86 -13.47
C LEU B 398 29.76 8.76 -14.71
N ASN B 399 29.97 8.19 -15.90
CA ASN B 399 29.93 8.99 -17.14
C ASN B 399 28.54 9.65 -17.36
N GLU B 400 27.44 8.99 -16.92
CA GLU B 400 26.11 9.61 -17.09
C GLU B 400 25.96 10.86 -16.18
N ILE B 401 26.51 10.79 -14.95
CA ILE B 401 26.55 11.95 -14.01
C ILE B 401 27.43 13.03 -14.63
N VAL B 402 28.60 12.65 -15.16
CA VAL B 402 29.52 13.71 -15.71
C VAL B 402 28.86 14.40 -16.96
N ALA B 403 28.12 13.65 -17.78
CA ALA B 403 27.43 14.21 -18.96
C ALA B 403 26.42 15.30 -18.55
N ILE B 404 25.64 15.08 -17.48
CA ILE B 404 24.70 16.14 -17.03
C ILE B 404 25.49 17.35 -16.50
N TYR B 405 26.51 17.10 -15.67
CA TYR B 405 27.41 18.17 -15.18
C TYR B 405 28.00 18.98 -16.36
N GLN B 406 28.44 18.29 -17.42
CA GLN B 406 29.05 18.95 -18.63
C GLN B 406 27.99 19.76 -19.40
N LYS B 407 26.72 19.29 -19.42
CA LYS B 407 25.67 20.06 -20.12
C LYS B 407 25.44 21.40 -19.35
N LEU B 408 25.54 21.40 -18.02
CA LEU B 408 25.22 22.60 -17.21
C LEU B 408 26.43 23.56 -17.11
N THR B 409 27.68 23.07 -17.09
CA THR B 409 28.89 23.88 -16.77
C THR B 409 29.83 24.08 -18.00
N GLY B 410 29.74 23.21 -19.02
CA GLY B 410 30.75 23.12 -20.10
C GLY B 410 32.04 22.37 -19.76
N ASN B 411 32.16 21.83 -18.56
CA ASN B 411 33.40 21.16 -18.07
C ASN B 411 33.16 19.66 -17.78
N THR B 412 34.21 18.87 -17.86
CA THR B 412 34.22 17.45 -17.48
C THR B 412 34.72 17.31 -16.02
N LEU B 413 34.76 16.09 -15.51
CA LEU B 413 35.34 15.72 -14.20
C LEU B 413 36.44 14.72 -14.47
N GLU B 414 37.59 14.92 -13.83
CA GLU B 414 38.68 13.95 -13.85
C GLU B 414 38.66 13.14 -12.54
N VAL B 415 39.29 11.98 -12.53
CA VAL B 415 39.38 11.16 -11.29
C VAL B 415 40.02 11.96 -10.11
N ALA B 416 41.01 12.80 -10.36
CA ALA B 416 41.69 13.60 -9.30
C ALA B 416 40.64 14.41 -8.49
N GLN B 417 39.60 14.90 -9.20
CA GLN B 417 38.55 15.75 -8.57
C GLN B 417 37.58 14.88 -7.72
N LEU B 418 37.63 13.54 -7.79
CA LEU B 418 36.76 12.68 -6.99
C LEU B 418 37.28 12.53 -5.53
N HIS B 419 38.57 12.89 -5.28
CA HIS B 419 39.11 12.77 -3.89
C HIS B 419 38.72 14.04 -3.12
N SER B 420 37.45 14.14 -2.77
CA SER B 420 36.83 15.39 -2.32
C SER B 420 35.47 15.15 -1.69
N THR B 421 34.94 16.19 -1.03
CA THR B 421 33.56 16.15 -0.48
C THR B 421 32.50 15.76 -1.57
N LEU B 422 32.54 16.43 -2.74
CA LEU B 422 31.55 16.06 -3.76
C LEU B 422 31.85 14.69 -4.39
N GLY B 423 33.12 14.30 -4.53
CA GLY B 423 33.41 12.94 -5.06
C GLY B 423 32.81 11.84 -4.19
N ARG B 424 32.83 12.02 -2.86
CA ARG B 424 32.25 11.08 -1.89
C ARG B 424 30.72 10.96 -2.11
N ILE B 425 30.03 12.10 -2.26
CA ILE B 425 28.61 12.12 -2.57
C ILE B 425 28.34 11.40 -3.92
N ILE B 426 29.12 11.67 -4.94
CA ILE B 426 28.96 11.00 -6.24
C ILE B 426 29.13 9.48 -6.10
N GLY B 427 30.11 9.02 -5.37
CA GLY B 427 30.31 7.58 -5.21
C GLY B 427 29.08 6.88 -4.61
N ARG B 428 28.44 7.56 -3.65
CA ARG B 428 27.21 7.04 -2.98
C ARG B 428 26.03 6.95 -3.99
N THR B 429 25.84 8.00 -4.78
CA THR B 429 24.80 7.94 -5.84
C THR B 429 25.08 6.81 -6.90
N VAL B 430 26.33 6.71 -7.34
CA VAL B 430 26.70 5.62 -8.31
C VAL B 430 26.31 4.26 -7.70
N HIS B 431 26.65 4.03 -6.43
CA HIS B 431 26.31 2.78 -5.72
C HIS B 431 24.82 2.54 -5.76
N CYS B 432 24.02 3.53 -5.32
CA CYS B 432 22.55 3.40 -5.31
C CYS B 432 22.02 3.00 -6.71
N CYS B 433 22.53 3.63 -7.78
CA CYS B 433 22.10 3.31 -9.16
C CYS B 433 22.46 1.82 -9.52
N GLU B 434 23.69 1.41 -9.28
CA GLU B 434 24.10 0.04 -9.65
C GLU B 434 23.35 -1.02 -8.83
N LEU B 435 22.90 -0.71 -7.62
CA LEU B 435 22.16 -1.68 -6.81
C LEU B 435 20.78 -2.07 -7.42
N GLN B 436 20.22 -1.26 -8.32
CA GLN B 436 18.91 -1.60 -8.89
C GLN B 436 19.10 -2.83 -9.82
N ASP B 437 20.21 -2.93 -10.54
CA ASP B 437 20.40 -4.16 -11.36
CA ASP B 437 20.52 -4.12 -11.36
C ASP B 437 20.79 -5.34 -10.48
N ILE B 438 21.44 -5.14 -9.33
CA ILE B 438 21.65 -6.26 -8.36
C ILE B 438 20.27 -6.88 -7.98
N LEU B 439 19.30 -6.03 -7.63
CA LEU B 439 17.95 -6.50 -7.26
C LEU B 439 17.35 -7.35 -8.39
N GLN B 440 17.35 -6.80 -9.64
CA GLN B 440 16.74 -7.56 -10.76
C GLN B 440 17.46 -8.90 -10.96
N ASN B 441 18.80 -8.83 -10.92
CA ASN B 441 19.62 -10.06 -11.15
C ASN B 441 19.29 -11.15 -10.13
N GLN B 442 19.25 -10.78 -8.81
CA GLN B 442 19.08 -11.79 -7.75
C GLN B 442 17.63 -12.27 -7.63
N TYR B 443 16.63 -11.42 -7.88
CA TYR B 443 15.24 -11.89 -7.99
C TYR B 443 15.15 -12.97 -9.10
N SER B 444 15.68 -12.68 -10.29
CA SER B 444 15.65 -13.66 -11.42
CA SER B 444 15.64 -13.66 -11.42
C SER B 444 16.40 -14.95 -11.04
N ALA B 445 17.56 -14.84 -10.40
CA ALA B 445 18.36 -16.05 -10.00
C ALA B 445 17.52 -16.93 -9.03
N LEU B 446 16.81 -16.31 -8.06
CA LEU B 446 16.00 -17.07 -7.09
C LEU B 446 14.84 -17.81 -7.81
N ILE B 447 14.08 -17.09 -8.66
CA ILE B 447 12.98 -17.75 -9.44
C ILE B 447 13.52 -18.95 -10.24
N THR B 448 14.61 -18.73 -10.96
CA THR B 448 15.22 -19.80 -11.80
C THR B 448 15.63 -21.02 -10.94
N ASN B 449 16.34 -20.77 -9.83
CA ASN B 449 16.83 -21.86 -8.98
C ASN B 449 15.69 -22.66 -8.38
N ILE B 450 14.65 -21.99 -7.88
CA ILE B 450 13.47 -22.72 -7.34
C ILE B 450 12.85 -23.59 -8.46
N GLY B 451 12.82 -23.09 -9.72
CA GLY B 451 12.28 -23.84 -10.87
C GLY B 451 13.11 -25.11 -11.21
N LYS B 452 14.38 -25.14 -10.82
CA LYS B 452 15.19 -26.38 -11.03
C LYS B 452 14.93 -27.41 -9.92
N GLY B 453 14.12 -27.10 -8.90
CA GLY B 453 13.83 -28.02 -7.81
C GLY B 453 14.59 -27.80 -6.56
N ASP B 454 15.39 -26.74 -6.44
CA ASP B 454 16.15 -26.49 -5.19
C ASP B 454 15.32 -25.54 -4.29
N HIS B 455 14.78 -26.11 -3.19
CA HIS B 455 14.06 -25.34 -2.14
C HIS B 455 14.86 -25.24 -0.84
N THR B 456 16.16 -25.59 -0.90
CA THR B 456 16.98 -25.62 0.33
C THR B 456 17.38 -24.19 0.80
N THR B 457 17.37 -23.99 2.14
CA THR B 457 17.59 -22.66 2.79
C THR B 457 18.48 -22.69 4.02
N PHE B 458 18.71 -23.83 4.62
CA PHE B 458 19.34 -23.91 5.97
C PHE B 458 20.16 -25.18 6.15
N VAL B 459 21.38 -25.02 6.65
CA VAL B 459 22.36 -26.07 7.07
C VAL B 459 22.47 -26.00 8.63
N LYS B 460 21.93 -26.98 9.37
CA LYS B 460 21.99 -26.93 10.83
C LYS B 460 23.43 -27.05 11.36
N PRO B 461 23.95 -26.07 12.17
CA PRO B 461 25.30 -26.12 12.72
C PRO B 461 25.45 -27.21 13.80
N ASN B 462 26.69 -27.71 13.92
CA ASN B 462 27.18 -28.30 15.17
C ASN B 462 28.33 -27.43 15.70
N ILE B 463 28.37 -27.29 17.03
CA ILE B 463 29.37 -26.41 17.71
C ILE B 463 30.09 -27.25 18.76
N PRO B 464 31.37 -27.64 18.49
CA PRO B 464 32.16 -28.45 19.45
C PRO B 464 32.09 -27.83 20.86
N ALA B 465 31.96 -28.72 21.86
CA ALA B 465 31.85 -28.33 23.28
C ALA B 465 33.18 -28.04 23.96
N THR B 466 34.29 -28.35 23.27
CA THR B 466 35.66 -28.09 23.69
C THR B 466 36.43 -27.48 22.52
N GLY B 467 37.64 -27.01 22.80
CA GLY B 467 38.46 -26.37 21.78
C GLY B 467 38.19 -24.87 21.66
N GLU B 468 39.11 -24.18 21.00
CA GLU B 468 39.02 -22.72 20.83
C GLU B 468 39.27 -22.47 19.36
N PHE B 469 38.32 -21.76 18.72
CA PHE B 469 38.39 -21.49 17.29
C PHE B 469 37.80 -20.09 16.93
N LYS B 470 38.19 -19.58 15.73
CA LYS B 470 38.05 -18.13 15.37
C LYS B 470 37.38 -18.00 13.99
N GLY B 471 36.58 -16.93 13.86
CA GLY B 471 35.97 -16.59 12.56
C GLY B 471 35.84 -15.12 12.34
N VAL B 472 35.71 -14.68 11.08
CA VAL B 472 35.53 -13.26 10.72
C VAL B 472 34.49 -13.16 9.59
N GLY B 473 33.54 -12.24 9.73
CA GLY B 473 32.51 -12.01 8.71
C GLY B 473 32.68 -10.57 8.15
N PHE B 474 32.95 -10.49 6.84
CA PHE B 474 33.08 -9.22 6.10
C PHE B 474 31.77 -8.86 5.42
N LEU B 475 31.50 -7.55 5.24
CA LEU B 475 30.31 -7.08 4.51
C LEU B 475 30.55 -5.66 4.00
N GLU B 476 30.16 -5.36 2.75
CA GLU B 476 30.29 -3.97 2.22
C GLU B 476 28.96 -3.25 2.55
N ALA B 477 28.99 -2.51 3.69
CA ALA B 477 27.82 -1.82 4.21
C ALA B 477 27.63 -0.49 3.48
N PRO B 478 26.47 0.18 3.72
CA PRO B 478 26.25 1.49 3.09
C PRO B 478 27.34 2.57 3.38
N LYS B 479 27.94 2.50 4.60
CA LYS B 479 29.02 3.42 5.00
C LYS B 479 30.41 2.83 4.75
N GLY B 480 30.54 1.56 4.27
CA GLY B 480 31.83 0.96 3.90
C GLY B 480 32.06 -0.41 4.53
N MET B 481 33.32 -0.85 4.42
CA MET B 481 33.72 -2.22 4.86
C MET B 481 33.42 -2.37 6.38
N LEU B 482 32.68 -3.42 6.70
CA LEU B 482 32.30 -3.88 8.06
C LEU B 482 32.91 -5.24 8.32
N SER B 483 33.44 -5.50 9.54
CA SER B 483 33.91 -6.83 9.95
C SER B 483 33.53 -7.11 11.41
N HIS B 484 33.02 -8.32 11.64
CA HIS B 484 32.72 -8.86 12.98
C HIS B 484 33.67 -10.05 13.22
N TRP B 485 34.30 -10.09 14.38
CA TRP B 485 35.38 -11.03 14.75
C TRP B 485 34.97 -11.83 15.99
N MET B 486 34.74 -13.16 15.84
CA MET B 486 34.22 -13.99 16.95
C MET B 486 35.30 -15.05 17.32
N VAL B 487 35.55 -15.17 18.61
CA VAL B 487 36.32 -16.32 19.17
C VAL B 487 35.35 -17.18 19.99
N ILE B 488 35.37 -18.48 19.74
CA ILE B 488 34.52 -19.47 20.46
C ILE B 488 35.44 -20.32 21.35
N LYS B 489 35.12 -20.52 22.64
CA LYS B 489 35.91 -21.40 23.52
C LYS B 489 34.91 -22.22 24.34
N ASP B 490 35.05 -23.54 24.32
CA ASP B 490 34.11 -24.44 25.04
C ASP B 490 32.64 -24.13 24.72
N GLY B 491 32.38 -23.87 23.44
CA GLY B 491 31.02 -23.73 22.90
C GLY B 491 30.36 -22.35 23.05
N ILE B 492 31.01 -21.39 23.69
CA ILE B 492 30.42 -20.04 23.93
C ILE B 492 31.40 -18.95 23.42
N ILE B 493 30.84 -17.76 23.24
CA ILE B 493 31.65 -16.63 22.73
C ILE B 493 32.62 -16.12 23.85
N SER B 494 33.92 -16.29 23.59
CA SER B 494 34.97 -15.82 24.53
C SER B 494 35.51 -14.43 24.17
N ASN B 495 35.42 -14.05 22.90
CA ASN B 495 35.76 -12.66 22.47
C ASN B 495 34.81 -12.28 21.34
N TYR B 496 34.42 -11.01 21.28
CA TYR B 496 33.62 -10.48 20.16
C TYR B 496 34.12 -9.05 19.90
N GLN B 497 34.54 -8.73 18.69
CA GLN B 497 35.01 -7.39 18.33
C GLN B 497 34.38 -7.00 16.98
N ALA B 498 33.76 -5.84 16.94
CA ALA B 498 33.23 -5.23 15.70
C ALA B 498 34.17 -4.08 15.29
N VAL B 499 34.59 -4.06 14.01
CA VAL B 499 35.40 -2.96 13.43
C VAL B 499 34.50 -2.39 12.31
N VAL B 500 33.93 -1.20 12.51
CA VAL B 500 32.76 -0.73 11.76
C VAL B 500 33.18 0.40 10.80
N PRO B 501 32.54 0.63 9.62
CA PRO B 501 33.10 1.61 8.69
C PRO B 501 33.25 3.00 9.27
N SER B 502 32.29 3.51 10.07
CA SER B 502 32.45 4.84 10.69
C SER B 502 33.59 4.83 11.74
N THR B 503 33.99 3.66 12.28
CA THR B 503 35.17 3.60 13.15
C THR B 503 36.42 4.01 12.35
N TRP B 504 36.63 3.42 11.13
CA TRP B 504 37.76 3.78 10.25
C TRP B 504 37.76 5.28 9.97
N ASN B 505 36.62 5.85 9.64
CA ASN B 505 36.58 7.25 9.14
C ASN B 505 36.61 8.28 10.28
N SER B 506 35.90 8.02 11.38
CA SER B 506 35.70 8.96 12.50
C SER B 506 36.72 8.82 13.64
N GLY B 507 37.51 7.73 13.65
CA GLY B 507 38.43 7.49 14.79
C GLY B 507 39.41 8.63 15.02
N PRO B 508 39.85 8.80 16.28
CA PRO B 508 40.79 9.87 16.64
C PRO B 508 42.22 9.58 16.22
N ARG B 509 43.12 10.51 16.55
CA ARG B 509 44.55 10.30 16.28
C ARG B 509 44.98 8.92 16.82
N ASN B 510 45.90 8.25 16.07
CA ASN B 510 46.20 6.84 16.33
C ASN B 510 47.48 6.63 17.17
N PHE B 511 48.01 5.40 17.23
CA PHE B 511 49.18 5.12 18.10
C PHE B 511 50.42 5.95 17.71
N ASN B 512 50.52 6.32 16.43
CA ASN B 512 51.61 7.16 15.91
C ASN B 512 51.19 8.64 15.80
N ASP B 513 50.03 8.99 16.38
CA ASP B 513 49.48 10.36 16.36
C ASP B 513 49.06 10.76 14.95
N ASP B 514 48.89 9.82 14.00
CA ASP B 514 48.41 10.17 12.64
C ASP B 514 46.89 10.45 12.68
N VAL B 515 46.48 11.22 11.71
CA VAL B 515 45.14 11.78 11.63
C VAL B 515 44.29 10.89 10.69
N GLY B 516 43.10 10.55 11.10
CA GLY B 516 42.09 9.82 10.36
C GLY B 516 41.27 10.71 9.48
N PRO B 517 40.40 10.06 8.69
CA PRO B 517 39.74 10.77 7.58
C PRO B 517 38.92 12.00 7.94
N TYR B 518 38.00 11.94 8.94
CA TYR B 518 37.21 13.16 9.28
C TYR B 518 38.16 14.30 9.64
N GLU B 519 39.10 14.08 10.54
CA GLU B 519 40.01 15.15 11.04
C GLU B 519 40.89 15.70 9.92
N GLN B 520 41.40 14.81 9.06
CA GLN B 520 42.26 15.27 7.96
C GLN B 520 41.44 16.07 6.93
N SER B 521 40.21 15.62 6.61
CA SER B 521 39.32 16.27 5.61
C SER B 521 39.01 17.74 5.93
N LEU B 522 39.05 18.11 7.22
CA LEU B 522 38.66 19.47 7.62
C LEU B 522 39.81 20.48 7.48
N VAL B 523 41.06 20.06 7.48
CA VAL B 523 42.22 21.01 7.32
C VAL B 523 41.97 21.79 6.02
N GLY B 524 42.07 23.13 6.12
CA GLY B 524 41.86 23.98 4.93
C GLY B 524 40.43 24.47 4.66
N THR B 525 39.45 24.03 5.47
CA THR B 525 38.05 24.43 5.25
C THR B 525 37.90 25.94 5.51
N PRO B 526 37.38 26.75 4.55
CA PRO B 526 37.05 28.12 4.87
C PRO B 526 35.77 28.18 5.75
N VAL B 527 35.76 29.10 6.73
CA VAL B 527 34.62 29.33 7.64
C VAL B 527 34.27 30.81 7.60
N ALA B 528 33.20 31.17 6.86
CA ALA B 528 32.83 32.60 6.67
C ALA B 528 32.44 33.25 8.04
N ASP B 529 31.66 32.49 8.83
CA ASP B 529 31.11 32.92 10.12
C ASP B 529 31.40 31.85 11.18
N PRO B 530 32.41 32.04 12.05
CA PRO B 530 32.73 31.00 13.01
C PRO B 530 31.62 30.64 14.03
N ASN B 531 30.64 31.50 14.25
CA ASN B 531 29.45 31.20 15.05
C ASN B 531 28.50 30.20 14.33
N LYS B 532 28.59 30.10 13.00
CA LYS B 532 27.66 29.28 12.17
C LYS B 532 28.47 28.50 11.14
N PRO B 533 29.25 27.48 11.60
CA PRO B 533 30.27 26.81 10.74
C PRO B 533 29.68 25.74 9.76
N LEU B 534 28.78 26.21 8.89
CA LEU B 534 28.10 25.37 7.88
C LEU B 534 29.13 24.59 7.04
N GLU B 535 30.26 25.21 6.68
CA GLU B 535 31.25 24.59 5.77
C GLU B 535 31.83 23.30 6.40
N VAL B 536 32.02 23.34 7.74
CA VAL B 536 32.57 22.13 8.46
C VAL B 536 31.55 20.99 8.35
N VAL B 537 30.29 21.29 8.65
CA VAL B 537 29.20 20.30 8.62
C VAL B 537 29.02 19.69 7.22
N ARG B 538 29.18 20.54 6.17
CA ARG B 538 29.06 20.01 4.79
C ARG B 538 30.05 18.87 4.56
N THR B 539 31.33 19.06 4.91
CA THR B 539 32.35 18.00 4.70
C THR B 539 32.07 16.80 5.62
N ILE B 540 31.78 17.02 6.90
CA ILE B 540 31.53 15.86 7.80
C ILE B 540 30.31 15.00 7.30
N HIS B 541 29.21 15.68 6.91
CA HIS B 541 28.00 14.96 6.44
C HIS B 541 28.34 14.10 5.19
N SER B 542 29.30 14.49 4.38
CA SER B 542 29.60 13.74 3.15
C SER B 542 30.06 12.30 3.45
N PHE B 543 30.65 12.04 4.64
CA PHE B 543 31.03 10.71 5.13
C PHE B 543 29.86 9.86 5.67
N ASP B 544 28.68 10.48 5.81
CA ASP B 544 27.49 9.80 6.37
C ASP B 544 27.81 9.19 7.75
N PRO B 545 28.15 10.08 8.74
CA PRO B 545 28.49 9.58 10.09
C PRO B 545 27.40 8.72 10.74
N CYS B 546 27.84 7.62 11.37
CA CYS B 546 26.97 6.74 12.19
C CYS B 546 27.76 6.44 13.52
N MET B 547 27.37 7.14 14.62
CA MET B 547 28.23 7.03 15.84
C MET B 547 27.80 5.84 16.72
N ALA B 548 26.56 5.37 16.66
CA ALA B 548 26.18 4.07 17.27
C ALA B 548 27.04 2.95 16.62
N CYS B 549 27.15 2.99 15.29
CA CYS B 549 28.10 2.11 14.57
C CYS B 549 29.56 2.33 15.01
N ALA B 550 30.02 3.60 15.00
CA ALA B 550 31.47 3.85 15.20
C ALA B 550 31.93 3.31 16.56
N VAL B 551 31.10 3.49 17.61
CA VAL B 551 31.44 3.24 19.01
C VAL B 551 30.90 1.87 19.55
N HIS B 552 29.64 1.54 19.27
CA HIS B 552 28.98 0.32 19.75
C HIS B 552 29.19 0.10 21.29
N PRO C 8 7.52 -8.04 -27.25
CA PRO C 8 7.96 -9.53 -26.94
C PRO C 8 6.53 -10.11 -26.82
N GLN C 9 6.17 -11.28 -27.38
CA GLN C 9 4.74 -11.78 -27.38
C GLN C 9 4.28 -12.25 -25.99
N ARG C 10 3.04 -11.94 -25.66
CA ARG C 10 2.42 -12.20 -24.32
C ARG C 10 1.43 -13.36 -24.46
N PRO C 11 1.32 -14.20 -23.40
CA PRO C 11 0.45 -15.37 -23.48
C PRO C 11 -1.03 -14.94 -23.57
N PRO C 12 -1.81 -15.55 -24.53
CA PRO C 12 -3.21 -15.15 -24.73
C PRO C 12 -4.20 -15.77 -23.74
N VAL C 13 -5.22 -14.94 -23.43
CA VAL C 13 -6.31 -15.30 -22.49
C VAL C 13 -7.68 -14.91 -23.13
N ILE C 14 -8.65 -15.84 -23.01
CA ILE C 14 -10.09 -15.66 -23.46
C ILE C 14 -10.91 -15.75 -22.16
N TRP C 15 -11.73 -14.74 -21.87
CA TRP C 15 -12.59 -14.65 -20.65
C TRP C 15 -14.06 -14.58 -21.09
N ILE C 16 -14.86 -15.55 -20.68
CA ILE C 16 -16.28 -15.64 -21.01
C ILE C 16 -17.09 -15.63 -19.69
N GLY C 17 -18.06 -14.71 -19.58
CA GLY C 17 -19.03 -14.66 -18.45
C GLY C 17 -20.33 -15.34 -18.81
N ALA C 18 -20.84 -16.22 -17.90
CA ALA C 18 -22.11 -16.95 -18.13
C ALA C 18 -23.26 -16.36 -17.27
N GLN C 19 -23.58 -16.97 -16.12
CA GLN C 19 -24.52 -16.31 -15.15
C GLN C 19 -23.69 -15.66 -14.04
N GLU C 20 -22.90 -14.63 -14.41
CA GLU C 20 -21.98 -13.92 -13.49
C GLU C 20 -22.62 -12.63 -12.96
N CYS C 21 -22.13 -12.23 -11.75
CA CYS C 21 -22.51 -10.91 -11.20
C CYS C 21 -21.47 -9.81 -11.51
N THR C 22 -20.30 -10.21 -12.08
CA THR C 22 -19.13 -9.35 -12.48
C THR C 22 -18.18 -9.16 -11.29
N GLY C 23 -18.54 -9.63 -10.07
CA GLY C 23 -17.62 -9.51 -8.94
C GLY C 23 -16.25 -10.17 -9.14
N CYS C 24 -16.22 -11.28 -9.86
CA CYS C 24 -14.93 -11.97 -10.14
C CYS C 24 -14.01 -11.16 -11.05
N THR C 25 -14.52 -10.50 -12.09
CA THR C 25 -13.75 -9.47 -12.85
C THR C 25 -13.37 -8.27 -11.95
N GLU C 26 -14.31 -7.78 -11.14
CA GLU C 26 -14.05 -6.60 -10.30
C GLU C 26 -12.92 -6.92 -9.27
N SER C 27 -12.73 -8.16 -8.83
CA SER C 27 -11.61 -8.47 -7.89
C SER C 27 -10.28 -8.01 -8.53
N LEU C 28 -10.13 -8.09 -9.88
CA LEU C 28 -8.89 -7.69 -10.54
C LEU C 28 -8.58 -6.21 -10.32
N LEU C 29 -9.61 -5.36 -10.13
CA LEU C 29 -9.42 -3.90 -9.94
C LEU C 29 -8.89 -3.59 -8.50
N ARG C 30 -8.85 -4.58 -7.60
CA ARG C 30 -8.24 -4.40 -6.28
C ARG C 30 -6.81 -4.96 -6.26
N ALA C 31 -6.41 -5.74 -7.26
CA ALA C 31 -5.12 -6.43 -7.27
C ALA C 31 -3.93 -5.42 -7.30
N THR C 32 -2.80 -5.88 -6.75
CA THR C 32 -1.56 -5.08 -6.68
C THR C 32 -0.33 -5.75 -7.28
N HIS C 33 -0.40 -7.06 -7.58
CA HIS C 33 0.81 -7.83 -8.01
C HIS C 33 0.48 -9.00 -8.94
N PRO C 34 0.05 -8.69 -10.19
CA PRO C 34 0.06 -7.37 -10.83
C PRO C 34 -1.26 -6.57 -10.64
N THR C 35 -1.14 -5.25 -10.73
CA THR C 35 -2.30 -4.37 -11.00
C THR C 35 -2.98 -4.79 -12.32
N VAL C 36 -4.28 -4.43 -12.48
CA VAL C 36 -5.00 -4.80 -13.72
C VAL C 36 -4.32 -4.16 -14.94
N GLU C 37 -3.85 -2.92 -14.83
CA GLU C 37 -3.20 -2.30 -16.03
C GLU C 37 -1.91 -3.04 -16.39
N ASN C 38 -1.10 -3.46 -15.39
CA ASN C 38 0.11 -4.26 -15.69
C ASN C 38 -0.26 -5.65 -16.22
N LEU C 39 -1.34 -6.24 -15.68
CA LEU C 39 -1.81 -7.55 -16.24
C LEU C 39 -2.04 -7.42 -17.76
N VAL C 40 -2.80 -6.47 -18.18
CA VAL C 40 -3.26 -6.42 -19.61
C VAL C 40 -2.16 -5.86 -20.55
N LEU C 41 -1.25 -5.03 -20.06
CA LEU C 41 -0.18 -4.45 -20.90
C LEU C 41 1.12 -5.27 -20.87
N GLU C 42 1.41 -5.97 -19.78
CA GLU C 42 2.73 -6.67 -19.59
C GLU C 42 2.65 -8.19 -19.42
N THR C 43 1.72 -8.70 -18.62
CA THR C 43 1.69 -10.13 -18.18
C THR C 43 1.03 -11.05 -19.24
N ILE C 44 -0.12 -10.65 -19.74
CA ILE C 44 -0.95 -11.45 -20.70
C ILE C 44 -1.30 -10.58 -21.92
N SER C 45 -1.85 -11.22 -22.96
CA SER C 45 -2.68 -10.54 -23.98
C SER C 45 -4.12 -10.96 -23.74
N LEU C 46 -4.97 -10.04 -23.21
CA LEU C 46 -6.40 -10.31 -22.97
C LEU C 46 -7.14 -10.18 -24.32
N GLU C 47 -7.38 -11.31 -24.97
CA GLU C 47 -7.89 -11.33 -26.38
C GLU C 47 -9.42 -11.17 -26.44
N TYR C 48 -10.14 -11.45 -25.36
CA TYR C 48 -11.60 -11.31 -25.27
C TYR C 48 -11.97 -11.08 -23.81
N HIS C 49 -12.65 -9.96 -23.55
CA HIS C 49 -13.25 -9.66 -22.22
C HIS C 49 -14.28 -8.56 -22.44
N GLU C 50 -15.58 -8.90 -22.36
CA GLU C 50 -16.64 -7.93 -22.72
C GLU C 50 -16.68 -6.73 -21.78
N VAL C 51 -16.20 -6.79 -20.53
CA VAL C 51 -16.30 -5.61 -19.64
C VAL C 51 -15.41 -4.49 -20.12
N LEU C 52 -14.24 -4.79 -20.73
CA LEU C 52 -13.20 -3.77 -21.07
C LEU C 52 -13.01 -3.55 -22.57
N SER C 53 -13.59 -4.38 -23.44
CA SER C 53 -13.29 -4.39 -24.91
C SER C 53 -13.75 -3.09 -25.58
N ALA C 54 -12.90 -2.44 -26.38
CA ALA C 54 -13.27 -1.31 -27.28
C ALA C 54 -14.39 -1.73 -28.25
N ALA C 55 -14.19 -2.84 -28.94
CA ALA C 55 -15.14 -3.35 -29.95
C ALA C 55 -16.38 -3.94 -29.26
N PHE C 56 -17.53 -3.85 -29.93
CA PHE C 56 -18.84 -4.44 -29.53
C PHE C 56 -19.46 -5.27 -30.68
N GLY C 57 -20.56 -5.94 -30.34
CA GLY C 57 -21.42 -6.54 -31.37
C GLY C 57 -20.68 -7.44 -32.37
N HIS C 58 -20.95 -7.24 -33.68
CA HIS C 58 -20.34 -8.10 -34.71
C HIS C 58 -18.83 -8.01 -34.71
N GLN C 59 -18.25 -6.81 -34.47
CA GLN C 59 -16.75 -6.63 -34.47
C GLN C 59 -16.18 -7.53 -33.35
N VAL C 60 -16.81 -7.53 -32.17
CA VAL C 60 -16.14 -8.25 -31.04
C VAL C 60 -16.34 -9.76 -31.21
N GLU C 61 -17.43 -10.19 -31.86
CA GLU C 61 -17.57 -11.65 -32.16
C GLU C 61 -16.57 -12.10 -33.25
N GLU C 62 -16.27 -11.23 -34.25
CA GLU C 62 -15.19 -11.42 -35.29
C GLU C 62 -13.86 -11.63 -34.53
N ASN C 63 -13.60 -10.75 -33.58
CA ASN C 63 -12.31 -10.76 -32.81
C ASN C 63 -12.17 -12.06 -32.03
N LYS C 64 -13.24 -12.55 -31.43
CA LYS C 64 -13.19 -13.82 -30.66
C LYS C 64 -12.85 -14.99 -31.63
N HIS C 65 -13.55 -15.06 -32.76
CA HIS C 65 -13.33 -16.13 -33.76
C HIS C 65 -11.86 -16.10 -34.20
N ASN C 66 -11.36 -14.93 -34.56
CA ASN C 66 -9.98 -14.81 -35.13
C ASN C 66 -8.99 -15.30 -34.03
N ALA C 67 -9.22 -14.94 -32.74
CA ALA C 67 -8.28 -15.29 -31.64
C ALA C 67 -8.31 -16.81 -31.38
N LEU C 68 -9.50 -17.42 -31.43
CA LEU C 68 -9.61 -18.89 -31.17
C LEU C 68 -8.85 -19.66 -32.26
N GLU C 69 -8.82 -19.12 -33.48
CA GLU C 69 -8.05 -19.71 -34.59
C GLU C 69 -6.53 -19.45 -34.51
N LYS C 70 -6.17 -18.18 -34.33
CA LYS C 70 -4.74 -17.79 -34.32
C LYS C 70 -4.04 -18.57 -33.20
N TYR C 71 -4.68 -18.62 -32.01
CA TYR C 71 -4.06 -19.09 -30.75
C TYR C 71 -4.50 -20.53 -30.38
N LYS C 72 -5.05 -21.30 -31.32
CA LYS C 72 -5.53 -22.68 -31.02
C LYS C 72 -4.36 -23.46 -30.37
N GLY C 73 -4.67 -24.11 -29.25
CA GLY C 73 -3.78 -24.91 -28.38
C GLY C 73 -2.93 -24.09 -27.42
N GLN C 74 -3.03 -22.74 -27.42
CA GLN C 74 -2.10 -21.84 -26.67
C GLN C 74 -2.80 -21.04 -25.57
N TYR C 75 -4.09 -20.77 -25.66
CA TYR C 75 -4.72 -19.76 -24.76
C TYR C 75 -5.24 -20.38 -23.47
N VAL C 76 -5.31 -19.57 -22.42
CA VAL C 76 -6.01 -19.94 -21.14
C VAL C 76 -7.46 -19.43 -21.26
N LEU C 77 -8.43 -20.34 -21.07
CA LEU C 77 -9.87 -19.99 -21.07
C LEU C 77 -10.25 -19.79 -19.57
N VAL C 78 -10.91 -18.65 -19.27
CA VAL C 78 -11.43 -18.34 -17.91
C VAL C 78 -12.95 -18.18 -18.04
N VAL C 79 -13.71 -18.73 -17.07
CA VAL C 79 -15.18 -18.53 -16.99
C VAL C 79 -15.59 -18.11 -15.58
N ASP C 80 -16.35 -17.05 -15.46
CA ASP C 80 -17.08 -16.72 -14.23
C ASP C 80 -18.59 -16.92 -14.48
N GLY C 81 -19.30 -17.14 -13.32
CA GLY C 81 -20.70 -17.47 -13.40
C GLY C 81 -21.04 -18.94 -13.62
N SER C 82 -22.26 -19.37 -13.22
CA SER C 82 -22.76 -20.75 -13.48
C SER C 82 -23.25 -20.84 -14.94
N ILE C 83 -23.46 -22.08 -15.44
CA ILE C 83 -23.89 -22.31 -16.82
C ILE C 83 -25.30 -22.99 -16.72
N PRO C 84 -26.36 -22.33 -17.27
CA PRO C 84 -27.71 -22.85 -17.06
C PRO C 84 -28.07 -23.82 -18.19
N LEU C 85 -28.42 -25.07 -17.82
CA LEU C 85 -28.80 -26.04 -18.80
C LEU C 85 -30.35 -26.17 -19.01
N LYS C 86 -31.20 -25.71 -18.11
CA LYS C 86 -32.70 -25.90 -18.23
C LYS C 86 -33.18 -25.27 -19.54
N ASP C 87 -34.17 -25.91 -20.15
CA ASP C 87 -34.89 -25.38 -21.34
C ASP C 87 -33.90 -25.08 -22.49
N ASN C 88 -32.97 -26.04 -22.79
CA ASN C 88 -32.11 -25.95 -24.00
C ASN C 88 -31.17 -24.73 -23.90
N GLY C 89 -30.79 -24.28 -22.68
CA GLY C 89 -29.69 -23.28 -22.52
C GLY C 89 -30.16 -21.81 -22.66
N ILE C 90 -31.49 -21.51 -22.75
CA ILE C 90 -32.01 -20.15 -23.10
C ILE C 90 -31.90 -19.12 -21.92
N TYR C 91 -31.50 -19.52 -20.71
CA TYR C 91 -31.40 -18.56 -19.60
C TYR C 91 -30.12 -17.70 -19.66
N CYS C 92 -29.24 -17.97 -20.62
CA CYS C 92 -28.17 -17.01 -20.96
C CYS C 92 -27.86 -17.11 -22.47
N MET C 93 -28.26 -16.07 -23.22
CA MET C 93 -28.15 -16.05 -24.72
C MET C 93 -27.27 -14.89 -25.17
N VAL C 94 -26.16 -15.15 -25.88
CA VAL C 94 -25.26 -14.09 -26.37
C VAL C 94 -25.17 -14.25 -27.89
N ALA C 95 -25.35 -13.12 -28.63
CA ALA C 95 -25.38 -13.15 -30.11
C ALA C 95 -26.35 -14.25 -30.58
N GLY C 96 -27.46 -14.42 -29.87
CA GLY C 96 -28.54 -15.32 -30.26
C GLY C 96 -28.29 -16.81 -30.05
N GLU C 97 -27.27 -17.16 -29.26
CA GLU C 97 -26.89 -18.57 -28.97
C GLU C 97 -26.59 -18.83 -27.52
N PRO C 98 -26.99 -20.04 -27.01
CA PRO C 98 -26.77 -20.36 -25.57
C PRO C 98 -25.29 -20.26 -25.15
N ILE C 99 -25.08 -19.71 -23.95
CA ILE C 99 -23.66 -19.52 -23.52
C ILE C 99 -22.94 -20.85 -23.38
N VAL C 100 -23.65 -21.94 -23.10
CA VAL C 100 -23.00 -23.28 -23.04
C VAL C 100 -22.31 -23.62 -24.38
N ASP C 101 -22.90 -23.22 -25.49
CA ASP C 101 -22.29 -23.47 -26.82
C ASP C 101 -21.02 -22.65 -27.02
N HIS C 102 -21.03 -21.36 -26.62
CA HIS C 102 -19.82 -20.49 -26.70
C HIS C 102 -18.67 -21.12 -25.87
N ILE C 103 -19.00 -21.59 -24.67
CA ILE C 103 -18.01 -22.15 -23.73
C ILE C 103 -17.44 -23.47 -24.26
N ARG C 104 -18.30 -24.38 -24.73
CA ARG C 104 -17.82 -25.68 -25.27
C ARG C 104 -16.91 -25.41 -26.48
N LYS C 105 -17.26 -24.47 -27.37
CA LYS C 105 -16.42 -24.20 -28.56
C LYS C 105 -15.07 -23.60 -28.15
N ALA C 106 -15.05 -22.68 -27.20
CA ALA C 106 -13.77 -22.10 -26.74
C ALA C 106 -12.90 -23.17 -26.03
N ALA C 107 -13.50 -24.11 -25.29
CA ALA C 107 -12.80 -25.18 -24.53
C ALA C 107 -11.98 -26.07 -25.46
N GLU C 108 -12.43 -26.31 -26.71
CA GLU C 108 -11.83 -27.25 -27.71
CA GLU C 108 -11.81 -27.30 -27.61
C GLU C 108 -10.35 -26.93 -27.90
N GLY C 109 -10.02 -25.66 -28.00
CA GLY C 109 -8.63 -25.27 -28.30
C GLY C 109 -7.83 -24.70 -27.12
N ALA C 110 -8.35 -24.78 -25.90
CA ALA C 110 -7.68 -24.22 -24.69
C ALA C 110 -6.42 -25.03 -24.29
N ALA C 111 -5.32 -24.37 -23.92
CA ALA C 111 -4.17 -25.00 -23.27
C ALA C 111 -4.48 -25.27 -21.78
N ALA C 112 -5.30 -24.44 -21.13
CA ALA C 112 -5.64 -24.57 -19.68
C ALA C 112 -7.04 -23.94 -19.55
N ILE C 113 -7.77 -24.40 -18.56
CA ILE C 113 -9.18 -23.98 -18.35
C ILE C 113 -9.32 -23.67 -16.85
N ILE C 114 -9.78 -22.46 -16.51
CA ILE C 114 -9.95 -22.02 -15.10
C ILE C 114 -11.41 -21.58 -14.87
N ALA C 115 -12.02 -22.09 -13.82
CA ALA C 115 -13.29 -21.66 -13.24
C ALA C 115 -12.95 -20.70 -12.09
N ILE C 116 -13.11 -19.40 -12.33
CA ILE C 116 -12.86 -18.37 -11.25
C ILE C 116 -14.23 -18.11 -10.54
N GLY C 117 -14.20 -18.26 -9.22
CA GLY C 117 -15.35 -18.03 -8.35
C GLY C 117 -16.18 -19.30 -8.08
N SER C 118 -16.89 -19.26 -6.95
CA SER C 118 -17.77 -20.40 -6.52
C SER C 118 -18.88 -20.71 -7.58
N CYS C 119 -19.43 -19.70 -8.30
CA CYS C 119 -20.49 -20.02 -9.30
C CYS C 119 -19.94 -21.02 -10.37
N SER C 120 -18.82 -20.70 -11.02
CA SER C 120 -18.28 -21.59 -12.04
C SER C 120 -17.63 -22.83 -11.40
N ALA C 121 -17.03 -22.71 -10.19
CA ALA C 121 -16.36 -23.84 -9.56
C ALA C 121 -17.33 -24.95 -9.12
N TRP C 122 -18.53 -24.60 -8.60
CA TRP C 122 -19.47 -25.60 -8.01
C TRP C 122 -20.97 -25.21 -8.15
N GLY C 123 -21.28 -24.14 -8.84
CA GLY C 123 -22.67 -23.67 -9.03
C GLY C 123 -23.03 -22.43 -8.21
N GLY C 124 -22.47 -22.33 -7.00
CA GLY C 124 -22.52 -21.12 -6.14
C GLY C 124 -23.93 -20.65 -5.85
N VAL C 125 -24.10 -19.35 -5.63
CA VAL C 125 -25.41 -18.79 -5.25
C VAL C 125 -26.46 -19.05 -6.35
N ALA C 126 -26.04 -18.99 -7.63
CA ALA C 126 -27.02 -19.06 -8.74
C ALA C 126 -27.64 -20.46 -8.84
N ALA C 127 -26.99 -21.50 -8.32
CA ALA C 127 -27.54 -22.86 -8.24
C ALA C 127 -28.16 -23.22 -6.89
N ALA C 128 -28.29 -22.24 -5.96
CA ALA C 128 -28.83 -22.49 -4.59
C ALA C 128 -30.39 -22.56 -4.55
N GLY C 129 -30.97 -22.88 -3.39
CA GLY C 129 -32.41 -23.05 -3.25
C GLY C 129 -32.98 -24.09 -4.27
N VAL C 130 -34.05 -23.73 -4.92
CA VAL C 130 -34.74 -24.55 -5.93
C VAL C 130 -34.02 -24.53 -7.29
N ASN C 131 -32.97 -23.71 -7.45
CA ASN C 131 -32.15 -23.72 -8.73
C ASN C 131 -33.05 -23.46 -9.92
N PRO C 132 -33.65 -22.22 -10.02
CA PRO C 132 -34.61 -21.97 -11.07
C PRO C 132 -34.17 -22.24 -12.51
N THR C 133 -32.88 -22.12 -12.83
CA THR C 133 -32.39 -22.23 -14.23
C THR C 133 -31.58 -23.51 -14.57
N GLY C 134 -31.56 -24.46 -13.66
CA GLY C 134 -30.67 -25.66 -13.87
C GLY C 134 -29.20 -25.30 -14.01
N ALA C 135 -28.74 -24.34 -13.21
CA ALA C 135 -27.33 -23.86 -13.18
C ALA C 135 -26.39 -24.97 -12.69
N VAL C 136 -25.28 -25.17 -13.43
CA VAL C 136 -24.22 -26.15 -13.06
C VAL C 136 -22.83 -25.48 -13.15
N SER C 137 -21.83 -26.22 -12.70
CA SER C 137 -20.41 -25.83 -12.72
C SER C 137 -19.78 -26.00 -14.12
N LEU C 138 -18.66 -25.32 -14.32
CA LEU C 138 -17.88 -25.43 -15.56
C LEU C 138 -17.39 -26.90 -15.76
N GLN C 139 -16.93 -27.55 -14.69
CA GLN C 139 -16.45 -28.97 -14.89
C GLN C 139 -17.62 -29.86 -15.34
N GLU C 140 -18.86 -29.62 -14.92
CA GLU C 140 -20.02 -30.43 -15.33
C GLU C 140 -20.28 -30.28 -16.85
N VAL C 141 -20.08 -29.07 -17.39
CA VAL C 141 -20.27 -28.79 -18.86
C VAL C 141 -19.15 -29.40 -19.72
N LEU C 142 -17.93 -29.64 -19.10
CA LEU C 142 -16.72 -30.08 -19.84
C LEU C 142 -16.16 -31.39 -19.23
N PRO C 143 -16.92 -32.49 -19.23
CA PRO C 143 -16.51 -33.71 -18.52
C PRO C 143 -15.17 -34.33 -18.97
N GLY C 144 -14.76 -34.11 -20.22
CA GLY C 144 -13.46 -34.71 -20.61
C GLY C 144 -12.22 -33.85 -20.37
N LYS C 145 -12.37 -32.70 -19.69
CA LYS C 145 -11.29 -31.69 -19.57
C LYS C 145 -10.96 -31.54 -18.08
N THR C 146 -9.70 -31.20 -17.77
CA THR C 146 -9.28 -30.81 -16.38
C THR C 146 -9.58 -29.31 -16.16
N VAL C 147 -10.55 -29.02 -15.30
CA VAL C 147 -10.90 -27.60 -14.95
C VAL C 147 -10.22 -27.28 -13.62
N ILE C 148 -9.43 -26.20 -13.55
CA ILE C 148 -8.78 -25.70 -12.34
C ILE C 148 -9.82 -24.82 -11.61
N ASN C 149 -10.15 -25.14 -10.38
CA ASN C 149 -11.21 -24.40 -9.61
C ASN C 149 -10.55 -23.42 -8.63
N ILE C 150 -11.03 -22.15 -8.68
CA ILE C 150 -10.50 -21.05 -7.84
C ILE C 150 -11.73 -20.42 -7.11
N PRO C 151 -12.26 -21.13 -6.07
CA PRO C 151 -13.58 -20.70 -5.49
C PRO C 151 -13.43 -19.54 -4.51
N GLY C 152 -14.59 -19.06 -4.07
CA GLY C 152 -14.75 -17.83 -3.29
C GLY C 152 -15.69 -16.90 -4.03
N CYS C 153 -16.23 -15.91 -3.32
CA CYS C 153 -17.37 -15.12 -3.88
C CYS C 153 -17.15 -13.62 -3.64
N PRO C 154 -16.17 -12.98 -4.32
CA PRO C 154 -15.17 -13.62 -5.21
C PRO C 154 -13.89 -14.01 -4.43
N PRO C 155 -13.02 -14.87 -5.02
CA PRO C 155 -11.71 -15.11 -4.38
C PRO C 155 -10.85 -13.84 -4.29
N ASN C 156 -9.86 -13.83 -3.39
CA ASN C 156 -8.72 -12.85 -3.50
C ASN C 156 -8.20 -12.96 -4.95
N PRO C 157 -8.03 -11.85 -5.69
CA PRO C 157 -7.64 -11.97 -7.11
C PRO C 157 -6.30 -12.67 -7.29
N HIS C 158 -5.39 -12.60 -6.30
CA HIS C 158 -4.07 -13.23 -6.45
C HIS C 158 -4.15 -14.79 -6.40
N ASN C 159 -5.25 -15.33 -5.85
CA ASN C 159 -5.44 -16.81 -5.94
C ASN C 159 -5.52 -17.23 -7.43
N PHE C 160 -6.15 -16.40 -8.26
CA PHE C 160 -6.18 -16.51 -9.72
C PHE C 160 -4.84 -16.07 -10.36
N LEU C 161 -4.36 -14.88 -10.05
CA LEU C 161 -3.18 -14.34 -10.76
C LEU C 161 -1.91 -15.19 -10.55
N ALA C 162 -1.69 -15.73 -9.33
CA ALA C 162 -0.51 -16.61 -9.07
C ALA C 162 -0.68 -17.98 -9.71
N THR C 163 -1.92 -18.43 -9.97
CA THR C 163 -2.15 -19.68 -10.72
C THR C 163 -1.72 -19.47 -12.16
N VAL C 164 -2.20 -18.36 -12.78
CA VAL C 164 -1.82 -18.02 -14.17
C VAL C 164 -0.28 -17.83 -14.26
N ALA C 165 0.33 -17.14 -13.31
CA ALA C 165 1.79 -16.93 -13.28
C ALA C 165 2.56 -18.25 -13.22
N HIS C 166 2.05 -19.23 -12.46
CA HIS C 166 2.75 -20.52 -12.40
C HIS C 166 2.78 -21.20 -13.75
N ILE C 167 1.61 -21.16 -14.47
CA ILE C 167 1.47 -21.73 -15.82
C ILE C 167 2.50 -21.04 -16.73
N ILE C 168 2.50 -19.69 -16.75
CA ILE C 168 3.41 -18.94 -17.66
C ILE C 168 4.90 -19.23 -17.32
N THR C 169 5.32 -19.06 -16.07
CA THR C 169 6.75 -19.03 -15.62
C THR C 169 7.35 -20.44 -15.65
N TYR C 170 6.62 -21.43 -15.16
CA TYR C 170 7.11 -22.83 -14.97
C TYR C 170 6.45 -23.82 -15.92
N GLY C 171 5.53 -23.44 -16.78
CA GLY C 171 4.97 -24.30 -17.84
C GLY C 171 4.04 -25.38 -17.42
N LYS C 172 3.45 -25.28 -16.23
CA LYS C 172 2.37 -26.21 -15.77
C LYS C 172 1.55 -25.62 -14.65
N PRO C 173 0.37 -26.19 -14.36
CA PRO C 173 -0.41 -25.63 -13.22
C PRO C 173 0.25 -25.83 -11.86
N PRO C 174 -0.14 -25.01 -10.85
CA PRO C 174 0.29 -25.30 -9.46
C PRO C 174 -0.25 -26.66 -8.98
N LYS C 175 0.33 -27.23 -7.94
CA LYS C 175 -0.19 -28.44 -7.28
C LYS C 175 -1.64 -28.21 -6.88
N LEU C 176 -2.48 -29.26 -7.11
CA LEU C 176 -3.95 -29.12 -6.85
C LEU C 176 -4.36 -30.19 -5.84
N ASP C 177 -5.42 -29.93 -5.09
CA ASP C 177 -6.11 -30.92 -4.21
C ASP C 177 -7.09 -31.81 -4.99
N ASP C 178 -7.87 -32.67 -4.29
CA ASP C 178 -8.77 -33.62 -5.00
C ASP C 178 -10.03 -32.93 -5.58
N LYS C 179 -10.25 -31.64 -5.31
CA LYS C 179 -11.27 -30.80 -6.00
CA LYS C 179 -11.27 -30.80 -6.00
C LYS C 179 -10.64 -29.89 -7.07
N ASN C 180 -9.37 -30.15 -7.45
CA ASN C 180 -8.68 -29.37 -8.50
C ASN C 180 -8.48 -27.90 -8.07
N ARG C 181 -8.36 -27.65 -6.76
CA ARG C 181 -8.11 -26.29 -6.19
C ARG C 181 -6.60 -26.15 -5.88
N PRO C 182 -5.94 -25.01 -6.23
CA PRO C 182 -4.51 -24.86 -5.87
C PRO C 182 -4.24 -24.94 -4.37
N THR C 183 -3.27 -25.80 -4.02
CA THR C 183 -2.98 -26.04 -2.57
C THR C 183 -2.38 -24.79 -1.86
N PHE C 184 -1.72 -23.88 -2.58
CA PHE C 184 -1.13 -22.69 -1.89
C PHE C 184 -2.26 -21.80 -1.31
N ALA C 185 -3.47 -21.88 -1.89
CA ALA C 185 -4.62 -21.02 -1.50
C ALA C 185 -5.74 -21.79 -0.75
N TYR C 186 -5.91 -23.10 -1.01
CA TYR C 186 -7.10 -23.85 -0.51
C TYR C 186 -6.67 -25.11 0.20
N GLY C 187 -5.39 -25.31 0.57
CA GLY C 187 -4.89 -26.55 1.13
C GLY C 187 -5.23 -26.82 2.57
N ARG C 188 -5.85 -25.88 3.29
CA ARG C 188 -6.06 -25.98 4.76
C ARG C 188 -7.42 -25.33 5.13
N LEU C 189 -8.10 -25.90 6.15
CA LEU C 189 -9.32 -25.28 6.74
C LEU C 189 -8.95 -23.90 7.33
N ILE C 190 -9.82 -22.91 7.22
CA ILE C 190 -9.62 -21.57 7.83
C ILE C 190 -9.42 -21.77 9.35
N HIS C 191 -10.23 -22.60 10.02
CA HIS C 191 -10.14 -22.83 11.50
C HIS C 191 -8.82 -23.49 11.92
N GLU C 192 -8.13 -24.16 10.97
CA GLU C 192 -6.81 -24.76 11.25
C GLU C 192 -5.64 -23.76 11.00
N HIS C 193 -5.96 -22.49 10.77
CA HIS C 193 -4.92 -21.43 10.69
C HIS C 193 -5.54 -20.07 11.01
N CYS C 194 -6.41 -20.02 12.02
CA CYS C 194 -7.15 -18.80 12.47
C CYS C 194 -6.58 -18.21 13.77
N GLU C 195 -6.29 -16.90 13.76
CA GLU C 195 -5.72 -16.18 14.89
C GLU C 195 -6.63 -16.16 16.09
N ARG C 196 -7.94 -16.48 15.94
CA ARG C 196 -8.87 -16.51 17.10
C ARG C 196 -9.01 -17.91 17.73
N ARG C 197 -8.24 -18.90 17.23
CA ARG C 197 -8.23 -20.27 17.80
C ARG C 197 -7.97 -20.24 19.33
N PRO C 198 -7.01 -19.43 19.86
CA PRO C 198 -6.83 -19.43 21.34
C PRO C 198 -8.15 -19.15 22.12
N HIS C 199 -8.94 -18.23 21.60
CA HIS C 199 -10.24 -17.90 22.28
C HIS C 199 -11.23 -19.09 22.16
N PHE C 200 -11.34 -19.74 21.00
CA PHE C 200 -12.14 -20.97 20.84
C PHE C 200 -11.71 -22.00 21.91
N ASP C 201 -10.40 -22.20 22.04
CA ASP C 201 -9.83 -23.22 22.96
C ASP C 201 -10.19 -22.92 24.42
N ALA C 202 -10.21 -21.66 24.78
CA ALA C 202 -10.50 -21.18 26.14
C ALA C 202 -12.00 -21.00 26.41
N GLY C 203 -12.89 -21.20 25.45
CA GLY C 203 -14.33 -20.95 25.63
C GLY C 203 -14.67 -19.43 25.72
N ARG C 204 -13.84 -18.57 25.12
CA ARG C 204 -14.03 -17.08 25.03
C ARG C 204 -14.74 -16.77 23.73
N PHE C 205 -16.07 -16.61 23.77
CA PHE C 205 -16.93 -16.46 22.54
C PHE C 205 -17.73 -15.14 22.64
N ALA C 206 -17.79 -14.44 21.49
CA ALA C 206 -18.85 -13.44 21.24
C ALA C 206 -20.22 -14.13 21.23
N LYS C 207 -21.23 -13.55 21.92
CA LYS C 207 -22.59 -14.11 21.85
C LYS C 207 -23.51 -13.29 20.95
N GLU C 208 -23.29 -11.98 20.82
CA GLU C 208 -24.02 -11.04 19.94
CA GLU C 208 -24.00 -11.06 19.89
C GLU C 208 -23.02 -9.98 19.45
N PHE C 209 -23.24 -9.44 18.28
CA PHE C 209 -22.47 -8.26 17.84
C PHE C 209 -22.57 -7.17 18.92
N GLY C 210 -21.47 -6.47 19.22
CA GLY C 210 -21.45 -5.33 20.15
C GLY C 210 -21.34 -5.72 21.62
N ASP C 211 -21.35 -7.02 21.96
CA ASP C 211 -21.21 -7.45 23.38
C ASP C 211 -19.73 -7.31 23.81
N GLU C 212 -19.50 -7.56 25.11
CA GLU C 212 -18.12 -7.28 25.64
C GLU C 212 -17.06 -8.17 24.99
N GLY C 213 -17.34 -9.45 24.83
CA GLY C 213 -16.35 -10.34 24.18
C GLY C 213 -16.12 -10.02 22.70
N HIS C 214 -17.21 -9.68 21.99
CA HIS C 214 -17.11 -9.24 20.57
C HIS C 214 -16.14 -8.04 20.50
N ARG C 215 -16.30 -7.09 21.44
CA ARG C 215 -15.50 -5.86 21.53
C ARG C 215 -14.06 -6.07 22.02
N GLU C 216 -13.70 -7.31 22.37
CA GLU C 216 -12.33 -7.74 22.71
C GLU C 216 -11.74 -8.67 21.63
N GLY C 217 -12.45 -8.89 20.51
CA GLY C 217 -11.90 -9.74 19.44
C GLY C 217 -11.90 -11.26 19.69
N TRP C 218 -12.91 -11.73 20.45
CA TRP C 218 -13.03 -13.17 20.79
C TRP C 218 -13.56 -14.00 19.58
N CYS C 219 -13.53 -15.33 19.72
CA CYS C 219 -13.92 -16.26 18.61
C CYS C 219 -15.41 -16.05 18.27
N LEU C 220 -15.74 -16.19 16.97
CA LEU C 220 -17.09 -16.00 16.42
C LEU C 220 -17.82 -17.33 16.14
N TYR C 221 -17.37 -18.45 16.70
CA TYR C 221 -18.05 -19.76 16.47
C TYR C 221 -19.55 -19.69 16.79
N HIS C 222 -19.94 -19.15 17.98
CA HIS C 222 -21.35 -19.09 18.40
C HIS C 222 -22.17 -18.03 17.68
N LEU C 223 -21.54 -17.21 16.82
CA LEU C 223 -22.27 -16.36 15.89
C LEU C 223 -22.55 -17.06 14.55
N GLY C 224 -22.09 -18.33 14.37
CA GLY C 224 -22.26 -19.05 13.10
C GLY C 224 -21.01 -19.17 12.20
N CYS C 225 -19.79 -18.91 12.73
CA CYS C 225 -18.57 -18.99 11.91
C CYS C 225 -18.42 -20.37 11.22
N LYS C 226 -18.24 -20.33 9.90
CA LYS C 226 -18.08 -21.58 9.10
C LYS C 226 -16.59 -21.92 8.87
N GLY C 227 -15.65 -21.21 9.48
CA GLY C 227 -14.21 -21.56 9.34
C GLY C 227 -13.91 -23.04 9.60
N PRO C 228 -14.58 -23.73 10.59
CA PRO C 228 -14.31 -25.16 10.82
C PRO C 228 -14.62 -26.08 9.66
N GLU C 229 -15.37 -25.65 8.64
CA GLU C 229 -15.82 -26.52 7.52
C GLU C 229 -15.50 -25.92 6.14
N THR C 230 -14.64 -24.87 6.11
CA THR C 230 -14.34 -24.13 4.83
C THR C 230 -12.83 -24.12 4.56
N TYR C 231 -12.41 -24.61 3.40
CA TYR C 231 -10.97 -24.56 2.94
C TYR C 231 -10.73 -23.18 2.28
N GLY C 232 -9.58 -22.55 2.62
CA GLY C 232 -9.23 -21.24 2.06
C GLY C 232 -8.01 -20.61 2.71
N ASN C 233 -7.68 -19.38 2.30
CA ASN C 233 -6.50 -18.64 2.80
C ASN C 233 -6.94 -17.26 3.35
N CYS C 234 -8.23 -17.14 3.75
CA CYS C 234 -8.77 -15.82 4.16
C CYS C 234 -8.09 -15.27 5.41
N SER C 235 -7.66 -16.16 6.33
CA SER C 235 -7.03 -15.67 7.59
C SER C 235 -5.57 -15.26 7.39
N THR C 236 -4.87 -15.74 6.34
CA THR C 236 -3.44 -15.51 6.13
C THR C 236 -3.22 -14.49 5.01
N LEU C 237 -3.59 -14.84 3.76
CA LEU C 237 -3.53 -13.87 2.66
C LEU C 237 -4.50 -12.69 2.86
N GLN C 238 -5.67 -12.96 3.43
CA GLN C 238 -6.67 -11.89 3.71
C GLN C 238 -7.07 -11.19 2.39
N PHE C 239 -7.40 -9.91 2.42
CA PHE C 239 -7.96 -9.16 1.27
C PHE C 239 -7.36 -7.76 1.15
N CYS C 240 -7.22 -7.32 -0.10
CA CYS C 240 -6.93 -5.91 -0.50
C CYS C 240 -5.53 -5.41 -0.16
N ASP C 241 -4.66 -6.26 0.43
CA ASP C 241 -3.21 -5.95 0.62
C ASP C 241 -2.96 -4.73 1.53
N VAL C 242 -3.89 -4.39 2.43
CA VAL C 242 -3.73 -3.28 3.36
C VAL C 242 -3.26 -3.77 4.76
N GLY C 243 -3.49 -5.05 5.07
CA GLY C 243 -3.09 -5.61 6.34
C GLY C 243 -4.28 -5.64 7.29
N GLY C 244 -4.58 -6.84 7.80
CA GLY C 244 -5.57 -7.03 8.85
C GLY C 244 -7.00 -7.15 8.40
N VAL C 245 -7.31 -7.28 7.06
CA VAL C 245 -8.66 -7.22 6.52
C VAL C 245 -9.19 -8.55 5.99
N TRP C 246 -10.06 -9.20 6.78
CA TRP C 246 -10.87 -10.35 6.35
C TRP C 246 -12.13 -10.36 7.21
N PRO C 247 -13.21 -11.14 6.84
CA PRO C 247 -14.49 -10.95 7.53
C PRO C 247 -14.36 -11.11 9.08
N VAL C 248 -13.71 -12.16 9.55
CA VAL C 248 -13.59 -12.42 11.02
C VAL C 248 -12.85 -11.27 11.71
N ALA C 249 -11.72 -10.80 11.13
CA ALA C 249 -10.97 -9.69 11.72
C ALA C 249 -11.80 -8.42 11.82
N ILE C 250 -12.77 -8.21 10.88
CA ILE C 250 -13.65 -7.02 10.93
C ILE C 250 -14.77 -7.18 11.99
N GLY C 251 -15.04 -8.44 12.42
CA GLY C 251 -16.06 -8.73 13.42
C GLY C 251 -17.24 -9.63 13.00
N HIS C 252 -17.22 -10.18 11.78
CA HIS C 252 -18.34 -11.02 11.28
C HIS C 252 -17.86 -12.45 11.02
N PRO C 253 -18.71 -13.47 11.38
CA PRO C 253 -18.33 -14.87 11.07
C PRO C 253 -18.06 -15.09 9.57
N CYS C 254 -17.20 -16.06 9.28
CA CYS C 254 -17.12 -16.70 7.93
C CYS C 254 -18.53 -17.33 7.65
N TYR C 255 -19.01 -17.17 6.39
CA TYR C 255 -20.29 -17.70 5.90
C TYR C 255 -20.08 -18.99 5.06
N GLY C 256 -18.81 -19.38 4.78
CA GLY C 256 -18.52 -20.57 3.97
C GLY C 256 -18.64 -20.31 2.46
N CYS C 257 -18.43 -19.07 1.98
CA CYS C 257 -18.73 -18.82 0.52
C CYS C 257 -17.80 -19.62 -0.37
N ASN C 258 -16.60 -20.03 0.05
CA ASN C 258 -15.71 -20.89 -0.74
C ASN C 258 -16.29 -22.27 -1.01
N GLU C 259 -17.09 -22.81 -0.09
CA GLU C 259 -17.25 -24.27 0.08
C GLU C 259 -18.68 -24.76 -0.27
N GLU C 260 -18.74 -25.70 -1.24
CA GLU C 260 -20.05 -26.29 -1.68
C GLU C 260 -20.78 -26.91 -0.49
N GLY C 261 -22.11 -26.61 -0.36
CA GLY C 261 -22.95 -27.12 0.75
C GLY C 261 -22.92 -26.25 2.01
N ILE C 262 -22.02 -25.29 2.04
CA ILE C 262 -21.90 -24.42 3.24
C ILE C 262 -22.48 -23.02 2.86
N GLY C 263 -21.68 -22.22 2.17
CA GLY C 263 -22.17 -20.91 1.71
C GLY C 263 -23.44 -21.00 0.86
N PHE C 264 -24.41 -20.10 1.14
CA PHE C 264 -25.67 -20.01 0.37
C PHE C 264 -26.66 -21.13 0.69
N HIS C 265 -26.29 -22.09 1.54
CA HIS C 265 -27.10 -23.23 1.98
C HIS C 265 -27.43 -23.04 3.46
N LYS C 266 -26.45 -22.89 4.30
CA LYS C 266 -26.62 -22.78 5.78
C LYS C 266 -26.91 -21.29 6.15
N GLY C 267 -27.74 -21.05 7.15
CA GLY C 267 -27.99 -19.72 7.69
C GLY C 267 -26.70 -19.11 8.26
N ILE C 268 -26.64 -17.77 8.25
CA ILE C 268 -25.50 -17.05 8.86
C ILE C 268 -25.21 -17.57 10.26
N HIS C 269 -26.27 -17.66 11.10
CA HIS C 269 -26.11 -18.03 12.51
C HIS C 269 -26.17 -19.52 12.81
N GLN C 270 -26.39 -20.35 11.80
CA GLN C 270 -26.34 -21.80 11.96
C GLN C 270 -24.93 -22.27 12.31
N LEU C 271 -24.77 -23.14 13.33
CA LEU C 271 -23.44 -23.58 13.80
C LEU C 271 -22.82 -24.61 12.79
N ALA C 272 -21.51 -24.50 12.67
CA ALA C 272 -20.68 -25.44 11.89
C ALA C 272 -20.39 -26.75 12.63
N ASN C 273 -20.16 -27.83 11.89
CA ASN C 273 -19.58 -29.07 12.47
C ASN C 273 -18.09 -28.89 12.67
N VAL C 274 -17.56 -29.30 13.83
CA VAL C 274 -16.11 -29.24 14.14
C VAL C 274 -15.49 -30.63 14.06
N GLU C 275 -14.39 -30.80 13.31
CA GLU C 275 -13.74 -32.14 13.15
C GLU C 275 -13.34 -32.71 14.52
N SER D 2 -33.79 2.30 -45.94
CA SER D 2 -33.89 1.87 -44.44
C SER D 2 -33.40 0.43 -44.18
N GLN D 3 -33.08 0.11 -42.93
CA GLN D 3 -32.74 -1.30 -42.56
C GLN D 3 -32.79 -1.55 -40.99
N ARG D 4 -32.73 -2.85 -40.54
CA ARG D 4 -32.77 -3.34 -39.16
C ARG D 4 -31.38 -3.91 -38.70
N ILE D 5 -30.85 -3.43 -37.57
CA ILE D 5 -29.51 -3.84 -37.01
C ILE D 5 -29.73 -4.41 -35.60
N THR D 6 -28.81 -5.28 -35.20
CA THR D 6 -28.67 -5.85 -33.83
C THR D 6 -27.24 -5.58 -33.30
N ILE D 7 -27.16 -5.11 -32.06
CA ILE D 7 -25.88 -4.90 -31.31
C ILE D 7 -25.89 -5.90 -30.14
N ASP D 8 -25.12 -7.00 -30.30
CA ASP D 8 -25.24 -8.17 -29.40
C ASP D 8 -23.96 -8.98 -29.42
N PRO D 9 -23.03 -8.83 -28.43
CA PRO D 9 -23.20 -8.15 -27.12
C PRO D 9 -22.92 -6.66 -27.16
N VAL D 10 -23.62 -5.87 -26.37
CA VAL D 10 -23.11 -4.54 -25.95
C VAL D 10 -21.98 -4.76 -24.93
N THR D 11 -20.79 -4.24 -25.24
CA THR D 11 -19.61 -4.35 -24.34
C THR D 11 -19.46 -3.10 -23.47
N ARG D 12 -18.51 -3.15 -22.52
CA ARG D 12 -18.22 -1.98 -21.65
C ARG D 12 -19.51 -1.54 -20.87
N ILE D 13 -20.18 -2.59 -20.39
CA ILE D 13 -21.31 -2.52 -19.43
C ILE D 13 -21.13 -3.65 -18.39
N GLU D 14 -22.01 -3.69 -17.39
CA GLU D 14 -22.15 -4.97 -16.61
C GLU D 14 -23.21 -5.83 -17.29
N GLY D 15 -22.88 -7.09 -17.54
CA GLY D 15 -23.86 -8.13 -17.91
C GLY D 15 -24.23 -8.17 -19.40
N HIS D 16 -25.35 -8.82 -19.69
CA HIS D 16 -25.72 -9.33 -21.02
C HIS D 16 -26.89 -8.49 -21.61
N LEU D 17 -26.58 -7.64 -22.58
CA LEU D 17 -27.54 -6.70 -23.25
C LEU D 17 -27.47 -6.86 -24.77
N ARG D 18 -28.68 -6.90 -25.35
CA ARG D 18 -28.91 -6.80 -26.82
C ARG D 18 -29.71 -5.50 -27.11
N ILE D 19 -29.25 -4.73 -28.08
CA ILE D 19 -29.98 -3.54 -28.57
C ILE D 19 -30.33 -3.73 -30.04
N ASP D 20 -31.61 -3.62 -30.45
CA ASP D 20 -32.03 -3.62 -31.87
C ASP D 20 -32.51 -2.21 -32.25
N CYS D 21 -32.24 -1.83 -33.53
CA CYS D 21 -32.65 -0.50 -34.08
C CYS D 21 -33.14 -0.63 -35.54
N GLU D 22 -34.29 -0.01 -35.84
CA GLU D 22 -34.66 0.33 -37.24
CA GLU D 22 -34.71 0.36 -37.23
C GLU D 22 -34.00 1.68 -37.54
N ILE D 23 -33.27 1.73 -38.65
CA ILE D 23 -32.65 2.96 -39.18
C ILE D 23 -33.43 3.35 -40.45
N GLU D 24 -33.78 4.62 -40.48
CA GLU D 24 -34.45 5.08 -41.69
C GLU D 24 -33.92 6.44 -42.08
N ASN D 25 -33.46 6.63 -43.36
CA ASN D 25 -32.93 7.97 -43.71
C ASN D 25 -31.82 8.35 -42.74
N GLY D 26 -30.95 7.37 -42.43
CA GLY D 26 -29.74 7.65 -41.67
C GLY D 26 -29.89 7.92 -40.16
N VAL D 27 -31.09 7.79 -39.57
CA VAL D 27 -31.37 8.06 -38.12
C VAL D 27 -32.11 6.84 -37.57
N VAL D 28 -31.95 6.50 -36.30
CA VAL D 28 -32.75 5.48 -35.60
C VAL D 28 -34.22 5.96 -35.55
N SER D 29 -35.15 5.14 -36.05
CA SER D 29 -36.61 5.47 -36.00
C SER D 29 -37.33 4.74 -34.85
N LYS D 30 -36.80 3.62 -34.38
CA LYS D 30 -37.42 2.74 -33.35
C LYS D 30 -36.31 1.84 -32.79
N ALA D 31 -36.39 1.55 -31.47
CA ALA D 31 -35.41 0.66 -30.81
C ALA D 31 -36.06 -0.30 -29.81
N TRP D 32 -35.30 -1.36 -29.50
CA TRP D 32 -35.66 -2.41 -28.55
C TRP D 32 -34.46 -2.65 -27.63
N ALA D 33 -34.69 -2.71 -26.30
CA ALA D 33 -33.63 -3.07 -25.33
C ALA D 33 -34.01 -4.45 -24.76
N SER D 34 -33.04 -5.37 -24.65
CA SER D 34 -33.28 -6.76 -24.17
C SER D 34 -32.20 -7.21 -23.17
N GLY D 35 -32.59 -7.60 -21.96
CA GLY D 35 -31.69 -8.33 -21.04
C GLY D 35 -31.80 -9.80 -21.34
N THR D 36 -30.66 -10.46 -21.67
CA THR D 36 -30.65 -11.81 -22.25
C THR D 36 -30.24 -12.89 -21.24
N MET D 37 -30.03 -12.53 -19.96
CA MET D 37 -29.64 -13.56 -18.92
C MET D 37 -30.48 -13.37 -17.67
N TRP D 38 -31.02 -14.48 -17.12
CA TRP D 38 -31.80 -14.48 -15.86
C TRP D 38 -31.25 -15.59 -14.93
N ARG D 39 -31.24 -15.28 -13.60
CA ARG D 39 -30.90 -16.25 -12.54
C ARG D 39 -32.03 -16.63 -11.59
N GLY D 40 -33.01 -15.76 -11.39
CA GLY D 40 -34.08 -16.01 -10.41
C GLY D 40 -33.64 -15.79 -8.95
N MET D 41 -32.94 -14.70 -8.67
CA MET D 41 -32.43 -14.38 -7.31
C MET D 41 -33.59 -14.18 -6.30
N GLU D 42 -34.73 -13.62 -6.75
CA GLU D 42 -35.92 -13.42 -5.83
C GLU D 42 -36.47 -14.78 -5.34
N GLU D 43 -36.46 -15.80 -6.24
CA GLU D 43 -36.94 -17.15 -5.86
C GLU D 43 -35.89 -17.86 -4.97
N ILE D 44 -34.57 -17.66 -5.24
CA ILE D 44 -33.50 -18.33 -4.46
C ILE D 44 -33.58 -17.91 -2.98
N VAL D 45 -33.89 -16.65 -2.68
CA VAL D 45 -33.91 -16.12 -1.31
C VAL D 45 -35.24 -16.42 -0.56
N LYS D 46 -36.30 -16.86 -1.30
CA LYS D 46 -37.63 -17.12 -0.66
C LYS D 46 -37.53 -18.26 0.40
N ASN D 47 -38.39 -18.20 1.42
CA ASN D 47 -38.54 -19.23 2.47
C ASN D 47 -37.40 -19.28 3.48
N ARG D 48 -36.49 -18.31 3.44
CA ARG D 48 -35.35 -18.20 4.35
C ARG D 48 -35.68 -17.30 5.54
N ASP D 49 -34.81 -17.35 6.54
CA ASP D 49 -34.85 -16.40 7.68
C ASP D 49 -34.60 -14.99 7.14
N PRO D 50 -35.38 -13.98 7.56
CA PRO D 50 -35.14 -12.57 7.12
C PRO D 50 -33.71 -12.06 7.34
N ARG D 51 -33.05 -12.56 8.42
CA ARG D 51 -31.66 -12.12 8.72
C ARG D 51 -30.65 -12.60 7.67
N ASP D 52 -30.94 -13.67 6.92
CA ASP D 52 -29.99 -14.23 5.95
C ASP D 52 -30.02 -13.59 4.58
N ALA D 53 -31.09 -12.85 4.26
CA ALA D 53 -31.33 -12.41 2.87
C ALA D 53 -30.12 -11.58 2.33
N TRP D 54 -29.59 -10.65 3.14
CA TRP D 54 -28.63 -9.67 2.60
C TRP D 54 -27.36 -10.33 2.01
N MET D 55 -26.91 -11.44 2.60
CA MET D 55 -25.69 -12.10 2.11
C MET D 55 -25.93 -12.77 0.77
N ILE D 56 -27.19 -13.23 0.53
CA ILE D 56 -27.58 -13.89 -0.77
C ILE D 56 -27.83 -12.82 -1.84
N VAL D 57 -28.72 -11.83 -1.54
CA VAL D 57 -29.08 -10.85 -2.60
C VAL D 57 -28.00 -9.81 -2.89
N GLN D 58 -26.96 -9.69 -2.04
CA GLN D 58 -25.80 -8.86 -2.41
C GLN D 58 -25.25 -9.32 -3.78
N ARG D 59 -25.33 -10.64 -4.01
CA ARG D 59 -24.82 -11.24 -5.24
C ARG D 59 -25.67 -11.01 -6.49
N ILE D 60 -26.76 -10.20 -6.36
CA ILE D 60 -27.36 -9.65 -7.60
C ILE D 60 -26.30 -8.98 -8.47
N CYS D 61 -25.35 -8.24 -7.87
CA CYS D 61 -24.36 -7.52 -8.69
C CYS D 61 -23.05 -7.28 -7.94
N GLY D 62 -21.93 -7.52 -8.62
CA GLY D 62 -20.59 -7.22 -8.08
C GLY D 62 -19.94 -5.96 -8.58
N VAL D 63 -20.55 -5.26 -9.59
CA VAL D 63 -20.15 -3.89 -9.92
C VAL D 63 -20.71 -2.96 -8.86
N CYS D 64 -22.03 -2.94 -8.70
CA CYS D 64 -22.69 -2.20 -7.62
C CYS D 64 -22.77 -3.07 -6.37
N THR D 65 -21.64 -3.67 -5.99
CA THR D 65 -21.51 -4.40 -4.67
C THR D 65 -21.81 -3.35 -3.56
N THR D 66 -22.12 -3.88 -2.38
CA THR D 66 -22.64 -3.10 -1.20
C THR D 66 -24.14 -2.73 -1.32
N THR D 67 -24.61 -2.37 -2.52
CA THR D 67 -25.92 -1.66 -2.62
C THR D 67 -27.09 -2.59 -2.23
N HIS D 68 -27.11 -3.81 -2.78
CA HIS D 68 -28.25 -4.77 -2.54
C HIS D 68 -28.17 -5.28 -1.07
N ALA D 69 -26.93 -5.41 -0.54
CA ALA D 69 -26.73 -5.78 0.88
C ALA D 69 -27.44 -4.75 1.80
N LEU D 70 -27.12 -3.45 1.58
CA LEU D 70 -27.67 -2.36 2.38
C LEU D 70 -29.20 -2.23 2.18
N SER D 71 -29.70 -2.30 0.94
CA SER D 71 -31.17 -2.24 0.69
C SER D 71 -31.90 -3.39 1.40
N SER D 72 -31.30 -4.60 1.40
CA SER D 72 -31.92 -5.78 2.03
C SER D 72 -32.06 -5.62 3.56
N VAL D 73 -30.96 -5.23 4.24
CA VAL D 73 -31.11 -4.99 5.73
C VAL D 73 -32.10 -3.88 6.01
N ARG D 74 -32.09 -2.82 5.19
CA ARG D 74 -33.10 -1.73 5.41
C ARG D 74 -34.53 -2.28 5.27
N ALA D 75 -34.76 -3.20 4.29
CA ALA D 75 -36.10 -3.79 4.07
C ALA D 75 -36.55 -4.61 5.28
N ALA D 76 -35.66 -5.45 5.83
CA ALA D 76 -36.01 -6.23 7.06
C ALA D 76 -36.25 -5.30 8.27
N GLU D 77 -35.40 -4.28 8.42
CA GLU D 77 -35.56 -3.27 9.51
C GLU D 77 -36.89 -2.53 9.38
N SER D 78 -37.33 -2.23 8.13
CA SER D 78 -38.64 -1.61 7.87
C SER D 78 -39.78 -2.55 8.34
N ALA D 79 -39.73 -3.82 7.91
CA ALA D 79 -40.79 -4.78 8.30
C ALA D 79 -40.91 -4.92 9.83
N LEU D 80 -39.74 -4.95 10.49
CA LEU D 80 -39.63 -5.30 11.94
C LEU D 80 -39.74 -4.06 12.85
N ASN D 81 -39.70 -2.87 12.28
CA ASN D 81 -39.73 -1.60 13.04
C ASN D 81 -38.49 -1.42 13.94
N ILE D 82 -37.30 -1.59 13.36
CA ILE D 82 -36.02 -1.42 14.07
C ILE D 82 -35.43 -0.04 13.72
N ASP D 83 -35.01 0.72 14.70
CA ASP D 83 -34.25 2.00 14.60
C ASP D 83 -32.73 1.64 14.64
N VAL D 84 -32.00 1.95 13.56
CA VAL D 84 -30.56 1.59 13.47
C VAL D 84 -29.73 2.52 14.34
N PRO D 85 -28.74 2.00 15.13
CA PRO D 85 -27.82 2.90 15.89
C PRO D 85 -27.13 3.91 15.00
N VAL D 86 -26.93 5.16 15.47
CA VAL D 86 -26.30 6.18 14.61
CA VAL D 86 -26.27 6.19 14.62
C VAL D 86 -24.86 5.77 14.19
N ASN D 87 -24.07 5.11 15.05
CA ASN D 87 -22.73 4.69 14.61
C ASN D 87 -22.80 3.74 13.40
N ALA D 88 -23.79 2.83 13.41
CA ALA D 88 -24.03 1.90 12.26
C ALA D 88 -24.39 2.73 10.98
N GLN D 89 -25.17 3.80 11.16
CA GLN D 89 -25.46 4.65 9.98
C GLN D 89 -24.17 5.31 9.45
N TYR D 90 -23.28 5.87 10.35
CA TYR D 90 -22.07 6.51 9.85
C TYR D 90 -21.23 5.51 9.03
N ILE D 91 -21.12 4.27 9.56
CA ILE D 91 -20.29 3.23 8.91
C ILE D 91 -20.91 2.83 7.54
N ARG D 92 -22.22 2.55 7.52
CA ARG D 92 -22.96 2.24 6.26
C ARG D 92 -22.74 3.37 5.23
N ASN D 93 -22.83 4.61 5.73
CA ASN D 93 -22.75 5.80 4.84
C ASN D 93 -21.33 5.92 4.23
N ILE D 94 -20.26 5.76 5.05
CA ILE D 94 -18.88 5.83 4.53
C ILE D 94 -18.68 4.74 3.44
N ILE D 95 -19.13 3.51 3.74
CA ILE D 95 -19.05 2.42 2.72
C ILE D 95 -19.75 2.79 1.42
N LEU D 96 -21.01 3.27 1.48
CA LEU D 96 -21.74 3.56 0.24
C LEU D 96 -21.08 4.72 -0.53
N ALA D 97 -20.63 5.78 0.19
CA ALA D 97 -20.01 6.95 -0.50
C ALA D 97 -18.66 6.57 -1.19
N ALA D 98 -17.82 5.77 -0.48
CA ALA D 98 -16.54 5.36 -1.05
C ALA D 98 -16.76 4.41 -2.21
N HIS D 99 -17.67 3.43 -2.05
CA HIS D 99 -17.97 2.51 -3.19
C HIS D 99 -18.40 3.30 -4.43
N THR D 100 -19.32 4.26 -4.21
CA THR D 100 -19.91 5.01 -5.34
C THR D 100 -18.83 5.84 -6.06
N THR D 101 -17.82 6.34 -5.30
CA THR D 101 -16.66 7.09 -5.91
C THR D 101 -15.93 6.14 -6.90
N HIS D 102 -15.57 4.92 -6.41
CA HIS D 102 -14.95 3.87 -7.31
C HIS D 102 -15.83 3.64 -8.55
N ASP D 103 -17.12 3.50 -8.33
CA ASP D 103 -18.04 3.06 -9.41
C ASP D 103 -18.12 4.14 -10.51
N HIS D 104 -18.31 5.40 -10.10
CA HIS D 104 -18.40 6.47 -11.12
C HIS D 104 -17.09 6.67 -11.89
N ILE D 105 -15.93 6.68 -11.18
CA ILE D 105 -14.61 6.85 -11.86
C ILE D 105 -14.45 5.75 -12.93
N VAL D 106 -14.67 4.48 -12.54
CA VAL D 106 -14.49 3.35 -13.50
C VAL D 106 -15.46 3.49 -14.70
N HIS D 107 -16.71 3.93 -14.42
CA HIS D 107 -17.66 4.14 -15.54
C HIS D 107 -17.14 5.17 -16.55
N PHE D 108 -16.72 6.35 -16.06
CA PHE D 108 -16.31 7.43 -17.00
C PHE D 108 -15.07 6.95 -17.82
N TYR D 109 -14.06 6.32 -17.17
CA TYR D 109 -12.79 6.01 -17.83
C TYR D 109 -12.85 4.62 -18.48
N GLN D 110 -12.90 3.55 -17.68
CA GLN D 110 -12.78 2.16 -18.24
C GLN D 110 -13.96 1.74 -19.13
N LEU D 111 -15.17 2.25 -18.82
CA LEU D 111 -16.36 1.79 -19.60
C LEU D 111 -16.71 2.79 -20.72
N SER D 112 -16.70 4.12 -20.47
CA SER D 112 -17.26 5.06 -21.48
CA SER D 112 -17.26 5.13 -21.43
C SER D 112 -16.23 5.78 -22.38
N ALA D 113 -15.00 5.99 -21.88
CA ALA D 113 -14.07 6.90 -22.58
C ALA D 113 -13.85 6.42 -24.05
N LEU D 114 -13.73 5.10 -24.27
CA LEU D 114 -13.39 4.58 -25.63
C LEU D 114 -14.52 4.71 -26.65
N ASP D 115 -15.68 5.30 -26.23
CA ASP D 115 -16.70 5.78 -27.18
C ASP D 115 -16.30 7.12 -27.82
N TRP D 116 -15.46 7.90 -27.14
CA TRP D 116 -15.20 9.33 -27.45
C TRP D 116 -13.73 9.58 -27.81
N VAL D 117 -12.85 8.63 -27.47
CA VAL D 117 -11.39 8.69 -27.56
C VAL D 117 -10.89 7.64 -28.56
N ASP D 118 -9.99 8.06 -29.44
CA ASP D 118 -9.32 7.29 -30.52
C ASP D 118 -7.85 7.05 -30.09
N ILE D 119 -7.51 5.85 -29.60
CA ILE D 119 -6.15 5.58 -29.07
C ILE D 119 -5.07 5.70 -30.15
N THR D 120 -5.36 5.33 -31.41
CA THR D 120 -4.43 5.37 -32.55
C THR D 120 -4.02 6.81 -32.82
N SER D 121 -4.97 7.75 -32.74
CA SER D 121 -4.75 9.20 -33.01
C SER D 121 -3.77 9.72 -31.95
N ALA D 122 -3.80 9.19 -30.72
CA ALA D 122 -2.84 9.62 -29.66
C ALA D 122 -1.37 9.42 -30.06
N LEU D 123 -1.06 8.50 -30.98
CA LEU D 123 0.33 8.31 -31.46
C LEU D 123 0.81 9.54 -32.24
N GLN D 124 -0.09 10.29 -32.86
CA GLN D 124 0.30 11.53 -33.61
C GLN D 124 0.47 12.76 -32.72
N ALA D 125 0.17 12.67 -31.42
CA ALA D 125 0.19 13.87 -30.58
C ALA D 125 1.61 14.37 -30.27
N ASP D 126 1.69 15.67 -30.08
CA ASP D 126 2.89 16.35 -29.52
C ASP D 126 2.65 16.44 -28.00
N PRO D 127 3.42 15.72 -27.12
CA PRO D 127 3.19 15.75 -25.67
C PRO D 127 3.29 17.14 -25.02
N THR D 128 4.22 17.99 -25.50
CA THR D 128 4.37 19.36 -24.98
C THR D 128 3.13 20.19 -25.30
N LYS D 129 2.63 20.16 -26.56
CA LYS D 129 1.39 20.88 -26.91
C LYS D 129 0.21 20.38 -26.06
N ALA D 130 0.14 19.11 -25.78
CA ALA D 130 -0.96 18.51 -24.98
C ALA D 130 -0.92 19.09 -23.56
N SER D 131 0.28 19.10 -22.92
CA SER D 131 0.41 19.67 -21.57
C SER D 131 0.06 21.18 -21.55
N GLU D 132 0.47 21.91 -22.61
CA GLU D 132 0.19 23.38 -22.67
C GLU D 132 -1.32 23.66 -22.72
N MET D 133 -2.10 22.77 -23.36
CA MET D 133 -3.55 22.98 -23.49
C MET D 133 -4.25 23.05 -22.12
N LEU D 134 -3.65 22.45 -21.09
CA LEU D 134 -4.26 22.33 -19.76
C LEU D 134 -3.82 23.46 -18.81
N LYS D 135 -2.93 24.37 -19.25
CA LYS D 135 -2.52 25.53 -18.41
C LYS D 135 -3.71 26.45 -18.12
N GLY D 136 -4.03 26.71 -16.85
CA GLY D 136 -5.17 27.60 -16.48
C GLY D 136 -6.49 26.85 -16.47
N VAL D 137 -6.46 25.54 -16.76
CA VAL D 137 -7.68 24.71 -16.87
C VAL D 137 -7.72 23.63 -15.74
N SER D 138 -6.57 23.13 -15.35
CA SER D 138 -6.39 22.18 -14.22
C SER D 138 -5.11 22.52 -13.44
N THR D 139 -5.13 22.24 -12.13
CA THR D 139 -3.95 22.27 -11.27
C THR D 139 -3.38 20.86 -11.01
N TRP D 140 -3.89 19.82 -11.65
CA TRP D 140 -3.40 18.44 -11.42
C TRP D 140 -1.88 18.35 -11.60
N HIS D 141 -1.24 17.58 -10.72
CA HIS D 141 0.25 17.46 -10.71
C HIS D 141 0.81 16.43 -11.72
N LEU D 142 -0.02 15.66 -12.48
CA LEU D 142 0.47 14.60 -13.39
C LEU D 142 0.00 14.84 -14.87
N ASN D 143 0.10 16.12 -15.28
CA ASN D 143 -0.19 16.58 -16.67
C ASN D 143 1.06 17.05 -17.41
N SER D 144 2.27 16.68 -16.96
CA SER D 144 3.53 17.10 -17.59
C SER D 144 3.73 16.48 -18.99
N PRO D 145 4.54 17.11 -19.88
CA PRO D 145 4.98 16.44 -21.14
C PRO D 145 5.64 15.10 -20.88
N GLU D 146 6.43 15.01 -19.80
CA GLU D 146 7.14 13.74 -19.46
C GLU D 146 6.16 12.61 -19.11
N GLU D 147 5.12 12.89 -18.30
CA GLU D 147 4.08 11.89 -18.06
C GLU D 147 3.44 11.44 -19.39
N PHE D 148 3.05 12.41 -20.23
CA PHE D 148 2.34 12.14 -21.48
C PHE D 148 3.25 11.35 -22.46
N THR D 149 4.58 11.63 -22.46
CA THR D 149 5.52 10.88 -23.33
C THR D 149 5.62 9.41 -22.85
N LYS D 150 5.67 9.19 -21.53
CA LYS D 150 5.74 7.79 -21.01
C LYS D 150 4.46 7.03 -21.44
N VAL D 151 3.31 7.64 -21.27
CA VAL D 151 2.02 7.00 -21.70
C VAL D 151 2.03 6.74 -23.24
N GLN D 152 2.39 7.75 -24.04
CA GLN D 152 2.49 7.54 -25.51
C GLN D 152 3.38 6.34 -25.83
N ASN D 153 4.51 6.17 -25.11
CA ASN D 153 5.46 5.05 -25.37
C ASN D 153 4.82 3.71 -24.99
N LYS D 154 3.97 3.66 -23.97
CA LYS D 154 3.21 2.43 -23.65
C LYS D 154 2.27 2.09 -24.84
N ILE D 155 1.59 3.08 -25.44
CA ILE D 155 0.68 2.79 -26.59
C ILE D 155 1.53 2.28 -27.79
N LYS D 156 2.65 2.97 -28.06
CA LYS D 156 3.58 2.61 -29.18
C LYS D 156 4.03 1.15 -29.01
N ASP D 157 4.35 0.73 -27.78
CA ASP D 157 4.85 -0.66 -27.55
C ASP D 157 3.74 -1.70 -27.79
N LEU D 158 2.53 -1.38 -27.28
CA LEU D 158 1.35 -2.31 -27.48
C LEU D 158 1.08 -2.50 -28.98
N VAL D 159 0.99 -1.39 -29.73
CA VAL D 159 0.78 -1.44 -31.21
C VAL D 159 1.90 -2.25 -31.87
N ALA D 160 3.15 -1.98 -31.53
CA ALA D 160 4.30 -2.64 -32.20
C ALA D 160 4.32 -4.15 -31.98
N SER D 161 3.69 -4.66 -30.93
CA SER D 161 3.64 -6.10 -30.55
C SER D 161 2.70 -6.85 -31.49
N GLY D 162 1.81 -6.16 -32.18
CA GLY D 162 0.74 -6.80 -32.98
C GLY D 162 -0.36 -7.49 -32.15
N GLN D 163 -0.31 -7.42 -30.81
CA GLN D 163 -1.34 -8.01 -29.94
C GLN D 163 -2.11 -6.86 -29.28
N LEU D 164 -3.12 -6.31 -29.98
CA LEU D 164 -3.90 -5.19 -29.39
C LEU D 164 -4.96 -5.72 -28.40
N GLY D 165 -5.34 -7.00 -28.50
CA GLY D 165 -6.29 -7.67 -27.59
C GLY D 165 -7.55 -6.83 -27.43
N ILE D 166 -7.93 -6.55 -26.21
CA ILE D 166 -9.17 -5.78 -25.94
C ILE D 166 -9.20 -4.33 -26.53
N PHE D 167 -8.07 -3.77 -26.97
CA PHE D 167 -7.99 -2.48 -27.67
C PHE D 167 -8.15 -2.67 -29.20
N ALA D 168 -8.29 -3.90 -29.72
CA ALA D 168 -8.41 -4.19 -31.20
C ALA D 168 -9.80 -3.90 -31.81
N ASN D 169 -9.77 -3.74 -33.14
CA ASN D 169 -10.92 -3.71 -34.11
C ASN D 169 -11.90 -2.68 -33.56
N GLY D 170 -11.36 -1.60 -32.96
CA GLY D 170 -12.16 -0.51 -32.37
C GLY D 170 -12.55 0.43 -33.46
N TYR D 171 -12.97 1.66 -33.11
CA TYR D 171 -13.72 2.60 -34.03
C TYR D 171 -12.78 3.71 -34.50
N TRP D 172 -11.51 3.32 -34.77
CA TRP D 172 -10.39 4.28 -34.98
C TRP D 172 -10.63 4.94 -36.37
N GLY D 173 -10.68 6.29 -36.46
CA GLY D 173 -10.96 7.05 -37.72
C GLY D 173 -12.45 7.30 -38.00
N HIS D 174 -13.36 6.79 -37.19
CA HIS D 174 -14.83 6.95 -37.44
C HIS D 174 -15.16 8.44 -37.55
N PRO D 175 -16.11 8.89 -38.41
CA PRO D 175 -16.42 10.33 -38.57
C PRO D 175 -16.98 11.01 -37.29
N ALA D 176 -17.52 10.23 -36.36
CA ALA D 176 -18.02 10.75 -35.08
C ALA D 176 -16.90 10.88 -34.03
N MET D 177 -15.67 10.51 -34.34
CA MET D 177 -14.50 10.73 -33.44
C MET D 177 -13.95 12.14 -33.72
N LYS D 178 -14.09 13.06 -32.76
CA LYS D 178 -13.82 14.51 -32.98
C LYS D 178 -12.61 15.06 -32.18
N LEU D 179 -11.98 14.29 -31.28
CA LEU D 179 -10.88 14.88 -30.47
C LEU D 179 -9.64 15.04 -31.34
N PRO D 180 -8.85 16.12 -31.11
CA PRO D 180 -7.50 16.19 -31.71
C PRO D 180 -6.53 15.16 -31.08
N PRO D 181 -5.46 14.77 -31.80
CA PRO D 181 -4.45 13.85 -31.22
C PRO D 181 -4.02 14.12 -29.77
N GLU D 182 -3.76 15.40 -29.47
CA GLU D 182 -3.29 15.80 -28.11
C GLU D 182 -4.36 15.44 -27.05
N VAL D 183 -5.66 15.68 -27.34
CA VAL D 183 -6.70 15.38 -26.32
C VAL D 183 -6.90 13.84 -26.18
N ASN D 184 -6.78 13.10 -27.27
CA ASN D 184 -6.78 11.63 -27.12
C ASN D 184 -5.63 11.17 -26.18
N LEU D 185 -4.42 11.74 -26.30
CA LEU D 185 -3.29 11.30 -25.43
C LEU D 185 -3.58 11.69 -23.98
N ILE D 186 -4.07 12.92 -23.73
CA ILE D 186 -4.47 13.34 -22.36
C ILE D 186 -5.43 12.30 -21.74
N ALA D 187 -6.46 11.92 -22.49
CA ALA D 187 -7.50 11.01 -21.99
C ALA D 187 -6.91 9.62 -21.63
N VAL D 188 -6.00 9.10 -22.45
CA VAL D 188 -5.38 7.78 -22.15
C VAL D 188 -4.54 7.89 -20.83
N ALA D 189 -3.76 8.96 -20.69
CA ALA D 189 -3.01 9.18 -19.42
C ALA D 189 -3.97 9.19 -18.20
N HIS D 190 -5.10 9.86 -18.34
CA HIS D 190 -6.07 9.98 -17.25
C HIS D 190 -6.77 8.62 -16.97
N TYR D 191 -7.03 7.82 -18.02
CA TYR D 191 -7.60 6.44 -17.90
C TYR D 191 -6.70 5.62 -16.95
N LEU D 192 -5.36 5.65 -17.20
CA LEU D 192 -4.39 4.90 -16.36
C LEU D 192 -4.35 5.43 -14.92
N GLN D 193 -4.34 6.77 -14.77
CA GLN D 193 -4.29 7.41 -13.41
C GLN D 193 -5.56 7.09 -12.60
N ALA D 194 -6.70 6.99 -13.30
CA ALA D 194 -8.00 6.68 -12.66
C ALA D 194 -7.93 5.36 -11.90
N LEU D 195 -7.17 4.38 -12.44
CA LEU D 195 -7.12 3.06 -11.77
C LEU D 195 -6.50 3.16 -10.38
N GLU D 196 -5.52 4.06 -10.15
CA GLU D 196 -4.97 4.27 -8.79
C GLU D 196 -6.02 4.90 -7.85
N CYS D 197 -6.73 5.92 -8.31
CA CYS D 197 -7.74 6.59 -7.46
C CYS D 197 -8.86 5.63 -7.03
N GLN D 198 -9.40 4.84 -8.01
CA GLN D 198 -10.48 3.90 -7.64
C GLN D 198 -9.96 2.86 -6.64
N ARG D 199 -8.68 2.41 -6.78
CA ARG D 199 -8.08 1.43 -5.79
C ARG D 199 -8.10 2.04 -4.37
N ASP D 200 -7.70 3.31 -4.22
CA ASP D 200 -7.78 4.00 -2.88
C ASP D 200 -9.22 4.03 -2.33
N ALA D 201 -10.19 4.32 -3.19
CA ALA D 201 -11.60 4.36 -2.74
C ALA D 201 -12.03 2.99 -2.17
N ASN D 202 -11.60 1.90 -2.86
CA ASN D 202 -11.96 0.57 -2.37
C ASN D 202 -11.20 0.12 -1.12
N ARG D 203 -10.03 0.75 -0.81
CA ARG D 203 -9.33 0.49 0.47
C ARG D 203 -10.15 1.00 1.66
N VAL D 204 -10.84 2.17 1.47
CA VAL D 204 -11.80 2.68 2.48
C VAL D 204 -12.90 1.63 2.75
N VAL D 205 -13.51 1.15 1.62
CA VAL D 205 -14.60 0.14 1.73
C VAL D 205 -14.09 -1.11 2.47
N ALA D 206 -12.91 -1.61 2.08
CA ALA D 206 -12.37 -2.88 2.66
C ALA D 206 -12.22 -2.78 4.18
N LEU D 207 -11.63 -1.66 4.65
CA LEU D 207 -11.32 -1.54 6.09
C LEU D 207 -12.58 -1.54 6.98
N LEU D 208 -13.74 -1.16 6.46
CA LEU D 208 -15.00 -1.26 7.22
C LEU D 208 -15.82 -2.53 6.84
N GLY D 209 -15.73 -2.97 5.57
CA GLY D 209 -16.56 -4.09 5.07
C GLY D 209 -15.99 -5.47 5.33
N GLY D 210 -14.66 -5.58 5.53
CA GLY D 210 -14.00 -6.87 5.69
C GLY D 210 -13.36 -7.49 4.43
N LYS D 211 -13.63 -6.81 3.30
CA LYS D 211 -13.19 -7.14 1.93
C LYS D 211 -14.07 -6.35 0.95
N THR D 212 -13.69 -6.29 -0.32
CA THR D 212 -14.53 -5.86 -1.45
C THR D 212 -13.86 -6.44 -2.71
N PRO D 213 -14.62 -7.00 -3.68
CA PRO D 213 -16.11 -7.01 -3.73
C PRO D 213 -16.76 -7.86 -2.63
N HIS D 214 -18.03 -7.51 -2.35
CA HIS D 214 -18.99 -8.21 -1.48
C HIS D 214 -18.60 -8.02 0.00
N ILE D 215 -19.10 -6.91 0.58
CA ILE D 215 -18.82 -6.62 2.01
C ILE D 215 -19.44 -7.66 2.91
N GLN D 216 -18.97 -7.70 4.16
CA GLN D 216 -19.39 -8.74 5.11
C GLN D 216 -19.46 -8.17 6.56
N ASN D 217 -19.97 -6.94 6.70
CA ASN D 217 -20.03 -6.25 8.03
C ASN D 217 -21.45 -5.82 8.43
N LEU D 218 -22.47 -6.19 7.65
CA LEU D 218 -23.83 -5.74 7.93
C LEU D 218 -24.57 -6.72 8.87
N ALA D 219 -25.76 -6.28 9.36
CA ALA D 219 -26.68 -7.15 10.08
C ALA D 219 -28.04 -6.47 10.05
N VAL D 220 -29.13 -7.25 10.06
CA VAL D 220 -30.46 -6.70 10.40
C VAL D 220 -30.34 -6.25 11.90
N GLY D 221 -30.40 -4.91 12.13
CA GLY D 221 -30.12 -4.32 13.45
C GLY D 221 -28.86 -3.45 13.54
N GLY D 222 -27.99 -3.41 12.49
CA GLY D 222 -26.84 -2.50 12.53
C GLY D 222 -25.64 -3.02 11.74
N VAL D 223 -24.49 -3.05 12.42
CA VAL D 223 -23.24 -3.55 11.78
C VAL D 223 -22.52 -4.50 12.77
N ALA D 224 -21.56 -5.26 12.22
CA ALA D 224 -20.71 -6.23 12.90
C ALA D 224 -19.37 -5.65 13.37
N ASN D 225 -19.04 -4.41 12.99
CA ASN D 225 -17.77 -3.79 13.47
C ASN D 225 -17.84 -3.58 14.98
N PRO D 226 -16.81 -3.97 15.76
CA PRO D 226 -16.85 -3.73 17.23
C PRO D 226 -16.05 -2.47 17.54
N ILE D 227 -16.76 -1.39 17.96
CA ILE D 227 -16.07 -0.10 18.25
C ILE D 227 -15.47 -0.17 19.65
N ASN D 228 -14.13 -0.01 19.76
CA ASN D 228 -13.44 0.03 21.08
C ASN D 228 -12.06 0.67 20.84
N LEU D 229 -11.95 1.96 21.15
CA LEU D 229 -10.67 2.64 20.90
C LEU D 229 -9.48 2.00 21.56
N ASP D 230 -9.73 1.34 22.72
CA ASP D 230 -8.70 0.70 23.55
C ASP D 230 -8.54 -0.83 23.34
N GLY D 231 -9.24 -1.41 22.34
CA GLY D 231 -9.23 -2.86 22.12
C GLY D 231 -8.21 -3.32 21.06
N LEU D 232 -7.58 -4.47 21.30
CA LEU D 232 -6.72 -5.16 20.34
C LEU D 232 -7.63 -6.00 19.41
N GLY D 233 -7.34 -5.92 18.10
CA GLY D 233 -8.07 -6.76 17.13
C GLY D 233 -9.42 -6.30 16.70
N VAL D 234 -9.86 -5.09 17.10
CA VAL D 234 -11.20 -4.53 16.84
C VAL D 234 -11.05 -3.13 16.19
N LEU D 235 -12.18 -2.41 16.03
CA LEU D 235 -12.16 -1.08 15.35
C LEU D 235 -11.75 -0.03 16.41
N ASN D 236 -10.43 0.23 16.41
CA ASN D 236 -9.79 1.15 17.41
C ASN D 236 -9.29 2.40 16.70
N LEU D 237 -8.60 3.27 17.45
CA LEU D 237 -8.19 4.56 16.84
C LEU D 237 -7.17 4.38 15.71
N GLU D 238 -6.24 3.43 15.85
CA GLU D 238 -5.26 3.15 14.78
C GLU D 238 -5.99 2.75 13.46
N ARG D 239 -6.99 1.87 13.57
CA ARG D 239 -7.73 1.41 12.36
C ARG D 239 -8.49 2.63 11.72
N LEU D 240 -9.10 3.47 12.58
CA LEU D 240 -9.83 4.65 12.09
C LEU D 240 -8.87 5.62 11.38
N MET D 241 -7.65 5.85 11.95
CA MET D 241 -6.62 6.69 11.28
C MET D 241 -6.27 6.13 9.89
N TYR D 242 -6.18 4.79 9.82
CA TYR D 242 -5.82 4.14 8.52
C TYR D 242 -6.94 4.42 7.48
N ILE D 243 -8.22 4.27 7.85
CA ILE D 243 -9.36 4.63 6.98
C ILE D 243 -9.20 6.08 6.51
N LYS D 244 -8.95 7.03 7.43
CA LYS D 244 -8.84 8.47 7.08
C LYS D 244 -7.72 8.70 6.06
N SER D 245 -6.59 7.98 6.18
CA SER D 245 -5.44 8.15 5.24
C SER D 245 -5.87 7.89 3.78
N PHE D 246 -6.80 6.94 3.58
CA PHE D 246 -7.30 6.65 2.19
C PHE D 246 -8.40 7.66 1.80
N ILE D 247 -9.34 8.04 2.70
CA ILE D 247 -10.35 9.07 2.36
C ILE D 247 -9.63 10.33 1.80
N ASP D 248 -8.53 10.72 2.41
CA ASP D 248 -7.85 11.99 2.05
C ASP D 248 -7.17 11.92 0.65
N LYS D 249 -6.94 10.72 0.12
CA LYS D 249 -6.26 10.51 -1.19
C LYS D 249 -7.18 10.67 -2.41
N LEU D 250 -8.51 10.84 -2.22
CA LEU D 250 -9.46 10.74 -3.37
C LEU D 250 -9.72 12.11 -4.03
N SER D 251 -9.71 13.22 -3.27
CA SER D 251 -10.26 14.50 -3.74
C SER D 251 -9.51 15.05 -4.97
N ASP D 252 -8.17 15.07 -4.92
CA ASP D 252 -7.45 15.78 -5.99
C ASP D 252 -7.78 15.23 -7.40
N PHE D 253 -7.74 13.91 -7.56
CA PHE D 253 -8.07 13.30 -8.88
C PHE D 253 -9.50 13.66 -9.27
N VAL D 254 -10.46 13.50 -8.32
CA VAL D 254 -11.87 13.75 -8.65
C VAL D 254 -12.05 15.21 -9.13
N GLU D 255 -11.46 16.18 -8.41
CA GLU D 255 -11.71 17.62 -8.68
C GLU D 255 -10.89 18.11 -9.88
N GLN D 256 -9.64 17.66 -10.00
CA GLN D 256 -8.64 18.24 -10.96
C GLN D 256 -8.52 17.44 -12.25
N VAL D 257 -9.08 16.22 -12.29
CA VAL D 257 -9.01 15.33 -13.47
C VAL D 257 -10.41 14.98 -13.96
N TYR D 258 -11.17 14.21 -13.21
CA TYR D 258 -12.51 13.72 -13.64
C TYR D 258 -13.47 14.88 -13.93
N LYS D 259 -13.55 15.87 -12.98
CA LYS D 259 -14.45 17.01 -13.16
C LYS D 259 -14.03 17.82 -14.42
N VAL D 260 -12.74 18.03 -14.65
CA VAL D 260 -12.23 18.82 -15.78
C VAL D 260 -12.47 18.08 -17.11
N ASP D 261 -12.17 16.77 -17.19
CA ASP D 261 -12.38 15.93 -18.38
C ASP D 261 -13.87 15.97 -18.80
N THR D 262 -14.79 15.97 -17.86
CA THR D 262 -16.24 15.99 -18.14
C THR D 262 -16.56 17.27 -18.94
N ALA D 263 -16.07 18.41 -18.47
CA ALA D 263 -16.27 19.68 -19.22
C ALA D 263 -15.58 19.66 -20.58
N VAL D 264 -14.39 19.08 -20.72
CA VAL D 264 -13.64 19.03 -22.00
C VAL D 264 -14.44 18.16 -23.01
N ILE D 265 -14.92 16.98 -22.60
CA ILE D 265 -15.70 16.16 -23.54
C ILE D 265 -16.92 16.94 -24.09
N ALA D 266 -17.61 17.64 -23.19
CA ALA D 266 -18.76 18.47 -23.63
C ALA D 266 -18.35 19.57 -24.61
N ALA D 267 -17.19 20.18 -24.41
CA ALA D 267 -16.70 21.25 -25.30
C ALA D 267 -16.45 20.74 -26.70
N PHE D 268 -15.98 19.51 -26.88
CA PHE D 268 -15.64 18.96 -28.21
C PHE D 268 -16.84 18.24 -28.87
N TYR D 269 -17.88 17.89 -28.09
CA TYR D 269 -19.06 17.14 -28.60
C TYR D 269 -20.39 17.88 -28.30
N PRO D 270 -20.51 19.19 -28.57
CA PRO D 270 -21.65 19.97 -28.06
C PRO D 270 -23.03 19.51 -28.60
N GLU D 271 -23.07 18.88 -29.78
CA GLU D 271 -24.35 18.35 -30.33
C GLU D 271 -24.94 17.24 -29.41
N TRP D 272 -24.11 16.65 -28.56
CA TRP D 272 -24.54 15.59 -27.63
C TRP D 272 -25.27 16.15 -26.36
N LEU D 273 -25.41 17.48 -26.30
CA LEU D 273 -26.31 18.22 -25.39
C LEU D 273 -27.73 18.33 -25.97
N THR D 274 -27.97 17.87 -27.21
CA THR D 274 -29.23 18.07 -27.97
C THR D 274 -29.85 16.74 -28.39
N ARG D 275 -29.36 15.63 -27.87
CA ARG D 275 -29.93 14.32 -28.13
C ARG D 275 -29.75 13.42 -26.90
N GLY D 276 -30.47 12.30 -26.92
CA GLY D 276 -30.44 11.29 -25.84
C GLY D 276 -31.35 11.51 -24.64
N LYS D 277 -32.43 12.33 -24.80
CA LYS D 277 -33.47 12.52 -23.78
C LYS D 277 -34.28 11.22 -23.67
N GLY D 278 -34.36 10.61 -22.49
CA GLY D 278 -35.08 9.33 -22.28
C GLY D 278 -36.49 9.41 -21.68
N ALA D 279 -36.77 10.47 -20.95
CA ALA D 279 -38.00 10.66 -20.17
C ALA D 279 -38.29 12.16 -19.89
N VAL D 280 -39.51 12.44 -19.47
CA VAL D 280 -39.90 13.76 -18.95
C VAL D 280 -40.18 13.67 -17.43
N ASN D 281 -40.17 12.49 -16.83
CA ASN D 281 -40.40 12.31 -15.35
C ASN D 281 -39.09 11.71 -14.76
N TYR D 282 -38.76 12.13 -13.53
CA TYR D 282 -37.51 11.73 -12.82
C TYR D 282 -37.82 11.39 -11.36
N LEU D 283 -37.15 10.39 -10.80
CA LEU D 283 -37.27 10.05 -9.36
C LEU D 283 -35.88 9.81 -8.74
N SER D 284 -35.74 10.28 -7.52
CA SER D 284 -34.59 9.93 -6.63
C SER D 284 -35.08 9.83 -5.19
N VAL D 285 -34.38 9.03 -4.36
CA VAL D 285 -34.69 8.97 -2.92
C VAL D 285 -33.59 9.72 -2.13
N PRO D 286 -33.96 10.30 -0.96
CA PRO D 286 -32.93 10.91 -0.11
C PRO D 286 -31.96 9.83 0.38
N GLU D 287 -30.73 10.23 0.74
CA GLU D 287 -29.67 9.28 1.13
C GLU D 287 -28.74 9.83 2.19
N PHE D 288 -28.11 8.89 2.91
CA PHE D 288 -27.13 9.15 4.01
C PHE D 288 -27.87 9.64 5.26
N PRO D 289 -28.64 8.74 5.92
CA PRO D 289 -29.32 9.11 7.17
C PRO D 289 -28.31 9.36 8.30
N THR D 290 -28.64 10.32 9.19
CA THR D 290 -27.71 10.75 10.26
C THR D 290 -28.33 10.87 11.66
N ASP D 291 -29.60 10.49 11.81
CA ASP D 291 -30.24 10.48 13.14
C ASP D 291 -30.38 9.06 13.69
N SER D 292 -31.03 8.97 14.86
CA SER D 292 -31.22 7.68 15.57
C SER D 292 -32.49 6.91 15.14
N LYS D 293 -33.23 7.44 14.17
CA LYS D 293 -34.54 6.93 13.73
C LYS D 293 -34.61 6.82 12.20
N ASN D 294 -33.52 6.44 11.56
CA ASN D 294 -33.45 6.06 10.12
C ASN D 294 -33.76 7.27 9.18
N GLY D 295 -33.55 8.51 9.63
CA GLY D 295 -33.79 9.72 8.77
C GLY D 295 -32.72 10.80 8.93
N SER D 296 -33.12 12.04 8.69
CA SER D 296 -32.21 13.22 8.62
C SER D 296 -31.10 13.01 7.60
N PHE D 297 -31.51 12.94 6.34
CA PHE D 297 -30.60 12.60 5.23
C PHE D 297 -29.71 13.79 4.81
N LEU D 298 -28.44 13.45 4.44
CA LEU D 298 -27.54 14.51 3.93
C LEU D 298 -27.89 14.94 2.48
N PHE D 299 -28.38 14.02 1.64
CA PHE D 299 -28.80 14.32 0.27
C PHE D 299 -30.33 14.22 0.13
N PRO D 300 -30.96 15.18 -0.62
CA PRO D 300 -32.44 15.16 -0.74
C PRO D 300 -32.92 14.25 -1.90
N GLY D 301 -34.21 13.93 -1.87
CA GLY D 301 -34.91 13.16 -2.90
C GLY D 301 -36.19 13.85 -3.37
N GLY D 302 -36.85 13.25 -4.37
CA GLY D 302 -38.08 13.87 -4.91
C GLY D 302 -38.50 13.27 -6.24
N TYR D 303 -39.64 13.82 -6.71
CA TYR D 303 -40.29 13.41 -7.99
C TYR D 303 -40.56 14.67 -8.87
N ILE D 304 -40.00 14.66 -10.09
CA ILE D 304 -40.20 15.69 -11.14
C ILE D 304 -41.15 15.13 -12.21
N GLU D 305 -42.23 15.84 -12.50
CA GLU D 305 -43.20 15.47 -13.57
C GLU D 305 -43.12 16.48 -14.76
N ASN D 306 -43.08 15.95 -15.99
CA ASN D 306 -43.05 16.79 -17.20
C ASN D 306 -41.92 17.86 -17.20
N ALA D 307 -40.76 17.47 -16.67
CA ALA D 307 -39.53 18.28 -16.63
C ALA D 307 -39.69 19.62 -15.84
N ASP D 308 -40.73 19.74 -14.99
CA ASP D 308 -41.00 21.02 -14.28
C ASP D 308 -40.39 21.04 -12.89
N LEU D 309 -39.19 21.58 -12.76
CA LEU D 309 -38.44 21.63 -11.45
C LEU D 309 -39.22 22.46 -10.43
N SER D 310 -39.94 23.48 -10.86
CA SER D 310 -40.57 24.49 -9.96
C SER D 310 -41.69 23.85 -9.15
N SER D 311 -42.32 22.81 -9.69
CA SER D 311 -43.49 22.17 -9.04
C SER D 311 -43.21 20.71 -8.57
N TYR D 312 -41.93 20.37 -8.38
CA TYR D 312 -41.53 19.00 -7.98
C TYR D 312 -42.11 18.66 -6.59
N ARG D 313 -42.17 17.37 -6.27
CA ARG D 313 -42.66 16.87 -4.98
C ARG D 313 -41.45 16.35 -4.16
N PRO D 314 -41.06 17.04 -3.06
CA PRO D 314 -39.99 16.57 -2.17
C PRO D 314 -40.31 15.20 -1.54
N ILE D 315 -39.26 14.36 -1.39
CA ILE D 315 -39.34 13.11 -0.60
C ILE D 315 -38.25 13.17 0.46
N THR D 316 -38.63 13.17 1.76
CA THR D 316 -37.70 13.37 2.91
C THR D 316 -37.65 12.15 3.82
N SER D 317 -38.43 11.08 3.52
CA SER D 317 -38.54 9.90 4.38
C SER D 317 -38.57 8.63 3.53
N HIS D 318 -37.87 7.59 3.99
CA HIS D 318 -37.98 6.26 3.37
C HIS D 318 -39.28 5.52 3.68
N SER D 319 -40.13 6.10 4.54
CA SER D 319 -41.50 5.56 4.86
C SER D 319 -42.59 6.32 4.12
N ASP D 320 -42.26 7.23 3.18
CA ASP D 320 -43.25 8.07 2.48
C ASP D 320 -44.29 7.22 1.73
N GLU D 321 -45.56 7.30 2.17
CA GLU D 321 -46.62 6.45 1.59
C GLU D 321 -46.93 6.83 0.14
N TYR D 322 -46.73 8.10 -0.25
CA TYR D 322 -46.90 8.53 -1.65
C TYR D 322 -45.90 7.79 -2.60
N LEU D 323 -44.65 7.73 -2.17
CA LEU D 323 -43.62 6.98 -2.96
C LEU D 323 -43.99 5.48 -3.00
N ILE D 324 -44.25 4.91 -1.82
CA ILE D 324 -44.49 3.46 -1.74
C ILE D 324 -45.70 3.05 -2.64
N LYS D 325 -46.80 3.76 -2.55
CA LYS D 325 -48.06 3.37 -3.22
C LYS D 325 -47.97 3.52 -4.75
N GLY D 326 -47.04 4.35 -5.28
CA GLY D 326 -47.01 4.63 -6.75
C GLY D 326 -46.31 3.52 -7.55
N ILE D 327 -45.46 2.68 -6.91
CA ILE D 327 -44.53 1.79 -7.68
C ILE D 327 -45.23 0.50 -8.08
N GLN D 328 -45.19 0.17 -9.40
CA GLN D 328 -45.68 -1.13 -9.93
C GLN D 328 -44.70 -1.60 -11.03
N GLU D 329 -44.78 -2.89 -11.36
CA GLU D 329 -44.07 -3.46 -12.51
C GLU D 329 -45.00 -4.33 -13.39
N SER D 330 -44.80 -4.28 -14.72
CA SER D 330 -45.55 -5.13 -15.69
C SER D 330 -44.60 -6.05 -16.47
N ALA D 331 -45.17 -7.20 -16.90
CA ALA D 331 -44.41 -8.16 -17.73
C ALA D 331 -45.13 -8.43 -19.09
N LYS D 332 -45.95 -7.50 -19.57
CA LYS D 332 -46.60 -7.66 -20.89
C LYS D 332 -45.56 -8.03 -21.99
N HIS D 333 -44.46 -7.24 -22.07
CA HIS D 333 -43.39 -7.42 -23.11
C HIS D 333 -42.14 -8.10 -22.56
N SER D 334 -42.25 -8.78 -21.43
CA SER D 334 -41.16 -9.48 -20.72
C SER D 334 -41.46 -11.00 -20.63
N TRP D 335 -40.43 -11.83 -20.50
CA TRP D 335 -40.59 -13.31 -20.46
C TRP D 335 -41.09 -13.85 -19.10
N TYR D 336 -42.18 -13.26 -18.53
CA TYR D 336 -42.87 -13.78 -17.35
C TYR D 336 -44.36 -13.96 -17.68
N LYS D 337 -45.01 -14.77 -16.84
CA LYS D 337 -46.40 -15.22 -17.10
C LYS D 337 -47.41 -14.14 -16.73
N ASP D 338 -47.34 -13.51 -15.56
CA ASP D 338 -48.39 -12.58 -15.08
C ASP D 338 -48.08 -11.19 -15.62
N GLU D 339 -48.97 -10.61 -16.46
CA GLU D 339 -48.68 -9.38 -17.25
C GLU D 339 -49.23 -8.09 -16.64
N ALA D 340 -50.33 -8.09 -15.87
CA ALA D 340 -50.90 -6.83 -15.35
C ALA D 340 -49.96 -6.16 -14.38
N PRO D 341 -50.01 -4.81 -14.27
CA PRO D 341 -49.11 -4.14 -13.29
C PRO D 341 -49.28 -4.67 -11.86
N GLN D 342 -48.15 -4.93 -11.21
CA GLN D 342 -48.11 -5.53 -9.83
C GLN D 342 -47.36 -4.61 -8.87
N ALA D 343 -47.97 -4.32 -7.74
CA ALA D 343 -47.26 -3.72 -6.60
C ALA D 343 -46.25 -4.74 -6.08
N PRO D 344 -45.00 -4.34 -5.75
CA PRO D 344 -43.97 -5.36 -5.45
C PRO D 344 -44.26 -6.28 -4.25
N TRP D 345 -44.99 -5.82 -3.20
CA TRP D 345 -45.33 -6.78 -2.11
C TRP D 345 -46.27 -7.93 -2.61
N GLU D 346 -46.94 -7.73 -3.74
CA GLU D 346 -47.80 -8.76 -4.37
CA GLU D 346 -47.86 -8.68 -4.41
C GLU D 346 -47.18 -9.23 -5.70
N GLY D 347 -45.89 -9.00 -5.92
CA GLY D 347 -45.27 -9.39 -7.20
C GLY D 347 -45.07 -10.89 -7.33
N THR D 348 -45.04 -11.33 -8.59
CA THR D 348 -44.63 -12.72 -8.98
C THR D 348 -43.50 -12.61 -10.01
N THR D 349 -42.74 -13.69 -10.15
CA THR D 349 -41.62 -13.76 -11.14
C THR D 349 -41.64 -15.16 -11.79
N ILE D 350 -42.66 -15.45 -12.59
CA ILE D 350 -42.89 -16.82 -13.13
C ILE D 350 -42.33 -16.90 -14.55
N PRO D 351 -41.22 -17.60 -14.81
CA PRO D 351 -40.64 -17.52 -16.14
C PRO D 351 -41.55 -18.09 -17.24
N ALA D 352 -41.54 -17.44 -18.42
CA ALA D 352 -42.39 -17.81 -19.58
C ALA D 352 -41.66 -17.46 -20.90
N TYR D 353 -40.47 -18.03 -21.10
CA TYR D 353 -39.71 -17.71 -22.32
C TYR D 353 -40.37 -18.32 -23.55
N ASP D 354 -40.56 -17.51 -24.61
CA ASP D 354 -41.21 -17.94 -25.88
C ASP D 354 -40.46 -17.40 -27.10
N GLY D 355 -39.21 -16.97 -26.93
CA GLY D 355 -38.44 -16.37 -28.02
C GLY D 355 -38.74 -14.88 -28.25
N TRP D 356 -37.99 -14.28 -29.14
CA TRP D 356 -38.12 -12.85 -29.50
C TRP D 356 -39.30 -12.60 -30.44
N SER D 357 -40.09 -11.59 -30.04
CA SER D 357 -41.13 -11.00 -30.94
C SER D 357 -41.10 -9.45 -30.81
N ASP D 358 -41.00 -8.73 -31.93
CA ASP D 358 -41.00 -7.24 -31.93
C ASP D 358 -42.21 -6.64 -31.25
N ASP D 359 -43.38 -7.27 -31.35
CA ASP D 359 -44.64 -6.73 -30.77
C ASP D 359 -45.08 -7.53 -29.53
N GLY D 360 -44.36 -8.60 -29.18
CA GLY D 360 -44.67 -9.48 -28.03
C GLY D 360 -43.63 -9.34 -26.92
N LYS D 361 -43.11 -10.46 -26.48
CA LYS D 361 -42.10 -10.48 -25.40
C LYS D 361 -40.68 -10.51 -25.97
N TYR D 362 -39.79 -9.67 -25.42
CA TYR D 362 -38.41 -9.55 -25.97
C TYR D 362 -37.33 -9.24 -24.91
N SER D 363 -37.63 -9.45 -23.59
CA SER D 363 -36.60 -9.16 -22.55
C SER D 363 -36.90 -9.92 -21.27
N TRP D 364 -35.85 -10.16 -20.46
CA TRP D 364 -36.00 -10.64 -19.06
C TRP D 364 -36.19 -9.46 -18.09
N VAL D 365 -36.06 -8.21 -18.54
CA VAL D 365 -36.28 -7.02 -17.65
C VAL D 365 -37.82 -6.76 -17.56
N LYS D 366 -38.35 -6.54 -16.35
CA LYS D 366 -39.73 -6.04 -16.15
C LYS D 366 -39.82 -4.53 -16.53
N SER D 367 -41.08 -4.02 -16.59
CA SER D 367 -41.37 -2.61 -16.92
C SER D 367 -41.93 -1.82 -15.76
N PRO D 368 -41.12 -1.05 -15.02
CA PRO D 368 -41.65 -0.30 -13.86
C PRO D 368 -42.39 1.01 -14.28
N THR D 369 -43.41 1.38 -13.50
CA THR D 369 -44.06 2.67 -13.61
C THR D 369 -44.27 3.30 -12.25
N PHE D 370 -44.47 4.64 -12.25
CA PHE D 370 -44.79 5.42 -11.01
C PHE D 370 -46.15 6.10 -11.29
N TYR D 371 -47.21 5.63 -10.59
CA TYR D 371 -48.61 6.07 -10.87
C TYR D 371 -48.86 6.03 -12.41
N GLY D 372 -48.43 4.89 -13.02
CA GLY D 372 -48.76 4.66 -14.42
C GLY D 372 -47.85 5.35 -15.45
N LYS D 373 -46.82 6.07 -15.02
CA LYS D 373 -45.90 6.83 -15.92
C LYS D 373 -44.52 6.15 -16.00
N THR D 374 -43.86 6.29 -17.16
CA THR D 374 -42.44 5.92 -17.31
C THR D 374 -41.54 7.00 -16.68
N VAL D 375 -40.45 6.57 -16.03
CA VAL D 375 -39.57 7.45 -15.22
C VAL D 375 -38.12 7.05 -15.46
N GLU D 376 -37.26 8.11 -15.62
CA GLU D 376 -35.78 7.92 -15.57
C GLU D 376 -35.26 8.06 -14.13
N VAL D 377 -34.36 7.15 -13.74
CA VAL D 377 -33.62 7.21 -12.47
C VAL D 377 -32.12 7.35 -12.76
N GLY D 378 -31.35 7.62 -11.70
CA GLY D 378 -29.88 7.72 -11.80
C GLY D 378 -29.40 9.14 -11.71
N PRO D 379 -28.08 9.34 -11.98
CA PRO D 379 -27.45 10.65 -11.79
C PRO D 379 -28.14 11.90 -12.43
N LEU D 380 -28.75 11.77 -13.59
CA LEU D 380 -29.49 12.92 -14.16
C LEU D 380 -30.71 13.26 -13.31
N ALA D 381 -31.46 12.21 -12.91
CA ALA D 381 -32.57 12.43 -11.95
C ALA D 381 -32.11 13.07 -10.61
N ASN D 382 -31.04 12.48 -10.08
CA ASN D 382 -30.51 12.91 -8.79
C ASN D 382 -30.09 14.42 -8.81
N MET D 383 -29.35 14.78 -9.87
CA MET D 383 -28.88 16.19 -10.03
C MET D 383 -30.13 17.13 -10.15
N LEU D 384 -31.08 16.75 -11.03
CA LEU D 384 -32.23 17.65 -11.31
C LEU D 384 -33.05 17.86 -10.03
N VAL D 385 -33.26 16.77 -9.26
CA VAL D 385 -34.01 16.91 -7.98
C VAL D 385 -33.22 17.85 -7.02
N LYS D 386 -31.89 17.70 -6.90
CA LYS D 386 -31.10 18.65 -6.02
C LYS D 386 -31.20 20.11 -6.48
N LEU D 387 -31.18 20.32 -7.81
CA LEU D 387 -31.39 21.70 -8.33
C LEU D 387 -32.80 22.20 -8.02
N ALA D 388 -33.83 21.34 -8.14
CA ALA D 388 -35.19 21.72 -7.76
C ALA D 388 -35.34 22.09 -6.27
N ALA D 389 -34.58 21.37 -5.43
CA ALA D 389 -34.57 21.63 -3.98
C ALA D 389 -33.78 22.91 -3.61
N GLY D 390 -33.08 23.54 -4.57
CA GLY D 390 -32.23 24.72 -4.28
C GLY D 390 -30.97 24.41 -3.48
N ARG D 391 -30.45 23.19 -3.66
CA ARG D 391 -29.24 22.74 -2.92
C ARG D 391 -28.01 23.53 -3.46
N GLU D 392 -27.48 24.43 -2.62
CA GLU D 392 -26.38 25.35 -3.08
C GLU D 392 -25.12 24.55 -3.47
N SER D 393 -24.82 23.46 -2.77
CA SER D 393 -23.61 22.64 -3.11
C SER D 393 -23.70 22.12 -4.55
N THR D 394 -24.89 21.68 -4.95
CA THR D 394 -25.10 21.08 -6.30
C THR D 394 -25.01 22.21 -7.38
N GLN D 395 -25.72 23.33 -7.15
CA GLN D 395 -25.68 24.54 -8.00
CA GLN D 395 -25.65 24.43 -8.13
C GLN D 395 -24.21 24.93 -8.28
N ASN D 396 -23.46 25.02 -7.18
CA ASN D 396 -22.04 25.51 -7.21
C ASN D 396 -21.18 24.54 -7.98
N LYS D 397 -21.38 23.21 -7.78
CA LYS D 397 -20.49 22.21 -8.45
C LYS D 397 -20.81 22.22 -9.99
N LEU D 398 -22.08 22.22 -10.34
CA LEU D 398 -22.49 22.33 -11.77
C LEU D 398 -21.87 23.59 -12.39
N ASN D 399 -21.97 24.72 -11.68
CA ASN D 399 -21.41 26.01 -12.16
C ASN D 399 -19.88 25.90 -12.43
N GLU D 400 -19.15 25.11 -11.64
CA GLU D 400 -17.70 24.94 -11.91
C GLU D 400 -17.46 24.24 -13.25
N ILE D 401 -18.28 23.21 -13.53
CA ILE D 401 -18.17 22.49 -14.82
C ILE D 401 -18.57 23.45 -15.97
N VAL D 402 -19.64 24.19 -15.82
CA VAL D 402 -20.10 25.16 -16.86
C VAL D 402 -18.99 26.21 -17.13
N ALA D 403 -18.32 26.70 -16.09
CA ALA D 403 -17.26 27.73 -16.23
C ALA D 403 -16.08 27.20 -17.07
N ILE D 404 -15.69 25.94 -16.92
CA ILE D 404 -14.61 25.37 -17.77
C ILE D 404 -15.13 25.31 -19.22
N TYR D 405 -16.36 24.77 -19.41
CA TYR D 405 -16.99 24.71 -20.78
C TYR D 405 -17.04 26.13 -21.43
N GLN D 406 -17.39 27.15 -20.66
CA GLN D 406 -17.43 28.56 -21.14
C GLN D 406 -16.03 29.03 -21.57
N LYS D 407 -14.98 28.77 -20.77
CA LYS D 407 -13.59 29.19 -21.08
C LYS D 407 -13.16 28.53 -22.39
N LEU D 408 -13.54 27.25 -22.59
CA LEU D 408 -13.11 26.51 -23.81
C LEU D 408 -13.90 26.91 -25.06
N THR D 409 -15.18 27.29 -24.96
CA THR D 409 -16.08 27.38 -26.16
C THR D 409 -16.58 28.82 -26.41
N GLY D 410 -16.60 29.67 -25.39
CA GLY D 410 -17.31 30.94 -25.39
C GLY D 410 -18.81 30.86 -25.31
N ASN D 411 -19.34 29.68 -25.04
CA ASN D 411 -20.79 29.40 -24.93
C ASN D 411 -21.13 28.96 -23.51
N THR D 412 -22.38 29.15 -23.11
CA THR D 412 -22.80 28.64 -21.80
C THR D 412 -23.72 27.42 -21.96
N LEU D 413 -24.12 26.89 -20.81
CA LEU D 413 -24.90 25.63 -20.75
C LEU D 413 -26.10 25.93 -19.86
N GLU D 414 -27.33 25.76 -20.36
CA GLU D 414 -28.60 26.00 -19.61
C GLU D 414 -29.20 24.63 -19.15
N VAL D 415 -30.12 24.67 -18.17
CA VAL D 415 -30.73 23.44 -17.62
C VAL D 415 -31.42 22.67 -18.74
N ALA D 416 -32.02 23.31 -19.74
CA ALA D 416 -32.70 22.55 -20.83
C ALA D 416 -31.72 21.60 -21.54
N GLN D 417 -30.45 21.96 -21.61
CA GLN D 417 -29.41 21.15 -22.32
C GLN D 417 -29.02 19.96 -21.43
N LEU D 418 -29.43 19.90 -20.15
CA LEU D 418 -29.04 18.78 -19.27
C LEU D 418 -29.90 17.52 -19.57
N HIS D 419 -31.05 17.66 -20.26
CA HIS D 419 -31.93 16.50 -20.58
C HIS D 419 -31.38 15.81 -21.83
N SER D 420 -30.24 15.15 -21.72
CA SER D 420 -29.44 14.74 -22.88
C SER D 420 -28.40 13.73 -22.47
N THR D 421 -27.75 13.07 -23.45
CA THR D 421 -26.63 12.13 -23.20
C THR D 421 -25.53 12.82 -22.38
N LEU D 422 -25.06 14.04 -22.78
CA LEU D 422 -23.99 14.68 -21.97
C LEU D 422 -24.54 15.18 -20.61
N GLY D 423 -25.76 15.67 -20.52
CA GLY D 423 -26.30 16.03 -19.20
C GLY D 423 -26.26 14.88 -18.18
N ARG D 424 -26.54 13.68 -18.64
CA ARG D 424 -26.54 12.48 -17.81
C ARG D 424 -25.12 12.21 -17.24
N ILE D 425 -24.13 12.30 -18.16
CA ILE D 425 -22.70 12.20 -17.79
C ILE D 425 -22.30 13.29 -16.74
N ILE D 426 -22.73 14.53 -16.98
CA ILE D 426 -22.46 15.65 -16.04
C ILE D 426 -23.08 15.34 -14.67
N GLY D 427 -24.32 14.87 -14.59
CA GLY D 427 -24.94 14.53 -13.30
C GLY D 427 -24.14 13.53 -12.48
N ARG D 428 -23.59 12.56 -13.17
CA ARG D 428 -22.74 11.49 -12.53
C ARG D 428 -21.47 12.15 -11.94
N THR D 429 -20.80 12.99 -12.72
CA THR D 429 -19.58 13.68 -12.26
C THR D 429 -19.90 14.58 -11.04
N VAL D 430 -20.98 15.36 -11.10
CA VAL D 430 -21.37 16.21 -9.97
C VAL D 430 -21.52 15.35 -8.72
N HIS D 431 -22.24 14.21 -8.85
CA HIS D 431 -22.47 13.31 -7.69
C HIS D 431 -21.09 12.86 -7.11
N CYS D 432 -20.19 12.39 -7.99
CA CYS D 432 -18.86 11.94 -7.48
C CYS D 432 -18.16 13.08 -6.69
N CYS D 433 -18.22 14.29 -7.19
CA CYS D 433 -17.56 15.44 -6.51
C CYS D 433 -18.21 15.67 -5.11
N GLU D 434 -19.56 15.73 -5.07
CA GLU D 434 -20.24 16.01 -3.78
C GLU D 434 -20.03 14.89 -2.74
N LEU D 435 -19.81 13.65 -3.20
CA LEU D 435 -19.58 12.52 -2.27
C LEU D 435 -18.28 12.72 -1.44
N GLN D 436 -17.32 13.50 -1.93
CA GLN D 436 -16.06 13.64 -1.14
C GLN D 436 -16.35 14.41 0.17
N ASP D 437 -17.24 15.37 0.14
CA ASP D 437 -17.68 16.09 1.35
CA ASP D 437 -17.62 16.05 1.40
C ASP D 437 -18.48 15.14 2.29
N ILE D 438 -19.30 14.25 1.71
CA ILE D 438 -20.06 13.25 2.52
C ILE D 438 -19.02 12.43 3.33
N LEU D 439 -17.94 11.95 2.67
CA LEU D 439 -16.93 11.13 3.41
C LEU D 439 -16.27 11.93 4.55
N GLN D 440 -15.84 13.18 4.30
CA GLN D 440 -15.24 13.96 5.37
C GLN D 440 -16.23 14.20 6.53
N ASN D 441 -17.48 14.54 6.20
CA ASN D 441 -18.54 14.82 7.17
C ASN D 441 -18.78 13.60 8.06
N GLN D 442 -18.95 12.41 7.45
CA GLN D 442 -19.32 11.20 8.21
C GLN D 442 -18.14 10.64 9.03
N TYR D 443 -16.91 10.70 8.50
CA TYR D 443 -15.74 10.35 9.32
C TYR D 443 -15.70 11.22 10.63
N SER D 444 -15.82 12.53 10.46
CA SER D 444 -15.81 13.48 11.61
CA SER D 444 -15.81 13.48 11.60
C SER D 444 -16.95 13.17 12.58
N ALA D 445 -18.13 12.89 12.05
CA ALA D 445 -19.30 12.59 12.91
C ALA D 445 -19.01 11.33 13.77
N LEU D 446 -18.42 10.30 13.16
CA LEU D 446 -18.10 9.02 13.87
C LEU D 446 -17.07 9.29 14.99
N ILE D 447 -15.94 9.97 14.67
CA ILE D 447 -14.91 10.30 15.70
C ILE D 447 -15.58 11.08 16.86
N THR D 448 -16.38 12.09 16.58
CA THR D 448 -17.02 12.90 17.60
C THR D 448 -17.97 12.05 18.45
N ASN D 449 -18.80 11.21 17.83
CA ASN D 449 -19.76 10.40 18.63
C ASN D 449 -19.08 9.38 19.55
N ILE D 450 -18.04 8.71 19.02
CA ILE D 450 -17.26 7.78 19.88
C ILE D 450 -16.70 8.57 21.09
N GLY D 451 -16.22 9.78 20.86
CA GLY D 451 -15.68 10.63 21.94
C GLY D 451 -16.70 11.04 23.01
N LYS D 452 -17.98 11.03 22.71
CA LYS D 452 -19.07 11.27 23.68
C LYS D 452 -19.42 10.03 24.51
N GLY D 453 -18.73 8.94 24.20
CA GLY D 453 -18.90 7.67 24.91
C GLY D 453 -19.95 6.72 24.30
N ASP D 454 -20.41 6.94 23.07
CA ASP D 454 -21.32 6.00 22.41
C ASP D 454 -20.50 5.01 21.52
N HIS D 455 -20.39 3.78 21.95
CA HIS D 455 -19.78 2.69 21.18
C HIS D 455 -20.80 1.71 20.59
N THR D 456 -22.10 2.03 20.69
CA THR D 456 -23.17 1.05 20.25
C THR D 456 -23.20 0.95 18.71
N THR D 457 -23.44 -0.28 18.26
CA THR D 457 -23.39 -0.65 16.81
C THR D 457 -24.54 -1.58 16.35
N PHE D 458 -25.23 -2.26 17.32
CA PHE D 458 -26.14 -3.35 16.92
C PHE D 458 -27.28 -3.45 17.96
N VAL D 459 -28.51 -3.58 17.42
CA VAL D 459 -29.75 -3.87 18.19
C VAL D 459 -30.22 -5.27 17.73
N LYS D 460 -30.20 -6.30 18.63
CA LYS D 460 -30.57 -7.66 18.23
C LYS D 460 -32.06 -7.73 17.88
N PRO D 461 -32.46 -8.20 16.68
CA PRO D 461 -33.88 -8.26 16.32
C PRO D 461 -34.64 -9.39 17.00
N ASN D 462 -35.96 -9.21 17.18
CA ASN D 462 -36.89 -10.32 17.38
C ASN D 462 -37.86 -10.38 16.19
N ILE D 463 -38.23 -11.62 15.78
CA ILE D 463 -39.08 -11.90 14.60
C ILE D 463 -40.28 -12.73 15.08
N PRO D 464 -41.51 -12.13 15.19
CA PRO D 464 -42.68 -12.94 15.64
C PRO D 464 -42.88 -14.17 14.75
N ALA D 465 -43.26 -15.31 15.36
CA ALA D 465 -43.47 -16.57 14.67
C ALA D 465 -44.87 -16.68 14.01
N THR D 466 -45.76 -15.72 14.26
CA THR D 466 -47.05 -15.55 13.59
C THR D 466 -47.22 -14.13 13.08
N GLY D 467 -48.22 -13.91 12.23
CA GLY D 467 -48.42 -12.60 11.60
C GLY D 467 -47.72 -12.44 10.26
N GLU D 468 -48.18 -11.46 9.51
CA GLU D 468 -47.65 -11.07 8.20
C GLU D 468 -47.16 -9.61 8.25
N PHE D 469 -45.93 -9.37 7.98
CA PHE D 469 -45.16 -8.06 8.10
C PHE D 469 -44.64 -7.70 6.75
N LYS D 470 -44.80 -6.48 6.27
CA LYS D 470 -44.28 -5.99 4.99
C LYS D 470 -43.29 -4.88 5.26
N GLY D 471 -42.12 -4.97 4.59
CA GLY D 471 -41.09 -3.94 4.71
C GLY D 471 -40.52 -3.56 3.36
N VAL D 472 -40.03 -2.32 3.23
CA VAL D 472 -39.37 -1.84 1.99
C VAL D 472 -38.09 -1.05 2.40
N GLY D 473 -36.97 -1.38 1.73
CA GLY D 473 -35.70 -0.67 1.90
C GLY D 473 -35.33 0.09 0.67
N PHE D 474 -35.27 1.43 0.78
CA PHE D 474 -34.88 2.34 -0.33
C PHE D 474 -33.41 2.71 -0.18
N LEU D 475 -32.73 2.93 -1.33
CA LEU D 475 -31.34 3.34 -1.34
C LEU D 475 -31.05 4.09 -2.65
N GLU D 476 -30.30 5.19 -2.61
CA GLU D 476 -29.90 5.94 -3.84
C GLU D 476 -28.57 5.37 -4.31
N ALA D 477 -28.61 4.39 -5.22
CA ALA D 477 -27.44 3.63 -5.72
C ALA D 477 -26.70 4.45 -6.78
N PRO D 478 -25.51 3.98 -7.20
CA PRO D 478 -24.80 4.68 -8.28
C PRO D 478 -25.62 4.89 -9.59
N LYS D 479 -26.45 3.88 -9.92
CA LYS D 479 -27.29 3.93 -11.14
C LYS D 479 -28.70 4.49 -10.86
N GLY D 480 -29.06 4.81 -9.62
CA GLY D 480 -30.35 5.45 -9.27
C GLY D 480 -31.09 4.76 -8.12
N MET D 481 -32.37 5.14 -7.95
CA MET D 481 -33.22 4.64 -6.82
C MET D 481 -33.34 3.08 -6.93
N LEU D 482 -33.01 2.41 -5.83
CA LEU D 482 -33.10 0.96 -5.62
C LEU D 482 -34.16 0.71 -4.52
N SER D 483 -34.98 -0.34 -4.64
CA SER D 483 -35.88 -0.76 -3.57
C SER D 483 -35.93 -2.29 -3.49
N HIS D 484 -35.86 -2.85 -2.25
CA HIS D 484 -36.07 -4.26 -1.92
C HIS D 484 -37.33 -4.38 -1.07
N TRP D 485 -38.23 -5.30 -1.46
CA TRP D 485 -39.59 -5.42 -0.87
C TRP D 485 -39.72 -6.84 -0.27
N MET D 486 -39.77 -6.92 1.06
CA MET D 486 -39.81 -8.21 1.83
C MET D 486 -41.19 -8.39 2.49
N VAL D 487 -41.81 -9.56 2.30
CA VAL D 487 -42.99 -9.95 3.10
C VAL D 487 -42.52 -11.11 3.98
N ILE D 488 -42.81 -10.99 5.28
CA ILE D 488 -42.52 -12.01 6.31
C ILE D 488 -43.85 -12.64 6.74
N LYS D 489 -43.95 -13.95 6.74
CA LYS D 489 -45.20 -14.66 7.21
C LYS D 489 -44.72 -15.91 7.99
N ASP D 490 -45.23 -16.08 9.21
CA ASP D 490 -44.85 -17.23 10.04
C ASP D 490 -43.31 -17.34 10.17
N GLY D 491 -42.66 -16.18 10.32
CA GLY D 491 -41.23 -16.11 10.64
C GLY D 491 -40.28 -16.24 9.48
N ILE D 492 -40.75 -16.47 8.26
CA ILE D 492 -39.90 -16.67 7.06
C ILE D 492 -40.29 -15.73 5.95
N ILE D 493 -39.41 -15.59 4.96
CA ILE D 493 -39.70 -14.73 3.78
C ILE D 493 -40.72 -15.44 2.90
N SER D 494 -41.93 -14.85 2.78
CA SER D 494 -43.00 -15.37 1.92
C SER D 494 -42.99 -14.74 0.52
N ASN D 495 -42.45 -13.53 0.39
CA ASN D 495 -42.27 -12.86 -0.93
C ASN D 495 -41.04 -11.98 -0.84
N TYR D 496 -40.29 -11.91 -1.92
CA TYR D 496 -39.12 -11.02 -2.02
C TYR D 496 -39.11 -10.48 -3.47
N GLN D 497 -39.10 -9.14 -3.63
CA GLN D 497 -39.07 -8.51 -4.96
C GLN D 497 -38.09 -7.33 -4.92
N ALA D 498 -37.13 -7.34 -5.85
CA ALA D 498 -36.18 -6.25 -6.07
C ALA D 498 -36.67 -5.43 -7.28
N VAL D 499 -36.71 -4.11 -7.15
CA VAL D 499 -36.99 -3.16 -8.27
C VAL D 499 -35.73 -2.27 -8.38
N VAL D 500 -34.93 -2.46 -9.43
CA VAL D 500 -33.53 -1.99 -9.44
C VAL D 500 -33.38 -0.81 -10.43
N PRO D 501 -32.44 0.14 -10.25
CA PRO D 501 -32.49 1.33 -11.11
C PRO D 501 -32.36 1.00 -12.60
N SER D 502 -31.51 0.03 -12.99
CA SER D 502 -31.46 -0.33 -14.42
C SER D 502 -32.74 -1.02 -14.90
N THR D 503 -33.55 -1.60 -14.00
CA THR D 503 -34.91 -2.07 -14.38
C THR D 503 -35.77 -0.89 -14.90
N TRP D 504 -35.82 0.24 -14.16
CA TRP D 504 -36.54 1.44 -14.59
C TRP D 504 -36.08 1.89 -15.96
N ASN D 505 -34.75 1.99 -16.19
CA ASN D 505 -34.24 2.65 -17.41
C ASN D 505 -34.23 1.70 -18.62
N SER D 506 -33.91 0.41 -18.41
CA SER D 506 -33.70 -0.57 -19.51
C SER D 506 -34.98 -1.38 -19.84
N GLY D 507 -36.03 -1.29 -19.01
CA GLY D 507 -37.19 -2.18 -19.19
C GLY D 507 -37.86 -1.93 -20.53
N PRO D 508 -38.54 -2.99 -21.07
CA PRO D 508 -39.14 -2.90 -22.40
C PRO D 508 -40.46 -2.11 -22.39
N ARG D 509 -41.13 -2.07 -23.52
CA ARG D 509 -42.46 -1.45 -23.62
C ARG D 509 -43.38 -2.02 -22.54
N ASN D 510 -44.22 -1.15 -21.95
CA ASN D 510 -44.97 -1.45 -20.72
C ASN D 510 -46.41 -1.96 -21.05
N PHE D 511 -47.26 -2.05 -20.01
CA PHE D 511 -48.60 -2.61 -20.19
C PHE D 511 -49.42 -1.81 -21.22
N ASN D 512 -49.20 -0.51 -21.31
CA ASN D 512 -49.83 0.44 -22.27
C ASN D 512 -49.03 0.62 -23.59
N ASP D 513 -47.94 -0.13 -23.77
CA ASP D 513 -46.99 -0.15 -24.91
C ASP D 513 -46.16 1.14 -24.92
N ASP D 514 -46.06 1.87 -23.80
CA ASP D 514 -45.24 3.10 -23.69
C ASP D 514 -43.76 2.65 -23.58
N VAL D 515 -42.93 3.49 -24.12
CA VAL D 515 -41.49 3.23 -24.27
C VAL D 515 -40.71 3.71 -23.03
N GLY D 516 -39.75 2.92 -22.52
CA GLY D 516 -38.91 3.31 -21.41
C GLY D 516 -37.66 4.07 -21.87
N PRO D 517 -36.85 4.54 -20.87
CA PRO D 517 -35.83 5.56 -21.19
C PRO D 517 -34.78 5.09 -22.24
N TYR D 518 -34.18 3.87 -22.18
CA TYR D 518 -33.19 3.52 -23.21
C TYR D 518 -33.84 3.56 -24.59
N GLU D 519 -35.01 2.99 -24.73
CA GLU D 519 -35.63 2.89 -26.09
C GLU D 519 -36.02 4.31 -26.60
N GLN D 520 -36.54 5.19 -25.72
CA GLN D 520 -36.94 6.56 -26.10
C GLN D 520 -35.70 7.38 -26.47
N SER D 521 -34.62 7.22 -25.72
CA SER D 521 -33.39 8.06 -25.84
C SER D 521 -32.78 7.88 -27.25
N LEU D 522 -32.96 6.71 -27.86
CA LEU D 522 -32.32 6.41 -29.13
C LEU D 522 -33.07 7.01 -30.34
N VAL D 523 -34.34 7.35 -30.21
CA VAL D 523 -35.11 7.86 -31.40
C VAL D 523 -34.39 9.13 -31.88
N GLY D 524 -34.10 9.27 -33.18
CA GLY D 524 -33.40 10.45 -33.72
C GLY D 524 -31.89 10.32 -33.74
N THR D 525 -31.30 9.23 -33.24
CA THR D 525 -29.83 9.14 -33.22
C THR D 525 -29.28 9.03 -34.63
N PRO D 526 -28.37 9.95 -35.09
CA PRO D 526 -27.74 9.81 -36.43
C PRO D 526 -26.75 8.62 -36.37
N VAL D 527 -26.73 7.80 -37.43
CA VAL D 527 -25.86 6.61 -37.61
C VAL D 527 -25.23 6.72 -39.01
N ALA D 528 -23.94 7.04 -38.98
CA ALA D 528 -23.19 7.31 -40.22
C ALA D 528 -22.90 5.98 -40.94
N ASP D 529 -22.60 4.93 -40.20
CA ASP D 529 -22.25 3.56 -40.65
C ASP D 529 -23.06 2.53 -39.87
N PRO D 530 -24.17 2.02 -40.50
CA PRO D 530 -25.02 1.05 -39.75
C PRO D 530 -24.30 -0.27 -39.40
N ASN D 531 -23.17 -0.65 -40.06
CA ASN D 531 -22.35 -1.82 -39.61
C ASN D 531 -21.56 -1.56 -38.32
N LYS D 532 -21.32 -0.29 -38.01
CA LYS D 532 -20.46 0.13 -36.87
C LYS D 532 -21.16 1.26 -36.09
N PRO D 533 -22.29 0.94 -35.43
CA PRO D 533 -23.23 1.93 -34.83
C PRO D 533 -22.74 2.57 -33.52
N LEU D 534 -21.56 3.20 -33.54
CA LEU D 534 -20.92 3.85 -32.37
C LEU D 534 -21.88 4.86 -31.71
N GLU D 535 -22.68 5.57 -32.48
CA GLU D 535 -23.54 6.68 -31.96
C GLU D 535 -24.60 6.10 -30.97
N VAL D 536 -25.10 4.89 -31.33
CA VAL D 536 -26.11 4.19 -30.48
C VAL D 536 -25.47 3.85 -29.12
N VAL D 537 -24.29 3.23 -29.15
CA VAL D 537 -23.55 2.78 -27.97
C VAL D 537 -23.21 4.00 -27.07
N ARG D 538 -22.85 5.12 -27.70
CA ARG D 538 -22.58 6.36 -26.89
C ARG D 538 -23.77 6.75 -25.99
N THR D 539 -25.00 6.73 -26.55
CA THR D 539 -26.17 7.14 -25.75
C THR D 539 -26.49 6.06 -24.69
N ILE D 540 -26.47 4.78 -25.09
CA ILE D 540 -26.77 3.70 -24.11
C ILE D 540 -25.75 3.71 -22.93
N HIS D 541 -24.46 3.83 -23.23
CA HIS D 541 -23.46 3.88 -22.14
C HIS D 541 -23.72 5.01 -21.13
N SER D 542 -24.31 6.14 -21.58
CA SER D 542 -24.52 7.28 -20.66
C SER D 542 -25.41 6.91 -19.48
N PHE D 543 -26.30 5.90 -19.66
CA PHE D 543 -27.18 5.39 -18.54
C PHE D 543 -26.44 4.41 -17.60
N ASP D 544 -25.18 4.02 -17.93
CA ASP D 544 -24.42 3.04 -17.11
C ASP D 544 -25.18 1.73 -16.91
N PRO D 545 -25.53 1.02 -18.01
CA PRO D 545 -26.30 -0.22 -17.86
C PRO D 545 -25.66 -1.27 -16.93
N CYS D 546 -26.55 -1.89 -16.13
CA CYS D 546 -26.18 -3.06 -15.27
C CYS D 546 -27.28 -4.10 -15.42
N MET D 547 -27.01 -5.15 -16.21
CA MET D 547 -28.10 -6.09 -16.53
C MET D 547 -28.27 -7.23 -15.53
N ALA D 548 -27.21 -7.57 -14.76
CA ALA D 548 -27.38 -8.43 -13.56
C ALA D 548 -28.36 -7.74 -12.57
N CYS D 549 -28.14 -6.42 -12.35
CA CYS D 549 -29.09 -5.60 -11.57
C CYS D 549 -30.49 -5.59 -12.25
N ALA D 550 -30.56 -5.28 -13.56
CA ALA D 550 -31.88 -5.05 -14.17
C ALA D 550 -32.81 -6.27 -14.03
N VAL D 551 -32.20 -7.47 -14.21
CA VAL D 551 -32.94 -8.75 -14.34
C VAL D 551 -32.95 -9.58 -13.05
N HIS D 552 -31.77 -9.73 -12.39
CA HIS D 552 -31.63 -10.55 -11.15
C HIS D 552 -32.27 -11.95 -11.34
FE1 SF4 E . 3.15 -21.47 18.07
FE2 SF4 E . 4.55 -19.10 18.72
FE3 SF4 E . 2.24 -19.84 20.11
FE4 SF4 E . 2.07 -18.98 17.53
S1 SF4 E . 2.79 -17.72 19.39
S2 SF4 E . 0.96 -20.83 18.40
S3 SF4 E . 3.99 -19.90 16.56
S4 SF4 E . 4.27 -20.96 20.10
FE1 F3S F . 9.49 -8.57 18.91
FE3 F3S F . 6.99 -8.99 17.96
FE4 F3S F . 8.34 -11.07 19.03
S1 F3S F . 8.62 -7.66 17.05
S2 F3S F . 10.64 -10.60 18.76
S3 F3S F . 7.62 -9.16 20.18
S4 F3S F . 7.16 -11.05 17.13
FE1 SF4 G . 17.22 0.57 19.04
FE2 SF4 G . 16.60 0.33 21.67
FE3 SF4 G . 15.55 -1.36 19.88
FE4 SF4 G . 14.67 1.28 19.76
S1 SF4 G . 14.31 -0.20 21.48
S2 SF4 G . 15.24 -0.13 17.97
S3 SF4 G . 16.71 2.35 20.53
S4 SF4 G . 17.86 -1.13 20.37
C1 GOL H . 17.01 -24.01 14.19
O1 GOL H . 16.37 -24.73 13.13
C2 GOL H . 17.29 -24.71 15.54
O2 GOL H . 18.32 -25.64 15.30
C3 GOL H . 16.06 -25.28 16.27
O3 GOL H . 16.27 -25.61 17.66
FE FCO I . 26.79 1.29 10.02
C1 FCO I . 28.22 2.41 10.01
N1 FCO I . 29.22 3.12 10.00
C2 FCO I . 26.62 1.38 8.16
N2 FCO I . 26.51 1.35 6.98
C3 FCO I . 27.67 -0.21 9.74
O3 FCO I . 28.25 -1.18 9.52
NI NI J . 24.94 2.62 11.35
MG MG K . 34.88 -2.44 18.14
MG MG L . 34.15 -20.70 5.21
CL CL M . 9.09 -25.11 -4.19
C CMO N . 24.34 3.74 9.89
O CMO N . 23.90 4.52 9.14
FE1 SF4 O . -13.36 -19.14 15.94
FE2 SF4 O . -14.15 -19.06 13.24
FE3 SF4 O . -12.55 -21.12 14.19
FE4 SF4 O . -11.52 -18.60 13.94
S1 SF4 O . -12.28 -20.00 12.20
S2 SF4 O . -11.22 -19.99 15.76
S3 SF4 O . -13.35 -17.27 14.56
S4 SF4 O . -14.74 -20.68 14.77
FE1 F3S P . -15.83 -16.40 2.05
FE3 F3S P . -13.38 -16.27 3.22
FE4 F3S P . -15.49 -17.18 4.65
S1 F3S P . -14.30 -14.78 1.77
S2 F3S P . -17.42 -16.20 3.72
S3 F3S P . -14.54 -18.24 2.77
S4 F3S P . -13.95 -15.71 5.32
FE1 SF4 Q . -19.66 -14.63 -6.43
FE2 SF4 Q . -20.46 -13.12 -8.49
FE3 SF4 Q . -20.57 -15.82 -8.64
FE4 SF4 Q . -18.05 -14.43 -8.71
S1 SF4 Q . -19.83 -14.45 -10.35
S2 SF4 Q . -18.55 -16.36 -7.56
S3 SF4 Q . -18.55 -12.76 -7.15
S4 SF4 Q . -21.85 -14.43 -7.29
MG MG R . -29.30 -5.32 22.97
MG MG S . -28.28 -27.00 -28.07
FE FCO T . -27.01 -1.75 -9.60
C1 FCO T . -28.06 -1.17 -11.00
N1 FCO T . -28.76 -0.80 -11.90
C2 FCO T . -26.36 -0.01 -9.27
N2 FCO T . -26.02 1.09 -8.99
C3 FCO T . -28.20 -1.46 -8.33
O3 FCO T . -28.96 -1.20 -7.50
NI NI U . -25.25 -3.36 -10.69
MG MG V . -37.51 -7.70 -9.59
CL CL W . -14.65 3.22 22.53
C CMO X . -24.05 -2.06 -11.31
O CMO X . -23.27 -1.33 -11.74
C1 GOL Y . -4.26 -10.06 -32.58
O1 GOL Y . -4.10 -11.40 -32.16
C2 GOL Y . -5.22 -9.30 -31.69
O2 GOL Y . -4.65 -9.20 -30.37
C3 GOL Y . -5.50 -7.94 -32.29
O3 GOL Y . -4.31 -7.15 -32.43
#